data_3W5U
#
_entry.id   3W5U
#
_cell.length_a   59.202
_cell.length_b   153.634
_cell.length_c   100.107
_cell.angle_alpha   90.00
_cell.angle_beta   99.42
_cell.angle_gamma   90.00
#
_symmetry.space_group_name_H-M   'P 1 21 1'
#
loop_
_entity.id
_entity.type
_entity.pdbx_description
1 polymer Ferredoxin
2 polymer 'Ferredoxin-1, chloroplastic'
3 non-polymer 'FLAVIN-ADENINE DINUCLEOTIDE'
4 non-polymer 'FE2/S2 (INORGANIC) CLUSTER'
5 water water
#
loop_
_entity_poly.entity_id
_entity_poly.type
_entity_poly.pdbx_seq_one_letter_code
_entity_poly.pdbx_strand_id
1 'polypeptide(L)'
;IRAQASAVEAPATAKAKKCSKKQEEGVVTNLYKPKEPYVGRCLLNTKITGDDAPGETWHMVFSTEGKIPYREGQSIGVIA
DGVDKNGKPHKVRLYSIASSAIGDFGDSKTVSLCVKRLIYTNDAGEIVKGVCSNFLCDLQPGDNVQITGPVGKEMLMPKD
PNATIIMLATGTGIAPFRSFLWKMFFEKHDDYKFNGLGWLFLGVPTSSSLLYKEEFGKMKERAPENFRVDYAVSREQTNA
AGERMYIQTRMAEYKEELWELLKKDNTYVYMCGLKGMEKGIDDIMVSLAEKDGIDWFDYKKQLKRGDQWNVEVY
;
A,C,E,G
2 'polypeptide(L)'
;ATYNVKLITPEGEVELQVPDDVYILDQAEEDGIDLPYSCRAGSCSSCAGKVVSGSVDQCDQSYLDDGQIADGWVLTCHAY
PTSDVVIETHKEEELTGA
;
B,D,F,H
#
loop_
_chem_comp.id
_chem_comp.type
_chem_comp.name
_chem_comp.formula
FAD non-polymer 'FLAVIN-ADENINE DINUCLEOTIDE' 'C27 H33 N9 O15 P2'
FES non-polymer 'FE2/S2 (INORGANIC) CLUSTER' 'Fe2 S2'
#
# COMPACT_ATOMS: atom_id res chain seq x y z
N CYS A 19 11.22 -33.74 8.47
CA CYS A 19 11.34 -32.33 8.95
C CYS A 19 12.29 -31.62 8.04
N SER A 20 11.76 -30.69 7.27
CA SER A 20 12.59 -29.89 6.37
C SER A 20 13.61 -29.04 7.10
N LYS A 21 14.83 -29.01 6.55
CA LYS A 21 15.80 -28.04 6.97
C LYS A 21 15.72 -26.75 6.18
N LYS A 22 14.80 -26.72 5.21
CA LYS A 22 14.51 -25.53 4.43
C LYS A 22 13.22 -24.85 4.85
N GLN A 23 13.13 -23.56 4.55
CA GLN A 23 11.98 -22.72 4.87
C GLN A 23 10.68 -23.41 4.51
N GLU A 24 9.69 -23.27 5.37
CA GLU A 24 8.35 -23.79 5.07
C GLU A 24 7.24 -22.87 5.57
N GLU A 25 7.42 -22.33 6.76
CA GLU A 25 6.50 -21.34 7.30
C GLU A 25 6.42 -20.14 6.34
N GLY A 26 5.21 -19.71 6.00
CA GLY A 26 5.00 -18.55 5.12
C GLY A 26 5.25 -18.72 3.64
N VAL A 27 5.42 -19.95 3.20
CA VAL A 27 5.63 -20.26 1.80
C VAL A 27 4.29 -20.69 1.24
N VAL A 28 3.92 -20.12 0.09
CA VAL A 28 2.72 -20.49 -0.66
C VAL A 28 3.10 -20.85 -2.09
N THR A 29 2.31 -21.70 -2.73
CA THR A 29 2.57 -22.02 -4.15
C THR A 29 1.27 -22.05 -4.93
N ASN A 30 1.40 -21.72 -6.21
CA ASN A 30 0.29 -21.85 -7.11
C ASN A 30 -0.93 -21.04 -6.68
N LEU A 31 -0.75 -19.75 -6.33
CA LEU A 31 -1.88 -18.83 -6.20
C LEU A 31 -2.49 -18.56 -7.58
N TYR A 32 -1.70 -18.87 -8.62
CA TYR A 32 -2.16 -18.67 -9.97
C TYR A 32 -1.62 -19.74 -10.90
N LYS A 33 -2.45 -20.14 -11.86
CA LYS A 33 -2.14 -21.26 -12.71
C LYS A 33 -2.30 -20.80 -14.15
N PRO A 34 -1.77 -21.59 -15.11
CA PRO A 34 -1.83 -21.17 -16.52
C PRO A 34 -3.27 -20.93 -17.03
N LYS A 35 -4.23 -21.68 -16.49
CA LYS A 35 -5.64 -21.49 -16.87
C LYS A 35 -6.23 -20.12 -16.54
N GLU A 36 -5.57 -19.36 -15.66
CA GLU A 36 -6.06 -18.04 -15.24
C GLU A 36 -4.93 -17.24 -14.57
N PRO A 37 -3.97 -16.74 -15.37
CA PRO A 37 -2.75 -16.16 -14.84
C PRO A 37 -3.07 -14.87 -14.14
N TYR A 38 -2.12 -14.34 -13.38
CA TYR A 38 -2.20 -12.96 -12.93
C TYR A 38 -1.64 -12.09 -14.03
N VAL A 39 -2.31 -10.97 -14.26
CA VAL A 39 -1.85 -9.99 -15.24
C VAL A 39 -1.15 -8.82 -14.52
N GLY A 40 0.17 -8.79 -14.64
CA GLY A 40 0.95 -7.72 -14.08
C GLY A 40 1.45 -6.73 -15.12
N ARG A 41 2.31 -5.82 -14.67
CA ARG A 41 2.80 -4.77 -15.52
C ARG A 41 4.31 -4.79 -15.48
N CYS A 42 4.92 -4.64 -16.66
CA CYS A 42 6.36 -4.43 -16.72
C CYS A 42 6.66 -3.04 -16.17
N LEU A 43 7.42 -3.00 -15.08
CA LEU A 43 7.85 -1.73 -14.49
C LEU A 43 9.13 -1.24 -15.14
N LEU A 44 10.10 -2.14 -15.34
CA LEU A 44 11.31 -1.82 -16.09
C LEU A 44 11.88 -3.09 -16.69
N ASN A 45 12.79 -2.92 -17.65
CA ASN A 45 13.35 -4.05 -18.37
C ASN A 45 14.65 -3.57 -18.98
N THR A 46 15.74 -4.10 -18.48
CA THR A 46 17.03 -3.51 -18.72
C THR A 46 18.01 -4.61 -19.10
N LYS A 47 18.70 -4.43 -20.21
CA LYS A 47 19.79 -5.33 -20.53
C LYS A 47 20.91 -5.19 -19.49
N ILE A 48 21.36 -6.29 -18.90
CA ILE A 48 22.44 -6.24 -17.92
C ILE A 48 23.77 -6.81 -18.42
N THR A 49 23.83 -7.27 -19.66
CA THR A 49 25.10 -7.69 -20.23
C THR A 49 25.59 -6.64 -21.20
N GLY A 50 26.90 -6.65 -21.45
CA GLY A 50 27.52 -5.71 -22.36
C GLY A 50 27.20 -6.05 -23.79
N ASP A 51 27.35 -5.05 -24.66
CA ASP A 51 26.95 -5.12 -26.06
C ASP A 51 27.69 -6.18 -26.85
N ASP A 52 28.86 -6.62 -26.34
CA ASP A 52 29.66 -7.65 -27.00
C ASP A 52 29.52 -9.06 -26.42
N ALA A 53 28.64 -9.24 -25.44
CA ALA A 53 28.37 -10.58 -24.91
C ALA A 53 27.94 -11.56 -26.03
N PRO A 54 28.18 -12.87 -25.84
CA PRO A 54 27.58 -13.84 -26.77
C PRO A 54 26.06 -13.69 -26.90
N GLY A 55 25.32 -13.56 -25.80
CA GLY A 55 23.87 -13.41 -25.85
C GLY A 55 23.35 -12.51 -24.74
N GLU A 56 22.42 -11.64 -25.10
CA GLU A 56 21.76 -10.75 -24.15
C GLU A 56 21.16 -11.44 -22.96
N THR A 57 21.39 -10.86 -21.79
CA THR A 57 20.54 -11.14 -20.62
C THR A 57 19.85 -9.88 -20.09
N TRP A 58 18.56 -9.97 -19.81
CA TRP A 58 17.82 -8.81 -19.36
C TRP A 58 17.31 -8.94 -17.95
N HIS A 59 17.34 -7.85 -17.20
CA HIS A 59 16.73 -7.83 -15.89
C HIS A 59 15.48 -7.04 -15.99
N MET A 60 14.37 -7.55 -15.46
CA MET A 60 13.07 -6.90 -15.62
C MET A 60 12.22 -7.06 -14.36
N VAL A 61 11.38 -6.07 -14.07
CA VAL A 61 10.61 -6.05 -12.84
C VAL A 61 9.16 -5.90 -13.23
N PHE A 62 8.30 -6.73 -12.67
CA PHE A 62 6.85 -6.64 -12.86
C PHE A 62 6.15 -6.25 -11.56
N SER A 63 5.00 -5.61 -11.70
CA SER A 63 4.18 -5.29 -10.54
C SER A 63 3.29 -6.48 -10.20
N THR A 64 2.97 -6.67 -8.92
CA THR A 64 2.14 -7.81 -8.49
C THR A 64 1.06 -7.41 -7.45
N GLU A 65 0.95 -6.11 -7.17
CA GLU A 65 0.00 -5.60 -6.19
C GLU A 65 0.09 -6.38 -4.88
N GLY A 66 1.20 -7.08 -4.68
CA GLY A 66 1.41 -7.84 -3.45
C GLY A 66 0.60 -9.11 -3.48
N LYS A 67 -0.02 -9.42 -4.63
CA LYS A 67 -0.87 -10.59 -4.73
C LYS A 67 -0.10 -11.86 -5.05
N ILE A 68 1.23 -11.75 -5.13
CA ILE A 68 2.07 -12.94 -5.31
C ILE A 68 3.20 -13.00 -4.27
N PRO A 69 2.85 -13.35 -3.02
CA PRO A 69 3.90 -13.29 -1.99
C PRO A 69 4.80 -14.52 -2.09
N TYR A 70 5.76 -14.48 -3.01
CA TYR A 70 6.76 -15.53 -3.16
C TYR A 70 7.83 -15.49 -2.05
N ARG A 71 8.70 -16.49 -2.03
CA ARG A 71 9.81 -16.51 -1.09
C ARG A 71 11.11 -16.83 -1.82
N GLU A 72 12.22 -16.34 -1.29
CA GLU A 72 13.50 -16.60 -1.88
C GLU A 72 13.65 -18.08 -2.30
N GLY A 73 14.03 -18.31 -3.55
CA GLY A 73 14.21 -19.66 -4.06
C GLY A 73 13.21 -20.10 -5.12
N GLN A 74 12.04 -19.43 -5.16
CA GLN A 74 10.92 -19.91 -5.97
C GLN A 74 10.94 -19.37 -7.39
N SER A 75 10.07 -19.89 -8.24
CA SER A 75 10.00 -19.42 -9.62
C SER A 75 8.65 -18.81 -9.89
N ILE A 76 8.50 -18.10 -11.00
CA ILE A 76 7.18 -17.85 -11.53
C ILE A 76 7.13 -18.30 -12.95
N GLY A 77 5.94 -18.59 -13.45
CA GLY A 77 5.79 -18.94 -14.84
C GLY A 77 5.32 -17.69 -15.58
N VAL A 78 5.76 -17.57 -16.83
CA VAL A 78 5.25 -16.57 -17.71
C VAL A 78 4.54 -17.28 -18.86
N ILE A 79 3.39 -16.73 -19.26
CA ILE A 79 2.69 -17.17 -20.43
C ILE A 79 2.71 -16.07 -21.48
N ALA A 80 3.48 -16.31 -22.53
CA ALA A 80 3.79 -15.33 -23.54
C ALA A 80 2.57 -15.10 -24.43
N ASP A 81 2.43 -13.88 -24.94
CA ASP A 81 1.27 -13.51 -25.77
C ASP A 81 1.20 -14.31 -27.05
N GLY A 82 -0.01 -14.55 -27.55
CA GLY A 82 -0.16 -15.13 -28.87
C GLY A 82 -0.35 -16.64 -28.85
N VAL A 83 -0.11 -17.26 -30.00
CA VAL A 83 -0.38 -18.69 -30.18
C VAL A 83 0.81 -19.37 -30.86
N ASP A 84 0.97 -20.67 -30.61
CA ASP A 84 2.00 -21.47 -31.28
C ASP A 84 1.60 -21.78 -32.72
N LYS A 85 2.38 -22.64 -33.37
CA LYS A 85 2.11 -23.05 -34.77
C LYS A 85 0.79 -23.82 -34.97
N ASN A 86 0.24 -24.39 -33.90
CA ASN A 86 -1.02 -25.14 -33.97
C ASN A 86 -2.23 -24.37 -33.43
N GLY A 87 -2.04 -23.09 -33.13
CA GLY A 87 -3.12 -22.24 -32.59
C GLY A 87 -3.44 -22.36 -31.10
N LYS A 88 -2.70 -23.20 -30.38
CA LYS A 88 -2.83 -23.33 -28.92
C LYS A 88 -2.09 -22.20 -28.21
N PRO A 89 -2.59 -21.75 -27.04
CA PRO A 89 -1.77 -20.80 -26.29
C PRO A 89 -0.43 -21.43 -25.87
N HIS A 90 0.58 -20.59 -25.70
CA HIS A 90 1.92 -21.09 -25.33
C HIS A 90 1.95 -21.69 -23.97
N LYS A 91 2.71 -22.77 -23.81
CA LYS A 91 2.95 -23.39 -22.50
C LYS A 91 3.75 -22.45 -21.57
N VAL A 92 3.36 -22.38 -20.31
CA VAL A 92 4.16 -21.73 -19.30
C VAL A 92 5.65 -22.04 -19.50
N ARG A 93 6.50 -21.05 -19.28
CA ARG A 93 7.90 -21.27 -19.09
C ARG A 93 8.23 -20.68 -17.73
N LEU A 94 9.10 -21.36 -16.98
CA LEU A 94 9.41 -20.96 -15.63
C LEU A 94 10.60 -20.04 -15.64
N TYR A 95 10.60 -19.05 -14.75
CA TYR A 95 11.82 -18.26 -14.54
C TYR A 95 12.08 -18.07 -13.06
N SER A 96 13.28 -18.42 -12.61
CA SER A 96 13.67 -18.23 -11.22
C SER A 96 13.56 -16.76 -10.83
N ILE A 97 13.02 -16.48 -9.64
CA ILE A 97 12.82 -15.12 -9.18
C ILE A 97 14.16 -14.51 -8.77
N ALA A 98 14.49 -13.38 -9.39
CA ALA A 98 15.78 -12.76 -9.21
C ALA A 98 15.80 -11.76 -8.02
N SER A 99 14.62 -11.43 -7.52
CA SER A 99 14.50 -10.49 -6.43
C SER A 99 14.19 -11.21 -5.11
N SER A 100 14.44 -10.53 -3.99
CA SER A 100 14.10 -11.11 -2.68
C SER A 100 12.61 -10.99 -2.46
N ALA A 101 12.07 -11.65 -1.43
CA ALA A 101 10.62 -11.60 -1.14
C ALA A 101 10.05 -10.17 -1.13
N ILE A 102 10.72 -9.24 -0.43
CA ILE A 102 10.29 -7.85 -0.47
C ILE A 102 10.53 -7.07 -1.77
N GLY A 103 11.46 -7.54 -2.61
CA GLY A 103 11.52 -7.12 -4.01
C GLY A 103 12.45 -5.95 -4.25
N ASP A 104 12.79 -5.74 -5.53
CA ASP A 104 13.67 -4.66 -5.94
C ASP A 104 13.27 -3.25 -5.43
N PHE A 105 11.97 -3.01 -5.31
CA PHE A 105 11.47 -1.75 -4.77
C PHE A 105 11.26 -1.81 -3.25
N GLY A 106 11.35 -3.01 -2.68
CA GLY A 106 11.30 -3.17 -1.23
C GLY A 106 9.92 -2.94 -0.63
N ASP A 107 8.88 -3.10 -1.43
CA ASP A 107 7.52 -2.82 -0.95
C ASP A 107 6.62 -4.04 -0.99
N SER A 108 7.15 -5.14 -1.52
CA SER A 108 6.47 -6.43 -1.55
C SER A 108 5.38 -6.51 -2.64
N LYS A 109 5.44 -5.61 -3.60
CA LYS A 109 4.47 -5.58 -4.66
C LYS A 109 5.11 -5.76 -6.03
N THR A 110 6.32 -6.34 -6.07
CA THR A 110 6.98 -6.55 -7.35
C THR A 110 7.70 -7.86 -7.34
N VAL A 111 7.90 -8.41 -8.54
CA VAL A 111 8.72 -9.59 -8.75
C VAL A 111 9.73 -9.30 -9.88
N SER A 112 10.96 -9.79 -9.76
CA SER A 112 11.95 -9.58 -10.83
C SER A 112 12.54 -10.85 -11.39
N LEU A 113 12.77 -10.83 -12.69
CA LEU A 113 13.41 -11.95 -13.40
C LEU A 113 14.75 -11.58 -14.05
N CYS A 114 15.50 -12.64 -14.34
CA CYS A 114 16.77 -12.53 -15.00
C CYS A 114 16.71 -13.45 -16.21
N VAL A 115 16.46 -12.88 -17.39
CA VAL A 115 16.13 -13.64 -18.56
C VAL A 115 17.19 -13.61 -19.66
N LYS A 116 17.61 -14.80 -20.09
CA LYS A 116 18.50 -14.94 -21.25
C LYS A 116 17.68 -15.09 -22.52
N ARG A 117 17.97 -14.24 -23.51
CA ARG A 117 17.25 -14.26 -24.78
C ARG A 117 17.76 -15.44 -25.56
N LEU A 118 16.90 -16.39 -25.88
CA LEU A 118 17.37 -17.59 -26.55
C LEU A 118 17.26 -17.39 -28.05
N ILE A 119 18.40 -17.34 -28.71
CA ILE A 119 18.47 -17.32 -30.15
C ILE A 119 19.53 -18.31 -30.58
N TYR A 120 19.16 -19.20 -31.49
CA TYR A 120 20.11 -20.20 -31.94
C TYR A 120 19.90 -20.56 -33.40
N THR A 121 20.97 -20.99 -34.05
CA THR A 121 20.89 -21.51 -35.42
C THR A 121 20.81 -23.02 -35.38
N ASN A 122 19.79 -23.58 -36.02
CA ASN A 122 19.62 -25.04 -36.05
C ASN A 122 20.34 -25.75 -37.20
N ASP A 123 20.30 -27.09 -37.20
CA ASP A 123 21.02 -27.89 -38.19
C ASP A 123 20.68 -27.54 -39.65
N ALA A 124 19.54 -26.91 -39.84
CA ALA A 124 19.07 -26.55 -41.18
C ALA A 124 19.58 -25.18 -41.65
N GLY A 125 20.26 -24.45 -40.77
CA GLY A 125 20.82 -23.13 -41.11
C GLY A 125 19.90 -21.97 -40.78
N GLU A 126 18.76 -22.26 -40.16
CA GLU A 126 17.77 -21.25 -39.82
C GLU A 126 18.04 -20.63 -38.45
N ILE A 127 17.71 -19.35 -38.32
CA ILE A 127 17.77 -18.67 -37.03
C ILE A 127 16.44 -18.86 -36.32
N VAL A 128 16.47 -19.45 -35.13
CA VAL A 128 15.25 -19.66 -34.35
C VAL A 128 15.25 -18.79 -33.09
N LYS A 129 14.11 -18.14 -32.82
CA LYS A 129 13.94 -17.34 -31.62
C LYS A 129 13.15 -18.12 -30.57
N GLY A 130 13.72 -18.32 -29.39
CA GLY A 130 12.98 -18.91 -28.27
C GLY A 130 11.78 -18.05 -27.88
N VAL A 131 10.60 -18.68 -27.74
CA VAL A 131 9.34 -17.93 -27.75
C VAL A 131 9.16 -17.02 -26.53
N CYS A 132 9.32 -17.59 -25.32
CA CYS A 132 9.03 -16.81 -24.12
C CYS A 132 10.14 -15.87 -23.71
N SER A 133 11.38 -16.33 -23.85
CA SER A 133 12.56 -15.50 -23.67
C SER A 133 12.63 -14.24 -24.55
N ASN A 134 12.24 -14.35 -25.82
CA ASN A 134 12.18 -13.13 -26.65
C ASN A 134 11.00 -12.23 -26.38
N PHE A 135 9.90 -12.82 -25.90
CA PHE A 135 8.73 -12.03 -25.53
C PHE A 135 9.09 -11.22 -24.31
N LEU A 136 9.66 -11.90 -23.31
CA LEU A 136 10.08 -11.25 -22.07
C LEU A 136 11.08 -10.14 -22.37
N CYS A 137 12.16 -10.54 -23.05
CA CYS A 137 13.25 -9.62 -23.28
C CYS A 137 12.78 -8.48 -24.14
N ASP A 138 11.63 -8.62 -24.81
CA ASP A 138 11.10 -7.53 -25.65
C ASP A 138 10.15 -6.58 -24.92
N LEU A 139 9.75 -6.93 -23.71
CA LEU A 139 8.76 -6.13 -22.99
C LEU A 139 9.17 -4.66 -22.88
N GLN A 140 8.22 -3.76 -23.15
CA GLN A 140 8.38 -2.35 -22.80
C GLN A 140 7.69 -2.08 -21.46
N PRO A 141 8.19 -1.09 -20.73
CA PRO A 141 7.50 -0.59 -19.52
C PRO A 141 6.06 -0.19 -19.83
N GLY A 142 5.12 -0.67 -19.02
CA GLY A 142 3.71 -0.51 -19.30
C GLY A 142 3.03 -1.75 -19.85
N ASP A 143 3.80 -2.64 -20.45
CA ASP A 143 3.23 -3.84 -21.04
C ASP A 143 2.67 -4.79 -19.97
N ASN A 144 1.66 -5.55 -20.38
CA ASN A 144 1.05 -6.59 -19.57
C ASN A 144 1.83 -7.90 -19.62
N VAL A 145 2.09 -8.48 -18.46
CA VAL A 145 2.65 -9.81 -18.41
C VAL A 145 1.75 -10.78 -17.67
N GLN A 146 1.47 -11.94 -18.29
CA GLN A 146 0.73 -13.04 -17.68
C GLN A 146 1.64 -13.94 -16.87
N ILE A 147 1.42 -13.94 -15.56
CA ILE A 147 2.32 -14.56 -14.58
C ILE A 147 1.57 -15.64 -13.81
N THR A 148 2.27 -16.73 -13.49
CA THR A 148 1.71 -17.78 -12.64
C THR A 148 2.68 -18.11 -11.51
N GLY A 149 2.18 -18.79 -10.47
CA GLY A 149 3.01 -19.17 -9.31
C GLY A 149 2.46 -18.72 -7.97
N PRO A 150 3.33 -18.65 -6.96
CA PRO A 150 4.72 -19.07 -7.05
C PRO A 150 4.84 -20.59 -7.31
N VAL A 151 6.01 -21.01 -7.78
CA VAL A 151 6.26 -22.40 -8.12
C VAL A 151 7.53 -22.86 -7.42
N GLY A 152 7.46 -24.04 -6.82
CA GLY A 152 8.64 -24.74 -6.35
C GLY A 152 8.87 -24.58 -4.88
N LYS A 153 9.34 -25.66 -4.28
CA LYS A 153 9.79 -25.67 -2.89
C LYS A 153 11.29 -25.99 -2.81
N GLU A 154 11.86 -26.48 -3.90
CA GLU A 154 13.15 -27.14 -3.89
C GLU A 154 14.33 -26.23 -3.56
N MET A 155 14.28 -24.98 -4.02
CA MET A 155 15.39 -24.05 -3.81
C MET A 155 15.14 -23.05 -2.70
N LEU A 156 14.32 -23.42 -1.72
CA LEU A 156 14.06 -22.52 -0.59
C LEU A 156 15.30 -22.43 0.34
N MET A 157 15.39 -21.35 1.10
CA MET A 157 16.58 -21.12 1.89
C MET A 157 16.58 -22.00 3.11
N PRO A 158 17.75 -22.25 3.68
CA PRO A 158 17.77 -23.04 4.91
C PRO A 158 17.10 -22.26 6.02
N LYS A 159 16.42 -22.95 6.94
CA LYS A 159 15.91 -22.35 8.16
C LYS A 159 17.04 -21.71 8.95
N ASP A 160 18.16 -22.41 9.03
CA ASP A 160 19.30 -21.99 9.85
C ASP A 160 19.87 -20.65 9.38
N PRO A 161 19.81 -19.61 10.25
CA PRO A 161 20.38 -18.32 9.84
C PRO A 161 21.92 -18.31 9.86
N ASN A 162 22.52 -19.28 10.52
CA ASN A 162 23.98 -19.35 10.63
C ASN A 162 24.56 -20.38 9.70
N ALA A 163 23.88 -20.59 8.59
CA ALA A 163 24.23 -21.68 7.71
C ALA A 163 25.42 -21.30 6.83
N THR A 164 26.10 -22.32 6.36
CA THR A 164 26.98 -22.19 5.22
C THR A 164 26.22 -22.54 3.94
N ILE A 165 25.98 -21.50 3.15
CA ILE A 165 25.22 -21.65 1.93
C ILE A 165 26.17 -21.53 0.74
N ILE A 166 26.35 -22.61 0.00
CA ILE A 166 27.28 -22.62 -1.11
C ILE A 166 26.47 -22.59 -2.39
N MET A 167 26.65 -21.54 -3.18
CA MET A 167 25.78 -21.23 -4.31
C MET A 167 26.58 -21.36 -5.58
N LEU A 168 26.15 -22.32 -6.40
CA LEU A 168 26.85 -22.71 -7.60
C LEU A 168 26.00 -22.34 -8.81
N ALA A 169 26.39 -21.31 -9.54
CA ALA A 169 25.51 -20.76 -10.56
C ALA A 169 26.22 -20.69 -11.90
N THR A 170 25.48 -20.91 -12.97
CA THR A 170 25.97 -20.53 -14.32
C THR A 170 24.93 -19.68 -15.05
N GLY A 171 25.42 -18.64 -15.70
CA GLY A 171 24.51 -17.76 -16.43
C GLY A 171 23.35 -17.35 -15.55
N THR A 172 22.13 -17.50 -16.06
CA THR A 172 20.96 -16.96 -15.38
C THR A 172 20.62 -17.72 -14.08
N GLY A 173 21.45 -18.71 -13.72
CA GLY A 173 21.25 -19.47 -12.51
C GLY A 173 21.65 -18.65 -11.29
N ILE A 174 22.19 -17.45 -11.52
CA ILE A 174 22.46 -16.49 -10.45
C ILE A 174 21.17 -16.02 -9.77
N ALA A 175 20.05 -16.14 -10.50
CA ALA A 175 18.79 -15.51 -10.09
C ALA A 175 18.32 -15.81 -8.66
N PRO A 176 18.17 -17.10 -8.29
CA PRO A 176 17.62 -17.33 -6.95
C PRO A 176 18.64 -16.92 -5.89
N PHE A 177 19.90 -16.97 -6.29
CA PHE A 177 20.98 -16.59 -5.42
C PHE A 177 21.04 -15.07 -5.29
N ARG A 178 20.71 -14.34 -6.36
CA ARG A 178 20.55 -12.88 -6.22
C ARG A 178 19.46 -12.59 -5.19
N SER A 179 18.40 -13.37 -5.27
CA SER A 179 17.33 -13.45 -4.26
C SER A 179 17.77 -13.74 -2.82
N PHE A 180 18.46 -14.85 -2.60
CA PHE A 180 19.03 -15.16 -1.28
C PHE A 180 19.81 -13.96 -0.73
N LEU A 181 20.74 -13.48 -1.54
CA LEU A 181 21.79 -12.60 -1.06
C LEU A 181 21.27 -11.21 -0.77
N TRP A 182 20.27 -10.78 -1.52
CA TRP A 182 19.55 -9.56 -1.17
C TRP A 182 18.96 -9.63 0.18
N LYS A 183 18.35 -10.77 0.52
CA LYS A 183 17.72 -10.87 1.83
C LYS A 183 18.74 -10.97 2.95
N MET A 184 19.83 -11.70 2.68
CA MET A 184 20.90 -11.91 3.65
C MET A 184 21.68 -10.61 3.93
N PHE A 185 21.93 -9.82 2.90
CA PHE A 185 22.90 -8.76 3.06
C PHE A 185 22.41 -7.36 2.79
N PHE A 186 21.27 -7.19 2.09
CA PHE A 186 20.76 -5.83 1.80
C PHE A 186 19.54 -5.43 2.62
N GLU A 187 19.15 -6.26 3.57
CA GLU A 187 17.84 -6.13 4.21
C GLU A 187 17.91 -6.43 5.69
N LYS A 188 17.12 -5.72 6.48
CA LYS A 188 17.00 -5.96 7.92
C LYS A 188 15.68 -6.64 8.17
N HIS A 189 15.72 -7.80 8.83
CA HIS A 189 14.51 -8.51 9.19
C HIS A 189 14.63 -8.97 10.60
N ASP A 190 13.57 -8.75 11.37
CA ASP A 190 13.56 -9.11 12.79
C ASP A 190 13.79 -10.59 13.01
N ASP A 191 13.26 -11.42 12.10
CA ASP A 191 13.19 -12.87 12.30
C ASP A 191 14.31 -13.63 11.58
N TYR A 192 15.24 -12.86 11.02
CA TYR A 192 16.31 -13.45 10.20
C TYR A 192 17.53 -12.56 10.12
N LYS A 193 18.56 -12.95 10.85
CA LYS A 193 19.84 -12.27 10.79
C LYS A 193 20.88 -13.30 10.38
N PHE A 194 21.31 -13.20 9.12
CA PHE A 194 22.24 -14.17 8.58
C PHE A 194 23.61 -13.95 9.18
N ASN A 195 24.16 -15.01 9.71
CA ASN A 195 25.47 -14.87 10.30
C ASN A 195 26.36 -16.05 9.94
N GLY A 196 26.03 -16.73 8.83
CA GLY A 196 26.87 -17.82 8.36
C GLY A 196 27.85 -17.35 7.30
N LEU A 197 28.26 -18.29 6.43
CA LEU A 197 29.11 -17.95 5.30
C LEU A 197 28.36 -18.19 4.00
N GLY A 198 28.24 -17.13 3.19
CA GLY A 198 27.63 -17.24 1.88
C GLY A 198 28.73 -17.26 0.84
N TRP A 199 28.77 -18.31 0.04
CA TRP A 199 29.89 -18.53 -0.84
C TRP A 199 29.42 -18.75 -2.25
N LEU A 200 29.51 -17.72 -3.08
CA LEU A 200 28.91 -17.76 -4.41
C LEU A 200 29.92 -18.02 -5.48
N PHE A 201 29.64 -19.02 -6.33
CA PHE A 201 30.44 -19.24 -7.52
C PHE A 201 29.56 -18.98 -8.72
N LEU A 202 30.05 -18.20 -9.68
CA LEU A 202 29.22 -17.83 -10.83
C LEU A 202 30.01 -17.96 -12.09
N GLY A 203 29.53 -18.78 -13.00
CA GLY A 203 30.35 -19.14 -14.15
C GLY A 203 29.68 -18.60 -15.39
N VAL A 204 30.42 -17.85 -16.19
CA VAL A 204 29.92 -17.33 -17.47
C VAL A 204 31.01 -17.39 -18.53
N PRO A 205 30.66 -17.25 -19.80
CA PRO A 205 31.74 -17.42 -20.76
C PRO A 205 32.64 -16.19 -20.96
N THR A 206 32.07 -14.99 -20.77
CA THR A 206 32.87 -13.76 -20.86
C THR A 206 32.57 -12.74 -19.78
N SER A 207 33.47 -11.78 -19.60
CA SER A 207 33.24 -10.72 -18.63
C SER A 207 31.97 -9.93 -18.94
N SER A 208 31.67 -9.78 -20.22
CA SER A 208 30.54 -8.98 -20.59
C SER A 208 29.28 -9.77 -20.30
N SER A 209 29.46 -11.06 -19.98
CA SER A 209 28.34 -11.95 -19.61
C SER A 209 28.03 -11.94 -18.09
N LEU A 210 28.90 -11.30 -17.31
CA LEU A 210 28.79 -11.26 -15.87
C LEU A 210 27.46 -10.59 -15.50
N LEU A 211 26.89 -10.98 -14.36
CA LEU A 211 25.58 -10.55 -13.96
C LEU A 211 25.61 -10.02 -12.51
N TYR A 212 25.07 -8.82 -12.28
CA TYR A 212 24.99 -8.23 -10.94
C TYR A 212 26.34 -8.03 -10.17
N LYS A 213 27.47 -8.06 -10.87
CA LYS A 213 28.80 -7.92 -10.28
C LYS A 213 28.90 -6.79 -9.24
N GLU A 214 28.41 -5.64 -9.63
CA GLU A 214 28.35 -4.50 -8.74
C GLU A 214 27.62 -4.77 -7.42
N GLU A 215 26.53 -5.52 -7.46
CA GLU A 215 25.72 -5.72 -6.25
C GLU A 215 26.49 -6.63 -5.30
N PHE A 216 27.05 -7.70 -5.87
CA PHE A 216 27.91 -8.62 -5.12
C PHE A 216 29.17 -7.93 -4.58
N GLY A 217 29.80 -7.10 -5.41
CA GLY A 217 30.82 -6.16 -4.93
C GLY A 217 30.37 -5.43 -3.67
N LYS A 218 29.20 -4.80 -3.72
CA LYS A 218 28.68 -4.11 -2.53
C LYS A 218 28.52 -5.05 -1.35
N MET A 219 28.04 -6.27 -1.60
CA MET A 219 27.84 -7.24 -0.51
C MET A 219 29.15 -7.68 0.12
N LYS A 220 30.16 -7.93 -0.71
CA LYS A 220 31.49 -8.28 -0.21
C LYS A 220 32.01 -7.17 0.67
N GLU A 221 31.77 -5.91 0.28
CA GLU A 221 32.24 -4.74 1.03
C GLU A 221 31.65 -4.67 2.42
N ARG A 222 30.35 -4.92 2.55
CA ARG A 222 29.70 -4.73 3.84
C ARG A 222 29.61 -5.97 4.75
N ALA A 223 29.86 -7.16 4.18
CA ALA A 223 30.07 -8.39 4.96
C ALA A 223 31.28 -9.21 4.50
N PRO A 224 32.48 -8.65 4.62
CA PRO A 224 33.67 -9.40 4.17
C PRO A 224 33.84 -10.75 4.89
N GLU A 225 33.33 -10.85 6.11
CA GLU A 225 33.46 -12.10 6.89
C GLU A 225 32.36 -13.10 6.62
N ASN A 226 31.29 -12.69 5.96
CA ASN A 226 30.10 -13.54 5.84
C ASN A 226 29.80 -13.89 4.41
N PHE A 227 30.52 -13.26 3.50
CA PHE A 227 30.25 -13.46 2.10
C PHE A 227 31.51 -13.60 1.27
N ARG A 228 31.52 -14.61 0.40
CA ARG A 228 32.57 -14.76 -0.61
C ARG A 228 31.97 -14.94 -1.99
N VAL A 229 32.64 -14.42 -3.01
CA VAL A 229 32.19 -14.57 -4.41
C VAL A 229 33.36 -14.90 -5.31
N ASP A 230 33.22 -15.94 -6.11
CA ASP A 230 34.28 -16.31 -7.03
C ASP A 230 33.73 -16.46 -8.42
N TYR A 231 34.33 -15.73 -9.37
CA TYR A 231 33.88 -15.74 -10.76
C TYR A 231 34.70 -16.73 -11.55
N ALA A 232 34.09 -17.32 -12.57
CA ALA A 232 34.77 -18.26 -13.45
C ALA A 232 34.36 -17.94 -14.85
N VAL A 233 35.28 -17.33 -15.58
CA VAL A 233 34.99 -16.79 -16.90
C VAL A 233 35.75 -17.63 -17.94
N SER A 234 35.06 -18.65 -18.46
CA SER A 234 35.73 -19.74 -19.16
C SER A 234 36.59 -19.35 -20.38
N ARG A 235 36.26 -18.21 -20.99
CA ARG A 235 36.92 -17.81 -22.20
C ARG A 235 38.02 -16.79 -22.03
N GLU A 236 38.16 -16.27 -20.80
CA GLU A 236 39.12 -15.21 -20.49
C GLU A 236 40.06 -15.55 -19.35
N GLN A 237 39.70 -16.57 -18.58
CA GLN A 237 40.54 -17.00 -17.47
C GLN A 237 41.03 -18.44 -17.71
N THR A 238 42.31 -18.67 -17.41
CA THR A 238 42.87 -20.02 -17.18
C THR A 238 43.47 -20.15 -15.76
N ASN A 239 43.80 -21.37 -15.36
CA ASN A 239 44.77 -21.54 -14.30
C ASN A 239 46.14 -21.67 -14.97
N ALA A 240 47.21 -21.74 -14.20
CA ALA A 240 48.53 -21.81 -14.80
C ALA A 240 48.80 -23.18 -15.48
N ALA A 241 47.91 -24.15 -15.27
CA ALA A 241 48.01 -25.42 -16.01
C ALA A 241 47.37 -25.28 -17.40
N GLY A 242 46.88 -24.09 -17.71
CA GLY A 242 46.30 -23.83 -19.02
C GLY A 242 44.84 -24.21 -19.20
N GLU A 243 44.19 -24.64 -18.11
CA GLU A 243 42.79 -25.05 -18.16
C GLU A 243 41.80 -23.89 -18.08
N ARG A 244 40.73 -23.96 -18.86
CA ARG A 244 39.80 -22.84 -18.92
C ARG A 244 38.98 -22.80 -17.66
N MET A 245 38.60 -21.60 -17.24
CA MET A 245 37.95 -21.47 -15.94
C MET A 245 36.45 -21.65 -15.99
N TYR A 246 35.98 -22.90 -16.09
CA TYR A 246 34.57 -23.19 -15.89
C TYR A 246 34.28 -23.19 -14.41
N ILE A 247 33.02 -23.31 -14.04
CA ILE A 247 32.72 -23.19 -12.63
C ILE A 247 33.49 -24.24 -11.83
N GLN A 248 33.65 -25.44 -12.39
CA GLN A 248 34.27 -26.54 -11.61
C GLN A 248 35.77 -26.36 -11.40
N THR A 249 36.39 -25.62 -12.31
CA THR A 249 37.83 -25.39 -12.30
C THR A 249 38.19 -24.24 -11.35
N ARG A 250 37.30 -23.26 -11.23
CA ARG A 250 37.38 -22.33 -10.13
C ARG A 250 37.18 -23.07 -8.80
N MET A 251 36.23 -24.01 -8.78
CA MET A 251 35.95 -24.69 -7.52
C MET A 251 37.17 -25.51 -7.08
N ALA A 252 37.83 -26.12 -8.05
CA ALA A 252 38.97 -26.98 -7.77
C ALA A 252 40.03 -26.30 -6.89
N GLU A 253 40.09 -24.99 -6.96
CA GLU A 253 41.09 -24.24 -6.24
C GLU A 253 40.77 -24.15 -4.75
N TYR A 254 39.53 -24.42 -4.38
CA TYR A 254 39.11 -24.42 -2.97
C TYR A 254 38.64 -25.83 -2.59
N LYS A 255 39.03 -26.75 -3.46
CA LYS A 255 38.77 -28.17 -3.38
C LYS A 255 38.66 -28.75 -1.95
N GLU A 256 39.70 -28.62 -1.12
CA GLU A 256 39.65 -29.23 0.23
C GLU A 256 38.83 -28.40 1.18
N GLU A 257 38.88 -27.08 1.05
CA GLU A 257 38.08 -26.22 1.88
C GLU A 257 36.61 -26.57 1.68
N LEU A 258 36.17 -26.68 0.43
CA LEU A 258 34.78 -26.99 0.20
C LEU A 258 34.42 -28.34 0.77
N TRP A 259 35.33 -29.31 0.61
CA TRP A 259 35.09 -30.69 0.98
C TRP A 259 34.98 -30.86 2.47
N GLU A 260 35.80 -30.11 3.20
CA GLU A 260 35.63 -29.99 4.63
C GLU A 260 34.23 -29.48 4.97
N LEU A 261 33.86 -28.34 4.39
CA LEU A 261 32.58 -27.69 4.67
C LEU A 261 31.44 -28.65 4.45
N LEU A 262 31.64 -29.61 3.56
CA LEU A 262 30.55 -30.49 3.18
C LEU A 262 30.32 -31.52 4.25
N LYS A 263 31.29 -31.73 5.12
CA LYS A 263 31.15 -32.71 6.17
C LYS A 263 30.31 -32.20 7.33
N LYS A 264 29.78 -30.98 7.21
CA LYS A 264 29.16 -30.34 8.35
C LYS A 264 27.64 -30.43 8.34
N ASP A 265 27.06 -30.42 9.54
CA ASP A 265 25.61 -30.34 9.72
C ASP A 265 25.02 -29.13 8.98
N ASN A 266 25.70 -27.98 9.07
CA ASN A 266 25.08 -26.74 8.71
C ASN A 266 25.54 -26.22 7.37
N THR A 267 26.00 -27.11 6.49
CA THR A 267 26.34 -26.71 5.12
C THR A 267 25.26 -27.12 4.11
N TYR A 268 24.73 -26.13 3.37
CA TYR A 268 23.74 -26.40 2.33
C TYR A 268 24.27 -25.94 0.96
N VAL A 269 24.38 -26.88 0.02
CA VAL A 269 24.76 -26.54 -1.35
C VAL A 269 23.52 -26.36 -2.21
N TYR A 270 23.49 -25.28 -2.98
CA TYR A 270 22.43 -25.03 -3.97
C TYR A 270 23.09 -24.89 -5.33
N MET A 271 22.49 -25.51 -6.35
CA MET A 271 23.02 -25.43 -7.69
C MET A 271 21.91 -25.02 -8.64
N CYS A 272 22.14 -23.94 -9.40
CA CYS A 272 21.17 -23.41 -10.36
C CYS A 272 21.81 -23.03 -11.70
N GLY A 273 21.14 -23.37 -12.81
CA GLY A 273 21.47 -22.85 -14.14
C GLY A 273 21.28 -23.83 -15.30
N LEU A 274 22.16 -23.75 -16.30
CA LEU A 274 22.20 -24.76 -17.38
C LEU A 274 22.52 -26.17 -16.87
N LYS A 275 21.67 -27.14 -17.21
CA LYS A 275 22.02 -28.54 -17.03
C LYS A 275 23.28 -28.82 -17.84
N GLY A 276 24.16 -29.67 -17.31
CA GLY A 276 25.44 -29.83 -17.98
C GLY A 276 26.55 -29.03 -17.30
N MET A 277 26.16 -28.04 -16.50
CA MET A 277 27.02 -27.57 -15.45
C MET A 277 27.19 -28.66 -14.41
N GLU A 278 26.23 -29.59 -14.38
CA GLU A 278 26.19 -30.54 -13.28
C GLU A 278 27.38 -31.50 -13.34
N LYS A 279 27.61 -32.06 -14.52
CA LYS A 279 28.62 -33.07 -14.70
C LYS A 279 30.04 -32.64 -14.30
N GLY A 280 30.48 -31.49 -14.79
CA GLY A 280 31.81 -30.98 -14.41
C GLY A 280 32.02 -30.91 -12.90
N ILE A 281 30.97 -30.56 -12.16
CA ILE A 281 31.04 -30.47 -10.72
C ILE A 281 31.13 -31.85 -10.09
N ASP A 282 30.28 -32.76 -10.56
CA ASP A 282 30.32 -34.15 -10.07
C ASP A 282 31.71 -34.74 -10.15
N ASP A 283 32.35 -34.59 -11.31
CA ASP A 283 33.70 -35.09 -11.52
C ASP A 283 34.75 -34.55 -10.57
N ILE A 284 34.65 -33.27 -10.18
CA ILE A 284 35.50 -32.71 -9.11
C ILE A 284 35.25 -33.41 -7.78
N MET A 285 33.97 -33.62 -7.48
CA MET A 285 33.50 -34.33 -6.28
C MET A 285 33.90 -35.80 -6.30
N VAL A 286 33.77 -36.43 -7.45
CA VAL A 286 34.12 -37.84 -7.60
C VAL A 286 35.53 -38.13 -7.09
N SER A 287 36.51 -37.34 -7.53
CA SER A 287 37.91 -37.56 -7.14
C SER A 287 38.24 -37.04 -5.75
N LEU A 288 37.49 -36.04 -5.29
CA LEU A 288 37.51 -35.73 -3.87
C LEU A 288 37.04 -36.94 -3.02
N ALA A 289 36.00 -37.62 -3.48
CA ALA A 289 35.40 -38.70 -2.71
C ALA A 289 36.35 -39.90 -2.62
N GLU A 290 36.79 -40.38 -3.78
CA GLU A 290 37.76 -41.48 -3.90
C GLU A 290 39.04 -41.34 -3.05
N LYS A 291 39.51 -40.10 -2.89
CA LYS A 291 40.56 -39.81 -1.94
C LYS A 291 40.22 -40.28 -0.50
N ASP A 292 38.93 -40.41 -0.19
CA ASP A 292 38.48 -40.79 1.15
C ASP A 292 37.90 -42.21 1.25
N GLY A 293 37.95 -42.96 0.15
CA GLY A 293 37.31 -44.29 0.09
C GLY A 293 35.83 -44.22 -0.23
N ILE A 294 35.29 -43.00 -0.18
CA ILE A 294 33.88 -42.72 -0.31
C ILE A 294 33.44 -42.70 -1.78
N ASP A 295 32.29 -43.30 -2.08
CA ASP A 295 31.62 -43.10 -3.38
C ASP A 295 30.77 -41.83 -3.39
N TRP A 296 31.11 -40.89 -4.28
CA TRP A 296 30.52 -39.56 -4.28
C TRP A 296 29.02 -39.61 -4.35
N PHE A 297 28.51 -40.45 -5.23
CA PHE A 297 27.07 -40.54 -5.46
C PHE A 297 26.30 -41.05 -4.26
N ASP A 298 26.89 -41.97 -3.48
CA ASP A 298 26.28 -42.40 -2.23
C ASP A 298 26.16 -41.19 -1.31
N TYR A 299 27.21 -40.38 -1.29
CA TYR A 299 27.33 -39.29 -0.34
C TYR A 299 26.37 -38.23 -0.76
N LYS A 300 26.25 -38.06 -2.07
CA LYS A 300 25.38 -37.06 -2.67
C LYS A 300 23.90 -37.29 -2.35
N LYS A 301 23.31 -38.34 -2.90
CA LYS A 301 21.95 -38.77 -2.58
C LYS A 301 21.64 -38.72 -1.09
N GLN A 302 22.66 -38.96 -0.29
CA GLN A 302 22.53 -38.86 1.17
C GLN A 302 22.50 -37.41 1.68
N LEU A 303 23.22 -36.53 0.99
CA LEU A 303 23.16 -35.10 1.24
C LEU A 303 21.83 -34.49 0.81
N LYS A 304 21.30 -34.95 -0.32
CA LYS A 304 19.96 -34.59 -0.74
C LYS A 304 18.88 -34.94 0.31
N ARG A 305 19.01 -36.11 0.93
CA ARG A 305 18.08 -36.53 1.95
C ARG A 305 18.15 -35.61 3.15
N GLY A 306 19.26 -34.89 3.29
CA GLY A 306 19.37 -33.89 4.35
C GLY A 306 19.25 -32.44 3.88
N ASP A 307 18.63 -32.26 2.71
CA ASP A 307 18.34 -30.91 2.12
C ASP A 307 19.63 -30.12 1.83
N GLN A 308 20.74 -30.82 1.62
CA GLN A 308 22.04 -30.19 1.56
C GLN A 308 22.67 -30.09 0.17
N TRP A 309 21.96 -30.58 -0.84
CA TRP A 309 22.42 -30.52 -2.21
C TRP A 309 21.25 -30.32 -3.12
N ASN A 310 20.93 -29.05 -3.40
CA ASN A 310 19.66 -28.71 -4.03
C ASN A 310 19.90 -28.21 -5.43
N VAL A 311 19.36 -28.93 -6.40
CA VAL A 311 19.66 -28.69 -7.82
C VAL A 311 18.42 -28.27 -8.63
N GLU A 312 18.54 -27.17 -9.37
CA GLU A 312 17.51 -26.70 -10.28
C GLU A 312 18.17 -26.19 -11.55
N VAL A 313 18.37 -27.07 -12.51
CA VAL A 313 19.08 -26.75 -13.72
C VAL A 313 18.14 -27.04 -14.87
N TYR A 314 18.47 -26.54 -16.05
CA TYR A 314 17.47 -26.47 -17.10
C TYR A 314 18.12 -26.17 -18.46
N ALA B 1 16.27 -44.85 9.95
CA ALA B 1 14.98 -44.58 9.26
C ALA B 1 13.77 -44.89 10.15
N THR B 2 13.84 -45.95 10.94
CA THR B 2 12.70 -46.37 11.79
C THR B 2 13.07 -46.59 13.25
N TYR B 3 12.29 -46.00 14.16
CA TYR B 3 12.57 -46.10 15.58
C TYR B 3 11.39 -46.71 16.31
N ASN B 4 11.70 -47.35 17.43
CA ASN B 4 10.69 -47.84 18.35
C ASN B 4 10.28 -46.74 19.30
N VAL B 5 9.01 -46.37 19.24
CA VAL B 5 8.46 -45.44 20.20
C VAL B 5 7.45 -46.20 21.09
N LYS B 6 7.69 -46.18 22.39
CA LYS B 6 6.80 -46.82 23.30
C LYS B 6 5.88 -45.75 23.78
N LEU B 7 4.58 -46.01 23.67
CA LEU B 7 3.56 -45.04 24.05
C LEU B 7 2.84 -45.43 25.32
N ILE B 8 3.14 -44.74 26.42
CA ILE B 8 2.50 -45.01 27.70
C ILE B 8 1.28 -44.16 27.87
N THR B 9 0.12 -44.76 27.62
CA THR B 9 -1.15 -44.08 27.72
C THR B 9 -1.82 -44.41 29.05
N PRO B 10 -2.89 -43.69 29.41
CA PRO B 10 -3.66 -44.02 30.61
C PRO B 10 -4.34 -45.39 30.55
N GLU B 11 -4.22 -46.08 29.41
CA GLU B 11 -4.73 -47.43 29.27
C GLU B 11 -3.63 -48.48 29.16
N GLY B 12 -2.39 -48.11 29.48
CA GLY B 12 -1.28 -49.05 29.45
C GLY B 12 -0.14 -48.58 28.58
N GLU B 13 0.32 -49.44 27.68
CA GLU B 13 1.64 -49.28 27.11
C GLU B 13 1.79 -49.97 25.76
N VAL B 14 1.91 -49.18 24.70
CA VAL B 14 1.99 -49.75 23.35
C VAL B 14 3.36 -49.52 22.70
N GLU B 15 3.73 -50.40 21.78
CA GLU B 15 4.96 -50.18 21.00
C GLU B 15 4.69 -49.95 19.52
N LEU B 16 5.28 -48.88 18.98
CA LEU B 16 5.19 -48.57 17.55
C LEU B 16 6.57 -48.46 16.91
N GLN B 17 6.65 -48.87 15.65
CA GLN B 17 7.83 -48.59 14.84
C GLN B 17 7.55 -47.38 13.95
N VAL B 18 8.12 -46.24 14.32
CA VAL B 18 7.86 -44.97 13.62
C VAL B 18 9.00 -44.57 12.68
N PRO B 19 8.68 -44.40 11.39
CA PRO B 19 9.71 -43.92 10.47
C PRO B 19 10.18 -42.51 10.82
N ASP B 20 11.45 -42.20 10.57
CA ASP B 20 12.05 -40.98 11.09
C ASP B 20 11.47 -39.69 10.50
N ASP B 21 10.48 -39.86 9.60
CA ASP B 21 9.90 -38.75 8.85
C ASP B 21 8.38 -38.87 8.81
N VAL B 22 7.83 -39.69 9.70
CA VAL B 22 6.41 -39.72 9.94
C VAL B 22 6.13 -39.19 11.33
N TYR B 23 5.21 -38.24 11.46
CA TYR B 23 4.85 -37.66 12.76
C TYR B 23 4.33 -38.77 13.68
N ILE B 24 4.72 -38.74 14.94
CA ILE B 24 4.29 -39.76 15.89
C ILE B 24 2.78 -40.02 15.94
N LEU B 25 1.98 -38.98 16.15
CA LEU B 25 0.53 -39.11 16.04
C LEU B 25 0.10 -39.86 14.80
N ASP B 26 0.72 -39.55 13.67
CA ASP B 26 0.31 -40.11 12.38
C ASP B 26 0.51 -41.61 12.32
N GLN B 27 1.67 -42.06 12.77
CA GLN B 27 1.91 -43.48 12.91
C GLN B 27 0.87 -44.06 13.87
N ALA B 28 0.73 -43.42 15.03
CA ALA B 28 -0.20 -43.87 16.05
C ALA B 28 -1.54 -44.13 15.37
N GLU B 29 -2.02 -43.12 14.65
CA GLU B 29 -3.25 -43.23 13.88
C GLU B 29 -3.26 -44.46 12.95
N GLU B 30 -2.19 -44.64 12.17
CA GLU B 30 -2.05 -45.75 11.21
C GLU B 30 -2.15 -47.12 11.85
N ASP B 31 -1.69 -47.24 13.08
CA ASP B 31 -1.66 -48.52 13.79
C ASP B 31 -2.88 -48.68 14.73
N GLY B 32 -3.86 -47.80 14.58
CA GLY B 32 -5.08 -47.87 15.35
C GLY B 32 -5.08 -47.26 16.75
N ILE B 33 -4.03 -46.56 17.13
CA ILE B 33 -4.00 -45.99 18.44
C ILE B 33 -4.59 -44.58 18.44
N ASP B 34 -5.63 -44.36 19.26
CA ASP B 34 -6.30 -43.05 19.40
C ASP B 34 -5.65 -42.09 20.39
N LEU B 35 -4.89 -41.15 19.83
CA LEU B 35 -4.27 -40.12 20.64
C LEU B 35 -5.06 -38.83 20.48
N PRO B 36 -5.16 -38.02 21.54
CA PRO B 36 -5.91 -36.78 21.39
C PRO B 36 -5.19 -35.74 20.46
N TYR B 37 -5.99 -34.98 19.72
CA TYR B 37 -5.45 -34.03 18.80
C TYR B 37 -6.54 -33.01 18.37
N SER B 38 -6.13 -31.83 17.98
CA SER B 38 -7.08 -30.77 17.75
C SER B 38 -6.65 -29.92 16.54
N CYS B 39 -5.68 -29.02 16.72
CA CYS B 39 -5.16 -28.22 15.59
C CYS B 39 -4.42 -29.11 14.60
N ARG B 40 -3.67 -30.09 15.13
CA ARG B 40 -2.71 -30.89 14.37
C ARG B 40 -1.66 -30.05 13.68
N ALA B 41 -1.19 -28.98 14.32
CA ALA B 41 -0.38 -27.98 13.62
C ALA B 41 0.70 -27.39 14.54
N GLY B 42 0.82 -27.96 15.72
CA GLY B 42 1.95 -27.65 16.55
C GLY B 42 1.82 -26.29 17.16
N SER B 43 0.58 -25.87 17.45
CA SER B 43 0.38 -24.61 18.19
C SER B 43 -0.75 -24.60 19.16
N CYS B 44 -1.07 -25.77 19.71
CA CYS B 44 -1.93 -25.84 20.89
C CYS B 44 -1.41 -26.93 21.84
N SER B 45 -2.12 -27.16 22.95
CA SER B 45 -1.68 -28.15 23.94
C SER B 45 -2.24 -29.55 23.66
N SER B 46 -3.26 -29.63 22.80
CA SER B 46 -4.12 -30.81 22.76
C SER B 46 -3.45 -32.20 22.71
N CYS B 47 -2.34 -32.32 21.99
CA CYS B 47 -1.67 -33.58 21.77
C CYS B 47 -0.44 -33.69 22.65
N ALA B 48 -0.28 -32.76 23.60
CA ALA B 48 0.84 -32.77 24.55
C ALA B 48 1.17 -34.17 25.11
N GLY B 49 2.43 -34.56 24.97
CA GLY B 49 2.96 -35.75 25.64
C GLY B 49 4.17 -35.39 26.48
N LYS B 50 4.88 -36.39 26.98
CA LYS B 50 6.15 -36.12 27.63
C LYS B 50 7.14 -37.21 27.31
N VAL B 51 8.30 -36.80 26.80
CA VAL B 51 9.40 -37.71 26.49
C VAL B 51 10.07 -38.19 27.80
N VAL B 52 10.03 -39.50 28.03
CA VAL B 52 10.62 -40.06 29.23
C VAL B 52 12.05 -40.50 28.96
N SER B 53 12.33 -40.96 27.75
CA SER B 53 13.70 -41.04 27.32
C SER B 53 13.72 -41.00 25.80
N GLY B 54 14.90 -40.80 25.23
CA GLY B 54 15.02 -40.65 23.79
C GLY B 54 14.85 -39.19 23.38
N SER B 55 14.74 -38.96 22.07
CA SER B 55 14.74 -37.59 21.53
C SER B 55 13.83 -37.40 20.31
N VAL B 56 13.23 -36.22 20.22
CA VAL B 56 12.36 -35.89 19.10
C VAL B 56 12.84 -34.65 18.35
N ASP B 57 12.55 -34.60 17.07
CA ASP B 57 12.69 -33.38 16.30
C ASP B 57 11.30 -32.80 16.14
N GLN B 58 11.08 -31.64 16.75
CA GLN B 58 9.77 -31.04 16.79
C GLN B 58 9.57 -29.97 15.73
N CYS B 59 10.49 -29.89 14.79
CA CYS B 59 10.32 -29.10 13.56
C CYS B 59 9.68 -27.68 13.70
N ASP B 60 10.28 -26.85 14.55
CA ASP B 60 9.81 -25.48 14.78
C ASP B 60 8.31 -25.44 15.04
N GLN B 61 7.87 -26.12 16.09
CA GLN B 61 6.48 -25.98 16.50
C GLN B 61 6.33 -24.61 17.14
N SER B 62 5.08 -24.20 17.40
CA SER B 62 4.82 -22.83 17.82
C SER B 62 4.41 -22.70 19.29
N TYR B 63 3.99 -23.80 19.93
CA TYR B 63 3.26 -23.69 21.20
C TYR B 63 4.20 -23.74 22.42
N LEU B 64 5.12 -24.69 22.42
CA LEU B 64 5.97 -24.92 23.57
C LEU B 64 7.17 -23.96 23.61
N ASP B 65 7.44 -23.38 24.77
CA ASP B 65 8.63 -22.53 24.91
C ASP B 65 9.87 -23.38 25.19
N ASP B 66 11.02 -22.72 25.25
CA ASP B 66 12.27 -23.44 25.50
C ASP B 66 12.27 -24.15 26.85
N GLY B 67 11.81 -23.45 27.89
CA GLY B 67 11.69 -24.02 29.23
C GLY B 67 11.00 -25.37 29.13
N GLN B 68 9.79 -25.35 28.62
CA GLN B 68 9.00 -26.57 28.52
C GLN B 68 9.68 -27.62 27.66
N ILE B 69 10.24 -27.23 26.52
CA ILE B 69 10.90 -28.21 25.70
C ILE B 69 11.99 -28.88 26.53
N ALA B 70 12.73 -28.08 27.29
CA ALA B 70 13.78 -28.58 28.16
C ALA B 70 13.24 -29.57 29.19
N ASP B 71 11.99 -29.39 29.60
CA ASP B 71 11.37 -30.27 30.60
C ASP B 71 10.93 -31.59 30.01
N GLY B 72 11.00 -31.71 28.68
CA GLY B 72 10.59 -32.95 28.01
C GLY B 72 9.16 -33.01 27.47
N TRP B 73 8.49 -31.85 27.37
CA TRP B 73 7.18 -31.76 26.71
C TRP B 73 7.24 -31.96 25.23
N VAL B 74 6.35 -32.78 24.69
CA VAL B 74 6.29 -33.00 23.26
C VAL B 74 4.90 -32.79 22.72
N LEU B 75 4.82 -32.19 21.55
CA LEU B 75 3.58 -32.10 20.81
C LEU B 75 3.48 -33.24 19.80
N THR B 76 2.74 -34.28 20.16
CA THR B 76 2.83 -35.59 19.49
C THR B 76 2.34 -35.56 18.07
N CYS B 77 1.59 -34.52 17.70
CA CYS B 77 1.21 -34.28 16.27
C CYS B 77 2.32 -33.66 15.39
N HIS B 78 3.31 -33.04 16.04
CA HIS B 78 4.34 -32.31 15.34
C HIS B 78 5.70 -32.84 15.70
N ALA B 79 5.77 -34.07 16.23
CA ALA B 79 7.08 -34.59 16.59
C ALA B 79 7.52 -35.79 15.76
N TYR B 80 8.72 -35.67 15.17
CA TYR B 80 9.44 -36.80 14.59
C TYR B 80 10.38 -37.44 15.61
N PRO B 81 10.47 -38.79 15.61
CA PRO B 81 11.47 -39.51 16.42
C PRO B 81 12.87 -39.34 15.85
N THR B 82 13.84 -39.03 16.70
CA THR B 82 15.24 -39.04 16.26
C THR B 82 16.02 -40.22 16.89
N SER B 83 15.30 -41.09 17.60
CA SER B 83 15.89 -42.22 18.31
C SER B 83 14.74 -43.09 18.82
N ASP B 84 15.06 -44.13 19.59
CA ASP B 84 14.02 -44.91 20.27
C ASP B 84 13.54 -44.09 21.46
N VAL B 85 12.22 -43.97 21.60
CA VAL B 85 11.63 -42.95 22.47
C VAL B 85 10.52 -43.56 23.30
N VAL B 86 10.38 -43.11 24.53
CA VAL B 86 9.26 -43.46 25.35
C VAL B 86 8.53 -42.18 25.72
N ILE B 87 7.27 -42.11 25.31
CA ILE B 87 6.47 -40.92 25.56
C ILE B 87 5.25 -41.22 26.45
N GLU B 88 5.06 -40.37 27.46
CA GLU B 88 3.77 -40.33 28.17
C GLU B 88 2.72 -39.41 27.49
N THR B 89 1.61 -39.99 27.09
CA THR B 89 0.59 -39.27 26.31
C THR B 89 -0.51 -38.67 27.20
N HIS B 90 -1.42 -37.93 26.58
CA HIS B 90 -2.62 -37.46 27.25
C HIS B 90 -2.27 -36.53 28.38
N LYS B 91 -1.52 -35.48 28.11
CA LYS B 91 -0.90 -34.72 29.21
C LYS B 91 -1.17 -33.21 29.27
N GLU B 92 -2.43 -32.78 29.15
CA GLU B 92 -2.74 -31.40 29.50
C GLU B 92 -2.79 -31.17 31.02
N CYS C 19 -1.50 -38.17 -2.01
CA CYS C 19 -2.27 -37.09 -2.73
C CYS C 19 -3.51 -36.68 -1.95
N SER C 20 -3.46 -35.45 -1.45
CA SER C 20 -4.52 -34.91 -0.63
C SER C 20 -5.78 -34.75 -1.46
N LYS C 21 -6.92 -35.07 -0.87
CA LYS C 21 -8.17 -34.76 -1.50
C LYS C 21 -8.65 -33.39 -1.00
N LYS C 22 -7.93 -32.82 -0.05
CA LYS C 22 -8.30 -31.50 0.43
C LYS C 22 -7.39 -30.45 -0.16
N GLN C 23 -7.90 -29.22 -0.27
CA GLN C 23 -7.16 -28.07 -0.82
C GLN C 23 -5.69 -27.99 -0.42
N GLU C 24 -4.80 -27.72 -1.35
CA GLU C 24 -3.39 -27.49 -0.98
C GLU C 24 -2.76 -26.31 -1.72
N GLU C 25 -3.03 -26.19 -3.00
CA GLU C 25 -2.62 -25.00 -3.74
C GLU C 25 -3.18 -23.74 -3.10
N GLY C 26 -2.31 -22.73 -2.95
CA GLY C 26 -2.68 -21.44 -2.36
C GLY C 26 -2.93 -21.39 -0.86
N VAL C 27 -2.57 -22.45 -0.15
CA VAL C 27 -2.70 -22.49 1.30
C VAL C 27 -1.35 -22.09 1.84
N VAL C 28 -1.34 -21.25 2.86
CA VAL C 28 -0.11 -20.84 3.55
C VAL C 28 -0.37 -20.94 5.03
N THR C 29 0.68 -21.21 5.81
CA THR C 29 0.57 -21.25 7.28
C THR C 29 1.70 -20.46 7.95
N ASN C 30 1.41 -20.00 9.17
CA ASN C 30 2.43 -19.43 10.02
C ASN C 30 3.26 -18.36 9.33
N LEU C 31 2.60 -17.47 8.57
CA LEU C 31 3.15 -16.14 8.31
C LEU C 31 3.51 -15.37 9.57
N TYR C 32 2.88 -15.71 10.70
CA TYR C 32 3.11 -14.97 11.96
C TYR C 32 3.04 -15.90 13.15
N LYS C 33 4.02 -15.75 14.05
CA LYS C 33 4.15 -16.66 15.18
C LYS C 33 4.07 -15.88 16.48
N PRO C 34 3.77 -16.58 17.59
CA PRO C 34 3.61 -15.91 18.89
C PRO C 34 4.74 -14.95 19.21
N LYS C 35 5.98 -15.28 18.81
CA LYS C 35 7.13 -14.42 19.07
C LYS C 35 7.04 -13.02 18.47
N GLU C 36 6.22 -12.87 17.42
CA GLU C 36 6.13 -11.63 16.66
C GLU C 36 4.81 -11.65 15.87
N PRO C 37 3.69 -11.46 16.57
CA PRO C 37 2.36 -11.53 15.96
C PRO C 37 2.10 -10.34 15.05
N TYR C 38 1.10 -10.49 14.19
CA TYR C 38 0.54 -9.37 13.47
C TYR C 38 -0.43 -8.59 14.34
N VAL C 39 -0.34 -7.26 14.27
CA VAL C 39 -1.22 -6.40 15.07
C VAL C 39 -2.34 -5.83 14.21
N GLY C 40 -3.52 -6.40 14.39
CA GLY C 40 -4.71 -6.04 13.62
C GLY C 40 -5.55 -5.09 14.43
N ARG C 41 -6.73 -4.78 13.90
CA ARG C 41 -7.59 -3.80 14.52
C ARG C 41 -8.95 -4.40 14.51
N CYS C 42 -9.63 -4.31 15.64
CA CYS C 42 -11.04 -4.64 15.72
C CYS C 42 -11.90 -3.67 14.90
N LEU C 43 -12.52 -4.21 13.84
CA LEU C 43 -13.43 -3.42 13.01
C LEU C 43 -14.80 -3.44 13.63
N LEU C 44 -15.25 -4.64 14.03
CA LEU C 44 -16.49 -4.78 14.81
C LEU C 44 -16.48 -5.96 15.75
N ASN C 45 -17.40 -5.92 16.71
CA ASN C 45 -17.53 -6.95 17.71
C ASN C 45 -18.97 -6.98 18.25
N THR C 46 -19.68 -8.05 17.95
CA THR C 46 -21.12 -8.05 18.04
C THR C 46 -21.58 -9.34 18.69
N LYS C 47 -22.33 -9.23 19.78
CA LYS C 47 -22.90 -10.41 20.39
C LYS C 47 -23.93 -11.03 19.46
N ILE C 48 -23.83 -12.34 19.24
CA ILE C 48 -24.74 -13.01 18.32
C ILE C 48 -25.67 -14.02 18.95
N THR C 49 -25.58 -14.16 20.27
CA THR C 49 -26.59 -14.90 21.04
C THR C 49 -27.60 -14.00 21.74
N GLY C 50 -28.81 -14.52 21.96
CA GLY C 50 -29.86 -13.79 22.67
C GLY C 50 -29.57 -13.66 24.15
N ASP C 51 -30.12 -12.60 24.77
CA ASP C 51 -29.73 -12.15 26.12
C ASP C 51 -29.93 -13.24 27.18
N ASP C 52 -30.76 -14.23 26.86
CA ASP C 52 -31.12 -15.28 27.80
C ASP C 52 -30.37 -16.60 27.54
N ALA C 53 -29.45 -16.59 26.58
CA ALA C 53 -28.62 -17.77 26.31
C ALA C 53 -27.79 -18.15 27.53
N PRO C 54 -27.33 -19.42 27.58
CA PRO C 54 -26.42 -19.81 28.64
C PRO C 54 -25.21 -18.90 28.72
N GLY C 55 -24.45 -18.81 27.63
CA GLY C 55 -23.24 -18.01 27.63
C GLY C 55 -22.99 -17.26 26.34
N GLU C 56 -22.58 -16.00 26.48
CA GLU C 56 -22.42 -15.14 25.33
C GLU C 56 -21.48 -15.76 24.30
N THR C 57 -21.87 -15.74 23.02
CA THR C 57 -20.92 -15.86 21.92
C THR C 57 -20.87 -14.57 21.10
N TRP C 58 -19.66 -14.12 20.75
CA TRP C 58 -19.53 -12.90 19.95
C TRP C 58 -18.96 -13.13 18.57
N HIS C 59 -19.46 -12.40 17.59
CA HIS C 59 -18.83 -12.34 16.27
C HIS C 59 -18.02 -11.07 16.19
N MET C 60 -16.79 -11.18 15.72
CA MET C 60 -15.92 -10.03 15.64
C MET C 60 -15.09 -10.08 14.36
N VAL C 61 -14.71 -8.91 13.86
CA VAL C 61 -13.97 -8.82 12.61
C VAL C 61 -12.73 -7.97 12.83
N PHE C 62 -11.56 -8.51 12.46
CA PHE C 62 -10.32 -7.76 12.52
C PHE C 62 -9.83 -7.46 11.14
N SER C 63 -9.01 -6.41 11.07
CA SER C 63 -8.41 -5.98 9.82
C SER C 63 -7.04 -6.68 9.66
N THR C 64 -6.67 -7.02 8.42
CA THR C 64 -5.43 -7.75 8.18
C THR C 64 -4.57 -7.13 7.08
N GLU C 65 -5.07 -6.05 6.49
CA GLU C 65 -4.40 -5.41 5.38
C GLU C 65 -4.05 -6.45 4.34
N GLY C 66 -4.71 -7.60 4.37
CA GLY C 66 -4.45 -8.64 3.37
C GLY C 66 -3.10 -9.29 3.59
N LYS C 67 -2.53 -9.07 4.76
CA LYS C 67 -1.27 -9.72 5.10
C LYS C 67 -1.43 -11.14 5.71
N ILE C 68 -2.68 -11.60 5.78
CA ILE C 68 -2.99 -12.93 6.30
C ILE C 68 -3.91 -13.69 5.36
N PRO C 69 -3.38 -14.13 4.21
CA PRO C 69 -4.26 -14.81 3.25
C PRO C 69 -4.64 -16.25 3.66
N TYR C 70 -5.51 -16.36 4.66
CA TYR C 70 -5.96 -17.66 5.15
C TYR C 70 -6.90 -18.33 4.14
N ARG C 71 -7.23 -19.60 4.37
CA ARG C 71 -8.18 -20.30 3.52
C ARG C 71 -9.25 -20.92 4.39
N GLU C 72 -10.43 -21.16 3.80
CA GLU C 72 -11.52 -21.83 4.52
C GLU C 72 -11.01 -23.09 5.25
N GLY C 73 -11.31 -23.18 6.55
CA GLY C 73 -10.91 -24.32 7.35
C GLY C 73 -9.78 -24.05 8.35
N GLN C 74 -9.06 -22.95 8.17
CA GLN C 74 -7.94 -22.64 9.06
C GLN C 74 -8.34 -21.85 10.32
N SER C 75 -7.39 -21.74 11.26
CA SER C 75 -7.58 -20.96 12.45
C SER C 75 -6.58 -19.82 12.48
N ILE C 76 -6.70 -18.93 13.46
CA ILE C 76 -5.64 -17.97 13.72
C ILE C 76 -5.46 -18.03 15.20
N GLY C 77 -4.27 -17.67 15.66
CA GLY C 77 -4.03 -17.54 17.11
C GLY C 77 -4.29 -16.09 17.54
N VAL C 78 -4.75 -15.94 18.76
CA VAL C 78 -4.81 -14.66 19.37
C VAL C 78 -3.94 -14.66 20.62
N ILE C 79 -3.17 -13.59 20.81
CA ILE C 79 -2.37 -13.37 22.03
C ILE C 79 -2.87 -12.20 22.84
N ALA C 80 -3.49 -12.52 23.97
CA ALA C 80 -4.26 -11.57 24.73
C ALA C 80 -3.33 -10.63 25.47
N ASP C 81 -3.76 -9.38 25.62
CA ASP C 81 -2.94 -8.35 26.25
C ASP C 81 -2.59 -8.74 27.67
N GLY C 82 -1.43 -8.30 28.14
CA GLY C 82 -1.06 -8.40 29.55
C GLY C 82 -0.24 -9.64 29.86
N VAL C 83 -0.15 -9.96 31.16
CA VAL C 83 0.67 -11.10 31.64
C VAL C 83 -0.14 -12.04 32.49
N ASP C 84 0.31 -13.29 32.61
CA ASP C 84 -0.34 -14.27 33.48
C ASP C 84 0.10 -14.07 34.93
N LYS C 85 -0.31 -15.00 35.80
CA LYS C 85 0.01 -14.91 37.23
C LYS C 85 1.53 -14.96 37.49
N ASN C 86 2.28 -15.49 36.53
CA ASN C 86 3.74 -15.58 36.67
C ASN C 86 4.54 -14.53 35.91
N GLY C 87 3.86 -13.52 35.35
CA GLY C 87 4.52 -12.46 34.60
C GLY C 87 5.00 -12.81 33.19
N LYS C 88 4.69 -14.02 32.71
CA LYS C 88 4.93 -14.40 31.32
C LYS C 88 3.79 -13.94 30.42
N PRO C 89 4.08 -13.68 29.14
CA PRO C 89 2.98 -13.37 28.22
C PRO C 89 2.08 -14.59 28.01
N HIS C 90 0.81 -14.34 27.68
CA HIS C 90 -0.18 -15.40 27.55
C HIS C 90 0.07 -16.26 26.32
N LYS C 91 -0.02 -17.58 26.50
CA LYS C 91 0.02 -18.51 25.39
C LYS C 91 -1.05 -18.25 24.34
N VAL C 92 -0.69 -18.36 23.07
CA VAL C 92 -1.66 -18.29 21.99
C VAL C 92 -2.82 -19.24 22.30
N ARG C 93 -4.03 -18.79 21.96
CA ARG C 93 -5.22 -19.64 21.95
C ARG C 93 -5.75 -19.58 20.53
N LEU C 94 -6.19 -20.73 20.01
CA LEU C 94 -6.64 -20.80 18.63
C LEU C 94 -8.13 -20.53 18.46
N TYR C 95 -8.49 -19.80 17.41
CA TYR C 95 -9.91 -19.64 17.05
C TYR C 95 -10.18 -19.95 15.59
N SER C 96 -11.14 -20.85 15.32
CA SER C 96 -11.44 -21.20 13.92
C SER C 96 -11.97 -19.98 13.19
N ILE C 97 -11.48 -19.79 11.97
CA ILE C 97 -11.83 -18.61 11.19
C ILE C 97 -13.29 -18.69 10.77
N ALA C 98 -14.05 -17.62 10.99
CA ALA C 98 -15.48 -17.72 10.83
C ALA C 98 -15.95 -17.11 9.53
N SER C 99 -15.05 -16.39 8.87
CA SER C 99 -15.33 -15.83 7.54
C SER C 99 -14.65 -16.66 6.45
N SER C 100 -15.07 -16.46 5.21
CA SER C 100 -14.40 -17.06 4.06
C SER C 100 -13.06 -16.36 3.70
N ALA C 101 -12.20 -17.06 2.96
CA ALA C 101 -10.99 -16.40 2.50
C ALA C 101 -11.22 -14.89 2.21
N ILE C 102 -12.16 -14.51 1.33
CA ILE C 102 -12.30 -13.08 0.96
C ILE C 102 -12.91 -12.19 2.05
N GLY C 103 -13.63 -12.80 3.00
CA GLY C 103 -13.95 -12.14 4.25
C GLY C 103 -15.34 -11.56 4.31
N ASP C 104 -15.77 -11.23 5.52
CA ASP C 104 -17.06 -10.60 5.73
C ASP C 104 -17.32 -9.35 4.88
N PHE C 105 -16.25 -8.63 4.51
CA PHE C 105 -16.40 -7.41 3.70
C PHE C 105 -16.15 -7.68 2.21
N GLY C 106 -15.64 -8.88 1.91
CA GLY C 106 -15.37 -9.30 0.54
C GLY C 106 -14.14 -8.72 -0.13
N ASP C 107 -13.21 -8.20 0.64
CA ASP C 107 -12.07 -7.49 0.06
C ASP C 107 -10.72 -8.14 0.37
N SER C 108 -10.76 -9.28 1.07
CA SER C 108 -9.57 -10.08 1.39
C SER C 108 -8.64 -9.41 2.39
N LYS C 109 -9.12 -8.41 3.13
CA LYS C 109 -8.28 -7.72 4.12
C LYS C 109 -8.88 -7.80 5.52
N THR C 110 -9.75 -8.77 5.78
CA THR C 110 -10.28 -8.99 7.14
C THR C 110 -10.36 -10.45 7.52
N VAL C 111 -10.47 -10.72 8.80
CA VAL C 111 -10.64 -12.07 9.30
C VAL C 111 -11.69 -11.98 10.41
N SER C 112 -12.57 -12.97 10.49
CA SER C 112 -13.57 -12.95 11.55
C SER C 112 -13.52 -14.19 12.45
N LEU C 113 -13.89 -13.99 13.70
CA LEU C 113 -13.97 -15.08 14.67
C LEU C 113 -15.35 -15.22 15.29
N CYS C 114 -15.58 -16.36 15.91
CA CYS C 114 -16.84 -16.68 16.60
C CYS C 114 -16.48 -17.21 17.97
N VAL C 115 -16.58 -16.35 18.97
CA VAL C 115 -15.93 -16.59 20.25
C VAL C 115 -16.93 -16.71 21.41
N LYS C 116 -16.84 -17.85 22.09
CA LYS C 116 -17.60 -18.06 23.30
C LYS C 116 -16.87 -17.49 24.50
N ARG C 117 -17.55 -16.61 25.23
CA ARG C 117 -17.00 -16.08 26.47
C ARG C 117 -16.94 -17.16 27.54
N LEU C 118 -15.74 -17.56 27.91
CA LEU C 118 -15.62 -18.59 28.91
C LEU C 118 -15.69 -18.03 30.32
N ILE C 119 -16.76 -18.36 31.02
CA ILE C 119 -16.94 -17.99 32.43
C ILE C 119 -17.52 -19.20 33.13
N TYR C 120 -16.88 -19.64 34.20
CA TYR C 120 -17.37 -20.81 34.91
C TYR C 120 -17.15 -20.68 36.42
N THR C 121 -17.96 -21.39 37.19
CA THR C 121 -17.74 -21.55 38.60
C THR C 121 -17.05 -22.88 38.90
N ASN C 122 -15.93 -22.79 39.63
CA ASN C 122 -15.14 -23.98 39.97
C ASN C 122 -15.62 -24.63 41.23
N ASP C 123 -15.07 -25.81 41.52
CA ASP C 123 -15.30 -26.53 42.77
C ASP C 123 -15.23 -25.71 44.08
N ALA C 124 -14.48 -24.61 44.09
CA ALA C 124 -14.25 -23.83 45.31
C ALA C 124 -15.32 -22.76 45.51
N GLY C 125 -16.16 -22.56 44.49
CA GLY C 125 -17.21 -21.54 44.53
C GLY C 125 -16.83 -20.22 43.86
N GLU C 126 -15.71 -20.21 43.15
CA GLU C 126 -15.14 -18.98 42.59
C GLU C 126 -15.56 -18.81 41.14
N ILE C 127 -15.84 -17.57 40.76
CA ILE C 127 -16.11 -17.26 39.37
C ILE C 127 -14.79 -17.07 38.65
N VAL C 128 -14.58 -17.81 37.57
CA VAL C 128 -13.34 -17.72 36.85
C VAL C 128 -13.59 -17.30 35.41
N LYS C 129 -12.87 -16.25 35.00
CA LYS C 129 -12.92 -15.72 33.64
C LYS C 129 -11.82 -16.34 32.77
N GLY C 130 -12.19 -16.94 31.63
CA GLY C 130 -11.19 -17.46 30.67
C GLY C 130 -10.48 -16.30 29.99
N VAL C 131 -9.16 -16.36 29.89
CA VAL C 131 -8.35 -15.16 29.71
C VAL C 131 -8.53 -14.54 28.34
N CYS C 132 -8.45 -15.38 27.31
CA CYS C 132 -8.40 -14.90 25.94
C CYS C 132 -9.79 -14.70 25.39
N SER C 133 -10.70 -15.57 25.81
CA SER C 133 -12.08 -15.46 25.40
C SER C 133 -12.67 -14.16 25.94
N ASN C 134 -12.38 -13.83 27.19
CA ASN C 134 -12.89 -12.56 27.71
C ASN C 134 -12.23 -11.33 27.12
N PHE C 135 -10.96 -11.46 26.76
CA PHE C 135 -10.25 -10.35 26.14
C PHE C 135 -10.87 -10.09 24.78
N LEU C 136 -11.00 -11.16 24.00
CA LEU C 136 -11.63 -11.07 22.70
C LEU C 136 -13.04 -10.46 22.82
N CYS C 137 -13.89 -11.10 23.61
CA CYS C 137 -15.30 -10.72 23.71
C CYS C 137 -15.46 -9.29 24.21
N ASP C 138 -14.41 -8.77 24.84
CA ASP C 138 -14.39 -7.41 25.37
C ASP C 138 -13.93 -6.32 24.38
N LEU C 139 -13.34 -6.71 23.24
CA LEU C 139 -12.70 -5.77 22.34
C LEU C 139 -13.66 -4.68 21.92
N GLN C 140 -13.17 -3.44 21.91
CA GLN C 140 -13.92 -2.36 21.28
C GLN C 140 -13.40 -2.07 19.87
N PRO C 141 -14.30 -1.63 18.97
CA PRO C 141 -13.82 -1.22 17.64
C PRO C 141 -12.74 -0.19 17.80
N GLY C 142 -11.59 -0.45 17.22
CA GLY C 142 -10.47 0.45 17.34
C GLY C 142 -9.33 -0.19 18.09
N ASP C 143 -9.62 -1.21 18.87
CA ASP C 143 -8.55 -1.84 19.65
C ASP C 143 -7.54 -2.64 18.80
N ASN C 144 -6.36 -2.84 19.36
CA ASN C 144 -5.35 -3.66 18.72
C ASN C 144 -5.51 -5.10 19.12
N VAL C 145 -5.40 -6.00 18.14
CA VAL C 145 -5.40 -7.43 18.42
C VAL C 145 -4.14 -8.09 17.84
N GLN C 146 -3.54 -8.95 18.65
CA GLN C 146 -2.32 -9.66 18.28
C GLN C 146 -2.62 -11.05 17.74
N ILE C 147 -2.39 -11.21 16.44
CA ILE C 147 -2.90 -12.35 15.69
C ILE C 147 -1.73 -13.20 15.22
N THR C 148 -1.88 -14.51 15.25
CA THR C 148 -0.90 -15.37 14.58
C THR C 148 -1.58 -16.30 13.58
N GLY C 149 -0.79 -16.79 12.63
CA GLY C 149 -1.25 -17.81 11.69
C GLY C 149 -0.84 -17.59 10.24
N PRO C 150 -1.66 -18.08 9.29
CA PRO C 150 -2.79 -18.96 9.55
C PRO C 150 -2.31 -20.30 10.09
N VAL C 151 -3.22 -21.06 10.68
CA VAL C 151 -2.84 -22.28 11.37
C VAL C 151 -3.76 -23.43 10.91
N GLY C 152 -3.16 -24.59 10.69
CA GLY C 152 -3.94 -25.79 10.38
C GLY C 152 -4.03 -26.14 8.89
N LYS C 153 -3.95 -27.42 8.60
CA LYS C 153 -4.30 -27.96 7.28
C LYS C 153 -5.53 -28.92 7.32
N GLU C 154 -5.91 -29.34 8.53
CA GLU C 154 -6.77 -30.49 8.69
C GLU C 154 -8.21 -30.21 8.30
N MET C 155 -8.72 -29.01 8.57
CA MET C 155 -10.08 -28.67 8.16
C MET C 155 -10.28 -27.99 6.80
N LEU C 156 -9.29 -28.13 5.91
CA LEU C 156 -9.35 -27.54 4.55
C LEU C 156 -10.40 -28.22 3.68
N MET C 157 -10.98 -27.47 2.78
CA MET C 157 -12.12 -27.94 1.96
C MET C 157 -11.70 -28.96 0.92
N PRO C 158 -12.65 -29.82 0.51
CA PRO C 158 -12.26 -30.78 -0.51
C PRO C 158 -11.92 -30.05 -1.80
N LYS C 159 -10.92 -30.55 -2.54
CA LYS C 159 -10.69 -30.08 -3.90
C LYS C 159 -11.97 -30.22 -4.73
N ASP C 160 -12.74 -31.29 -4.47
CA ASP C 160 -13.86 -31.68 -5.34
C ASP C 160 -15.05 -30.72 -5.21
N PRO C 161 -15.34 -29.96 -6.25
CA PRO C 161 -16.39 -28.95 -6.13
C PRO C 161 -17.78 -29.57 -6.18
N ASN C 162 -17.88 -30.85 -6.51
CA ASN C 162 -19.18 -31.56 -6.47
C ASN C 162 -19.32 -32.49 -5.27
N ALA C 163 -18.60 -32.19 -4.20
CA ALA C 163 -18.49 -33.12 -3.10
C ALA C 163 -19.77 -33.10 -2.26
N THR C 164 -20.01 -34.19 -1.57
CA THR C 164 -20.89 -34.17 -0.44
C THR C 164 -20.09 -33.82 0.81
N ILE C 165 -20.40 -32.65 1.38
CA ILE C 165 -19.72 -32.15 2.56
C ILE C 165 -20.69 -32.21 3.71
N ILE C 166 -20.39 -33.06 4.70
CA ILE C 166 -21.24 -33.22 5.88
C ILE C 166 -20.57 -32.55 7.08
N MET C 167 -21.27 -31.56 7.63
CA MET C 167 -20.68 -30.67 8.59
C MET C 167 -21.39 -30.85 9.92
N LEU C 168 -20.63 -31.27 10.92
CA LEU C 168 -21.17 -31.62 12.19
C LEU C 168 -20.55 -30.63 13.15
N ALA C 169 -21.38 -29.78 13.75
CA ALA C 169 -20.85 -28.72 14.60
C ALA C 169 -21.56 -28.68 15.93
N THR C 170 -20.85 -28.26 16.98
CA THR C 170 -21.53 -27.87 18.20
C THR C 170 -21.02 -26.51 18.65
N GLY C 171 -21.92 -25.63 19.09
CA GLY C 171 -21.53 -24.33 19.60
C GLY C 171 -20.67 -23.66 18.57
N THR C 172 -19.45 -23.25 18.98
CA THR C 172 -18.64 -22.38 18.14
C THR C 172 -17.91 -23.20 17.08
N GLY C 173 -18.12 -24.51 17.10
CA GLY C 173 -17.69 -25.35 15.98
C GLY C 173 -18.35 -25.04 14.64
N ILE C 174 -19.36 -24.17 14.64
CA ILE C 174 -19.97 -23.67 13.39
C ILE C 174 -19.00 -22.81 12.59
N ALA C 175 -17.93 -22.32 13.22
CA ALA C 175 -17.06 -21.31 12.61
C ALA C 175 -16.45 -21.69 11.23
N PRO C 176 -15.73 -22.80 11.14
CA PRO C 176 -15.14 -23.07 9.83
C PRO C 176 -16.22 -23.32 8.80
N PHE C 177 -17.38 -23.80 9.26
CA PHE C 177 -18.46 -24.17 8.37
C PHE C 177 -19.17 -22.91 7.87
N ARG C 178 -19.20 -21.89 8.70
CA ARG C 178 -19.67 -20.60 8.22
C ARG C 178 -18.74 -20.16 7.11
N SER C 179 -17.46 -20.46 7.25
CA SER C 179 -16.47 -20.12 6.26
C SER C 179 -16.66 -20.92 4.97
N PHE C 180 -16.81 -22.23 5.07
CA PHE C 180 -17.09 -23.08 3.91
C PHE C 180 -18.31 -22.51 3.12
N LEU C 181 -19.38 -22.24 3.86
CA LEU C 181 -20.68 -22.06 3.26
C LEU C 181 -20.83 -20.68 2.61
N TRP C 182 -20.15 -19.71 3.19
CA TRP C 182 -20.03 -18.45 2.52
C TRP C 182 -19.42 -18.60 1.14
N LYS C 183 -18.34 -19.40 1.04
CA LYS C 183 -17.65 -19.56 -0.25
C LYS C 183 -18.52 -20.34 -1.22
N MET C 184 -19.19 -21.37 -0.72
CA MET C 184 -20.04 -22.21 -1.56
C MET C 184 -21.27 -21.46 -2.05
N PHE C 185 -21.91 -20.67 -1.17
CA PHE C 185 -23.24 -20.13 -1.50
C PHE C 185 -23.40 -18.61 -1.56
N PHE C 186 -22.41 -17.86 -1.09
CA PHE C 186 -22.54 -16.40 -1.11
C PHE C 186 -21.56 -15.71 -2.08
N GLU C 187 -20.71 -16.49 -2.74
CA GLU C 187 -19.63 -15.94 -3.54
C GLU C 187 -19.55 -16.58 -4.91
N LYS C 188 -19.14 -15.80 -5.90
CA LYS C 188 -18.82 -16.30 -7.23
C LYS C 188 -17.33 -16.36 -7.39
N HIS C 189 -16.81 -17.53 -7.77
CA HIS C 189 -15.39 -17.68 -8.09
C HIS C 189 -15.25 -18.47 -9.34
N ASP C 190 -14.37 -18.02 -10.24
CA ASP C 190 -14.11 -18.76 -11.49
C ASP C 190 -13.60 -20.18 -11.27
N ASP C 191 -12.81 -20.40 -10.23
CA ASP C 191 -12.15 -21.70 -10.10
C ASP C 191 -12.88 -22.61 -9.12
N TYR C 192 -14.07 -22.19 -8.70
CA TYR C 192 -14.83 -22.98 -7.76
C TYR C 192 -16.34 -22.73 -7.82
N LYS C 193 -17.06 -23.68 -8.42
CA LYS C 193 -18.52 -23.68 -8.45
C LYS C 193 -19.06 -24.92 -7.75
N PHE C 194 -19.59 -24.72 -6.55
CA PHE C 194 -19.96 -25.84 -5.74
C PHE C 194 -21.25 -26.39 -6.26
N ASN C 195 -21.29 -27.69 -6.49
CA ASN C 195 -22.50 -28.26 -7.02
C ASN C 195 -22.83 -29.60 -6.39
N GLY C 196 -22.35 -29.83 -5.17
CA GLY C 196 -22.64 -31.05 -4.45
C GLY C 196 -23.70 -30.78 -3.41
N LEU C 197 -23.69 -31.61 -2.37
CA LEU C 197 -24.60 -31.42 -1.26
C LEU C 197 -23.83 -30.97 -0.02
N GLY C 198 -24.20 -29.82 0.51
CA GLY C 198 -23.68 -29.36 1.80
C GLY C 198 -24.72 -29.61 2.88
N TRP C 199 -24.35 -30.38 3.90
CA TRP C 199 -25.32 -30.82 4.89
C TRP C 199 -24.85 -30.52 6.28
N LEU C 200 -25.41 -29.47 6.87
CA LEU C 200 -24.95 -28.97 8.14
C LEU C 200 -25.84 -29.45 9.27
N PHE C 201 -25.21 -30.06 10.28
CA PHE C 201 -25.83 -30.25 11.56
C PHE C 201 -25.15 -29.36 12.60
N LEU C 202 -25.96 -28.59 13.34
CA LEU C 202 -25.50 -27.72 14.41
C LEU C 202 -26.25 -28.05 15.69
N GLY C 203 -25.51 -28.40 16.74
CA GLY C 203 -26.10 -28.74 18.04
C GLY C 203 -25.79 -27.61 18.99
N VAL C 204 -26.80 -27.15 19.72
CA VAL C 204 -26.63 -26.13 20.77
C VAL C 204 -27.62 -26.46 21.89
N PRO C 205 -27.48 -25.82 23.06
CA PRO C 205 -28.43 -26.18 24.12
C PRO C 205 -29.77 -25.42 24.06
N THR C 206 -29.78 -24.17 23.59
CA THR C 206 -31.04 -23.38 23.45
C THR C 206 -31.14 -22.63 22.14
N SER C 207 -32.34 -22.16 21.82
CA SER C 207 -32.58 -21.47 20.58
C SER C 207 -31.84 -20.17 20.60
N SER C 208 -31.71 -19.60 21.78
CA SER C 208 -31.00 -18.35 21.92
C SER C 208 -29.49 -18.58 21.74
N SER C 209 -29.07 -19.84 21.65
CA SER C 209 -27.66 -20.17 21.47
C SER C 209 -27.34 -20.50 20.03
N LEU C 210 -28.36 -20.56 19.20
CA LEU C 210 -28.17 -20.69 17.75
C LEU C 210 -27.28 -19.59 17.19
N LEU C 211 -26.50 -19.93 16.17
CA LEU C 211 -25.50 -19.03 15.59
C LEU C 211 -25.69 -18.90 14.08
N TYR C 212 -25.74 -17.66 13.58
CA TYR C 212 -25.88 -17.39 12.14
C TYR C 212 -27.14 -18.02 11.46
N LYS C 213 -28.18 -18.31 12.23
CA LYS C 213 -29.37 -18.97 11.69
C LYS C 213 -29.90 -18.31 10.43
N GLU C 214 -29.93 -16.98 10.45
CA GLU C 214 -30.42 -16.18 9.33
C GLU C 214 -29.59 -16.35 8.06
N GLU C 215 -28.27 -16.46 8.20
CA GLU C 215 -27.42 -16.60 7.02
C GLU C 215 -27.72 -17.96 6.37
N PHE C 216 -27.86 -19.00 7.19
CA PHE C 216 -28.11 -20.34 6.68
C PHE C 216 -29.51 -20.41 6.10
N GLY C 217 -30.43 -19.69 6.71
CA GLY C 217 -31.76 -19.48 6.15
C GLY C 217 -31.71 -18.91 4.76
N LYS C 218 -30.89 -17.88 4.55
CA LYS C 218 -30.64 -17.33 3.23
C LYS C 218 -30.00 -18.33 2.26
N MET C 219 -29.04 -19.12 2.75
CA MET C 219 -28.38 -20.12 1.90
C MET C 219 -29.37 -21.18 1.43
N LYS C 220 -30.22 -21.66 2.36
CA LYS C 220 -31.24 -22.68 2.04
C LYS C 220 -32.18 -22.17 0.95
N GLU C 221 -32.57 -20.91 1.05
CA GLU C 221 -33.43 -20.27 0.08
C GLU C 221 -32.86 -20.29 -1.31
N ARG C 222 -31.59 -19.91 -1.46
CA ARG C 222 -30.97 -19.80 -2.78
C ARG C 222 -30.37 -21.10 -3.34
N ALA C 223 -30.14 -22.11 -2.51
CA ALA C 223 -29.68 -23.41 -2.98
C ALA C 223 -30.38 -24.58 -2.28
N PRO C 224 -31.72 -24.64 -2.41
CA PRO C 224 -32.49 -25.70 -1.76
C PRO C 224 -32.10 -27.12 -2.17
N GLU C 225 -31.51 -27.27 -3.35
CA GLU C 225 -31.07 -28.58 -3.84
C GLU C 225 -29.68 -28.93 -3.33
N ASN C 226 -28.91 -27.93 -2.94
CA ASN C 226 -27.47 -28.11 -2.74
C ASN C 226 -27.07 -27.98 -1.29
N PHE C 227 -28.00 -27.56 -0.46
CA PHE C 227 -27.70 -27.25 0.94
C PHE C 227 -28.82 -27.71 1.86
N ARG C 228 -28.46 -28.42 2.92
CA ARG C 228 -29.41 -28.77 3.98
C ARG C 228 -28.87 -28.31 5.32
N VAL C 229 -29.76 -27.83 6.19
CA VAL C 229 -29.39 -27.52 7.57
C VAL C 229 -30.35 -28.11 8.60
N ASP C 230 -29.81 -28.77 9.60
CA ASP C 230 -30.61 -29.42 10.65
C ASP C 230 -30.12 -29.01 12.04
N TYR C 231 -31.02 -28.42 12.80
CA TYR C 231 -30.65 -27.90 14.11
C TYR C 231 -30.97 -28.95 15.20
N ALA C 232 -30.14 -29.04 16.22
CA ALA C 232 -30.44 -29.94 17.34
C ALA C 232 -30.34 -29.18 18.65
N VAL C 233 -31.51 -28.81 19.18
CA VAL C 233 -31.58 -27.94 20.34
C VAL C 233 -31.96 -28.78 21.58
N SER C 234 -30.94 -29.33 22.24
CA SER C 234 -31.11 -30.35 23.28
C SER C 234 -32.14 -30.04 24.37
N ARG C 235 -32.27 -28.77 24.78
CA ARG C 235 -33.15 -28.44 25.89
C ARG C 235 -34.58 -28.15 25.46
N GLU C 236 -34.83 -28.04 24.15
CA GLU C 236 -36.12 -27.56 23.68
C GLU C 236 -36.74 -28.54 22.68
N GLN C 237 -35.90 -29.40 22.12
CA GLN C 237 -36.40 -30.40 21.18
C GLN C 237 -36.22 -31.83 21.69
N THR C 238 -37.22 -32.66 21.41
CA THR C 238 -37.17 -34.10 21.66
C THR C 238 -37.54 -34.77 20.33
N ASN C 239 -37.19 -36.05 20.16
CA ASN C 239 -37.99 -36.92 19.29
C ASN C 239 -39.22 -37.44 20.03
N ALA C 240 -40.07 -38.21 19.36
CA ALA C 240 -41.30 -38.66 20.03
C ALA C 240 -41.01 -39.77 21.05
N ALA C 241 -39.80 -40.31 20.99
CA ALA C 241 -39.31 -41.16 22.04
C ALA C 241 -38.95 -40.38 23.31
N GLY C 242 -39.10 -39.05 23.26
CA GLY C 242 -38.88 -38.19 24.43
C GLY C 242 -37.42 -37.98 24.78
N GLU C 243 -36.55 -38.29 23.83
CA GLU C 243 -35.11 -38.11 23.98
C GLU C 243 -34.72 -36.72 23.53
N ARG C 244 -33.87 -36.07 24.32
CA ARG C 244 -33.41 -34.72 24.04
C ARG C 244 -32.67 -34.72 22.72
N MET C 245 -32.72 -33.59 22.01
CA MET C 245 -32.08 -33.52 20.69
C MET C 245 -30.62 -33.01 20.69
N TYR C 246 -29.67 -33.88 21.04
CA TYR C 246 -28.27 -33.55 20.83
C TYR C 246 -27.94 -33.79 19.37
N ILE C 247 -26.75 -33.38 18.92
CA ILE C 247 -26.44 -33.43 17.50
C ILE C 247 -26.64 -34.84 17.00
N GLN C 248 -26.31 -35.84 17.83
CA GLN C 248 -26.36 -37.26 17.42
C GLN C 248 -27.79 -37.84 17.31
N THR C 249 -28.69 -37.26 18.09
CA THR C 249 -30.08 -37.65 18.08
C THR C 249 -30.72 -37.15 16.79
N ARG C 250 -30.38 -35.90 16.41
CA ARG C 250 -30.83 -35.36 15.13
C ARG C 250 -30.26 -36.16 13.98
N MET C 251 -28.98 -36.49 14.06
CA MET C 251 -28.36 -37.33 13.04
C MET C 251 -29.07 -38.67 12.87
N ALA C 252 -29.46 -39.28 13.99
CA ALA C 252 -30.09 -40.61 13.96
C ALA C 252 -31.38 -40.66 13.12
N GLU C 253 -32.05 -39.54 13.00
CA GLU C 253 -33.24 -39.46 12.19
C GLU C 253 -32.93 -39.61 10.70
N TYR C 254 -31.69 -39.36 10.30
CA TYR C 254 -31.28 -39.54 8.91
C TYR C 254 -30.27 -40.70 8.83
N LYS C 255 -30.36 -41.60 9.80
CA LYS C 255 -29.32 -42.57 10.04
C LYS C 255 -28.91 -43.37 8.80
N GLU C 256 -29.86 -43.93 8.06
CA GLU C 256 -29.50 -44.68 6.84
C GLU C 256 -29.05 -43.79 5.69
N GLU C 257 -29.66 -42.62 5.56
CA GLU C 257 -29.31 -41.72 4.47
C GLU C 257 -27.86 -41.31 4.60
N LEU C 258 -27.45 -40.95 5.81
CA LEU C 258 -26.06 -40.59 6.06
C LEU C 258 -25.16 -41.77 5.77
N TRP C 259 -25.60 -42.96 6.19
CA TRP C 259 -24.75 -44.15 6.13
C TRP C 259 -24.49 -44.59 4.72
N GLU C 260 -25.51 -44.45 3.89
CA GLU C 260 -25.35 -44.60 2.44
C GLU C 260 -24.33 -43.61 1.86
N LEU C 261 -24.48 -42.34 2.20
CA LEU C 261 -23.59 -41.30 1.73
C LEU C 261 -22.14 -41.57 2.11
N LEU C 262 -21.95 -42.21 3.26
CA LEU C 262 -20.62 -42.53 3.76
C LEU C 262 -19.90 -43.62 2.98
N LYS C 263 -20.63 -44.41 2.20
CA LYS C 263 -19.99 -45.41 1.34
C LYS C 263 -19.40 -44.82 0.03
N LYS C 264 -19.46 -43.50 -0.12
CA LYS C 264 -19.12 -42.87 -1.39
C LYS C 264 -17.74 -42.21 -1.45
N ASP C 265 -17.14 -42.28 -2.63
CA ASP C 265 -15.84 -41.70 -2.92
C ASP C 265 -15.83 -40.23 -2.52
N ASN C 266 -16.93 -39.55 -2.82
CA ASN C 266 -16.95 -38.11 -2.85
C ASN C 266 -17.68 -37.52 -1.65
N THR C 267 -17.80 -38.29 -0.57
CA THR C 267 -18.32 -37.76 0.66
C THR C 267 -17.20 -37.46 1.61
N TYR C 268 -17.25 -36.26 2.20
CA TYR C 268 -16.28 -35.83 3.20
C TYR C 268 -17.05 -35.32 4.43
N VAL C 269 -16.71 -35.88 5.59
CA VAL C 269 -17.31 -35.46 6.86
C VAL C 269 -16.32 -34.58 7.60
N TYR C 270 -16.80 -33.42 8.04
CA TYR C 270 -16.02 -32.56 8.90
C TYR C 270 -16.77 -32.38 10.19
N MET C 271 -16.04 -32.35 11.29
CA MET C 271 -16.58 -32.27 12.65
C MET C 271 -15.77 -31.22 13.43
N CYS C 272 -16.47 -30.25 14.01
CA CYS C 272 -15.83 -29.16 14.74
C CYS C 272 -16.62 -28.78 15.98
N GLY C 273 -15.94 -28.42 17.06
CA GLY C 273 -16.64 -27.97 18.26
C GLY C 273 -16.09 -28.57 19.54
N LEU C 274 -16.95 -28.63 20.55
CA LEU C 274 -16.61 -29.20 21.85
C LEU C 274 -16.27 -30.69 21.76
N LYS C 275 -15.05 -31.07 22.16
CA LYS C 275 -14.73 -32.49 22.32
C LYS C 275 -15.81 -32.97 23.26
N GLY C 276 -16.32 -34.16 22.98
CA GLY C 276 -17.41 -34.68 23.80
C GLY C 276 -18.63 -34.81 22.93
N MET C 277 -18.70 -33.99 21.91
CA MET C 277 -19.65 -34.22 20.86
C MET C 277 -19.26 -35.52 20.15
N GLU C 278 -17.97 -35.86 20.21
CA GLU C 278 -17.47 -36.89 19.34
C GLU C 278 -18.10 -38.24 19.72
N LYS C 279 -18.07 -38.55 21.01
CA LYS C 279 -18.57 -39.83 21.53
C LYS C 279 -20.03 -40.12 21.14
N GLY C 280 -20.92 -39.13 21.29
CA GLY C 280 -22.33 -39.35 20.94
C GLY C 280 -22.50 -39.80 19.50
N ILE C 281 -21.70 -39.19 18.62
CA ILE C 281 -21.76 -39.48 17.19
C ILE C 281 -21.16 -40.86 16.89
N ASP C 282 -19.99 -41.17 17.46
CA ASP C 282 -19.46 -42.54 17.40
C ASP C 282 -20.49 -43.60 17.70
N ASP C 283 -21.20 -43.47 18.83
CA ASP C 283 -22.13 -44.50 19.27
C ASP C 283 -23.23 -44.74 18.25
N ILE C 284 -23.74 -43.66 17.66
CA ILE C 284 -24.64 -43.76 16.50
C ILE C 284 -24.04 -44.53 15.32
N MET C 285 -22.80 -44.22 14.99
CA MET C 285 -22.10 -44.95 13.93
C MET C 285 -21.82 -46.37 14.34
N VAL C 286 -21.52 -46.59 15.62
CA VAL C 286 -21.17 -47.93 16.09
C VAL C 286 -22.30 -48.92 15.74
N SER C 287 -23.54 -48.54 16.05
CA SER C 287 -24.68 -49.42 15.80
C SER C 287 -25.12 -49.45 14.34
N LEU C 288 -24.78 -48.40 13.59
CA LEU C 288 -24.91 -48.47 12.13
C LEU C 288 -23.89 -49.42 11.51
N ALA C 289 -22.68 -49.45 12.05
CA ALA C 289 -21.65 -50.36 11.59
C ALA C 289 -22.02 -51.82 11.88
N GLU C 290 -22.28 -52.14 13.15
CA GLU C 290 -22.62 -53.52 13.56
C GLU C 290 -23.78 -54.11 12.76
N LYS C 291 -24.66 -53.26 12.27
CA LYS C 291 -25.76 -53.70 11.44
C LYS C 291 -25.24 -54.32 10.14
N ASP C 292 -24.01 -53.98 9.74
CA ASP C 292 -23.41 -54.50 8.49
C ASP C 292 -22.23 -55.46 8.72
N GLY C 293 -22.00 -55.86 9.97
CA GLY C 293 -20.85 -56.71 10.30
C GLY C 293 -19.54 -55.94 10.44
N ILE C 294 -19.62 -54.64 10.20
CA ILE C 294 -18.45 -53.76 10.13
C ILE C 294 -18.10 -53.19 11.50
N ASP C 295 -16.80 -53.14 11.82
CA ASP C 295 -16.32 -52.39 12.98
C ASP C 295 -16.18 -50.92 12.60
N TRP C 296 -17.02 -50.07 13.19
CA TRP C 296 -17.01 -48.63 12.92
C TRP C 296 -15.63 -48.07 13.00
N PHE C 297 -14.87 -48.47 14.01
CA PHE C 297 -13.57 -47.85 14.23
C PHE C 297 -12.58 -48.19 13.13
N ASP C 298 -12.68 -49.38 12.55
CA ASP C 298 -11.86 -49.76 11.39
C ASP C 298 -12.22 -48.93 10.17
N TYR C 299 -13.51 -48.75 10.00
CA TYR C 299 -14.06 -47.96 8.90
C TYR C 299 -13.71 -46.48 9.03
N LYS C 300 -13.77 -45.96 10.26
CA LYS C 300 -13.40 -44.59 10.55
C LYS C 300 -11.92 -44.29 10.20
N LYS C 301 -10.98 -44.93 10.90
CA LYS C 301 -9.54 -44.66 10.68
C LYS C 301 -9.20 -44.79 9.21
N GLN C 302 -10.02 -45.52 8.49
CA GLN C 302 -9.85 -45.74 7.06
C GLN C 302 -10.57 -44.69 6.17
N LEU C 303 -11.60 -44.06 6.72
CA LEU C 303 -12.09 -42.81 6.14
C LEU C 303 -11.12 -41.67 6.34
N LYS C 304 -10.51 -41.59 7.53
CA LYS C 304 -9.47 -40.59 7.83
C LYS C 304 -8.34 -40.69 6.82
N ARG C 305 -7.92 -41.92 6.51
CA ARG C 305 -6.88 -42.14 5.50
C ARG C 305 -7.29 -41.63 4.12
N GLY C 306 -8.59 -41.51 3.88
CA GLY C 306 -9.08 -40.92 2.62
C GLY C 306 -9.54 -39.46 2.71
N ASP C 307 -9.15 -38.77 3.78
CA ASP C 307 -9.46 -37.35 3.98
C ASP C 307 -10.95 -37.14 4.20
N GLN C 308 -11.64 -38.14 4.71
CA GLN C 308 -13.11 -38.13 4.66
C GLN C 308 -13.77 -37.97 6.03
N TRP C 309 -12.97 -37.97 7.10
CA TRP C 309 -13.50 -37.81 8.43
C TRP C 309 -12.62 -36.86 9.19
N ASN C 310 -12.91 -35.58 9.07
CA ASN C 310 -11.98 -34.55 9.56
C ASN C 310 -12.47 -33.92 10.84
N VAL C 311 -11.66 -33.98 11.90
CA VAL C 311 -12.06 -33.58 13.27
C VAL C 311 -11.14 -32.55 13.92
N GLU C 312 -11.72 -31.40 14.23
CA GLU C 312 -11.12 -30.37 15.04
C GLU C 312 -12.10 -30.05 16.15
N VAL C 313 -11.93 -30.70 17.29
CA VAL C 313 -12.73 -30.42 18.47
C VAL C 313 -11.80 -30.03 19.57
N TYR C 314 -12.35 -29.49 20.66
CA TYR C 314 -11.56 -28.78 21.64
C TYR C 314 -12.30 -28.58 22.96
N ALA D 1 -1.20 -50.34 -2.12
CA ALA D 1 -0.26 -49.41 -1.42
C ALA D 1 1.04 -49.31 -2.16
N THR D 2 1.46 -50.38 -2.82
CA THR D 2 2.74 -50.40 -3.56
C THR D 2 2.58 -51.02 -4.94
N TYR D 3 3.09 -50.33 -5.96
CA TYR D 3 2.88 -50.79 -7.31
C TYR D 3 4.21 -51.03 -7.98
N ASN D 4 4.19 -51.92 -8.98
CA ASN D 4 5.34 -52.08 -9.83
C ASN D 4 5.28 -51.09 -10.96
N VAL D 5 6.25 -50.19 -10.98
CA VAL D 5 6.43 -49.32 -12.13
C VAL D 5 7.68 -49.71 -12.92
N LYS D 6 7.49 -49.92 -14.21
CA LYS D 6 8.61 -50.30 -15.04
C LYS D 6 9.00 -49.04 -15.79
N LEU D 7 10.28 -48.70 -15.69
CA LEU D 7 10.79 -47.46 -16.22
C LEU D 7 11.64 -47.75 -17.46
N ILE D 8 11.13 -47.39 -18.64
CA ILE D 8 11.88 -47.57 -19.86
C ILE D 8 12.66 -46.29 -20.17
N THR D 9 13.94 -46.31 -19.85
CA THR D 9 14.82 -45.19 -20.16
C THR D 9 15.61 -45.46 -21.44
N PRO D 10 16.25 -44.41 -22.00
CA PRO D 10 17.10 -44.56 -23.20
C PRO D 10 18.30 -45.49 -22.98
N GLU D 11 18.50 -45.93 -21.73
CA GLU D 11 19.53 -46.92 -21.37
C GLU D 11 18.96 -48.31 -21.04
N GLY D 12 17.68 -48.54 -21.31
CA GLY D 12 17.09 -49.83 -21.02
C GLY D 12 15.84 -49.71 -20.19
N GLU D 13 15.75 -50.46 -19.10
CA GLU D 13 14.45 -50.84 -18.55
C GLU D 13 14.56 -51.32 -17.11
N VAL D 14 14.10 -50.48 -16.19
CA VAL D 14 14.21 -50.81 -14.77
C VAL D 14 12.85 -51.10 -14.11
N GLU D 15 12.86 -51.91 -13.06
CA GLU D 15 11.63 -52.15 -12.29
C GLU D 15 11.71 -51.59 -10.87
N LEU D 16 10.73 -50.77 -10.53
CA LEU D 16 10.61 -50.22 -9.17
C LEU D 16 9.34 -50.68 -8.47
N GLN D 17 9.39 -50.77 -7.16
CA GLN D 17 8.17 -50.88 -6.37
C GLN D 17 7.87 -49.53 -5.74
N VAL D 18 6.82 -48.85 -6.21
CA VAL D 18 6.50 -47.48 -5.77
C VAL D 18 5.25 -47.41 -4.89
N PRO D 19 5.41 -46.92 -3.66
CA PRO D 19 4.22 -46.83 -2.80
C PRO D 19 3.24 -45.84 -3.39
N ASP D 20 1.96 -46.01 -3.10
CA ASP D 20 0.91 -45.28 -3.80
C ASP D 20 0.82 -43.82 -3.40
N ASP D 21 1.75 -43.40 -2.54
CA ASP D 21 1.80 -42.04 -2.01
C ASP D 21 3.24 -41.51 -2.03
N VAL D 22 4.08 -42.14 -2.85
CA VAL D 22 5.39 -41.56 -3.14
C VAL D 22 5.40 -41.27 -4.62
N TYR D 23 5.73 -40.02 -4.98
CA TYR D 23 5.94 -39.60 -6.36
C TYR D 23 6.94 -40.51 -7.04
N ILE D 24 6.69 -40.84 -8.30
CA ILE D 24 7.58 -41.70 -9.05
C ILE D 24 9.04 -41.27 -9.13
N LEU D 25 9.31 -40.00 -9.41
CA LEU D 25 10.70 -39.53 -9.42
C LEU D 25 11.41 -39.80 -8.09
N ASP D 26 10.69 -39.61 -6.99
CA ASP D 26 11.25 -39.70 -5.64
C ASP D 26 11.71 -41.12 -5.31
N GLN D 27 10.90 -42.11 -5.72
CA GLN D 27 11.28 -43.50 -5.57
C GLN D 27 12.47 -43.81 -6.48
N ALA D 28 12.33 -43.42 -7.74
CA ALA D 28 13.42 -43.52 -8.70
C ALA D 28 14.70 -43.01 -8.03
N GLU D 29 14.65 -41.83 -7.44
CA GLU D 29 15.83 -41.25 -6.81
C GLU D 29 16.33 -42.11 -5.64
N GLU D 30 15.43 -42.54 -4.78
CA GLU D 30 15.77 -43.45 -3.65
C GLU D 30 16.47 -44.72 -4.12
N ASP D 31 16.08 -45.21 -5.29
CA ASP D 31 16.57 -46.48 -5.80
C ASP D 31 17.74 -46.26 -6.77
N GLY D 32 18.30 -45.06 -6.74
CA GLY D 32 19.50 -44.73 -7.54
C GLY D 32 19.33 -44.46 -9.03
N ILE D 33 18.10 -44.43 -9.51
CA ILE D 33 17.89 -44.14 -10.92
C ILE D 33 17.77 -42.63 -11.14
N ASP D 34 18.62 -42.11 -12.03
CA ASP D 34 18.65 -40.69 -12.38
C ASP D 34 17.70 -40.28 -13.51
N LEU D 35 16.63 -39.61 -13.12
CA LEU D 35 15.63 -39.12 -14.06
C LEU D 35 15.76 -37.61 -14.16
N PRO D 36 15.62 -37.03 -15.36
CA PRO D 36 15.75 -35.58 -15.45
C PRO D 36 14.64 -34.90 -14.69
N TYR D 37 14.96 -33.71 -14.19
CA TYR D 37 14.06 -32.98 -13.34
C TYR D 37 14.55 -31.56 -13.16
N SER D 38 13.64 -30.62 -12.94
CA SER D 38 13.99 -29.22 -12.82
C SER D 38 13.23 -28.55 -11.68
N CYS D 39 11.99 -28.15 -11.95
CA CYS D 39 11.19 -27.40 -10.97
C CYS D 39 10.74 -28.31 -9.84
N ARG D 40 10.51 -29.57 -10.19
CA ARG D 40 9.95 -30.57 -9.29
C ARG D 40 8.60 -30.17 -8.67
N ALA D 41 7.78 -29.48 -9.45
CA ALA D 41 6.53 -28.93 -8.91
C ALA D 41 5.35 -29.03 -9.91
N GLY D 42 5.51 -29.89 -10.93
CA GLY D 42 4.48 -30.13 -11.93
C GLY D 42 4.10 -28.94 -12.80
N SER D 43 5.03 -28.04 -13.09
CA SER D 43 4.71 -26.98 -14.04
C SER D 43 5.79 -26.65 -15.03
N CYS D 44 6.60 -27.63 -15.38
CA CYS D 44 7.42 -27.56 -16.59
C CYS D 44 7.47 -28.93 -17.27
N SER D 45 8.24 -29.04 -18.35
CA SER D 45 8.27 -30.27 -19.14
C SER D 45 9.39 -31.27 -18.69
N SER D 46 10.26 -30.81 -17.80
CA SER D 46 11.58 -31.40 -17.69
C SER D 46 11.51 -32.91 -17.38
N CYS D 47 10.57 -33.31 -16.55
CA CYS D 47 10.48 -34.67 -16.10
C CYS D 47 9.47 -35.45 -16.96
N ALA D 48 9.10 -34.89 -18.11
CA ALA D 48 8.08 -35.50 -18.97
C ALA D 48 8.38 -36.95 -19.23
N GLY D 49 7.38 -37.80 -18.98
CA GLY D 49 7.42 -39.21 -19.43
C GLY D 49 6.21 -39.56 -20.24
N LYS D 50 6.09 -40.81 -20.66
CA LYS D 50 4.82 -41.28 -21.24
C LYS D 50 4.30 -42.60 -20.66
N VAL D 51 3.05 -42.62 -20.21
CA VAL D 51 2.44 -43.87 -19.71
C VAL D 51 2.12 -44.84 -20.85
N VAL D 52 2.73 -46.02 -20.83
CA VAL D 52 2.51 -47.01 -21.89
C VAL D 52 1.35 -47.92 -21.52
N SER D 53 1.24 -48.25 -20.23
CA SER D 53 0.03 -48.85 -19.69
C SER D 53 -0.03 -48.58 -18.19
N GLY D 54 -1.19 -48.84 -17.59
CA GLY D 54 -1.43 -48.56 -16.17
C GLY D 54 -1.88 -47.12 -16.06
N SER D 55 -2.02 -46.64 -14.82
CA SER D 55 -2.56 -45.30 -14.58
C SER D 55 -1.82 -44.56 -13.47
N VAL D 56 -1.78 -43.23 -13.59
CA VAL D 56 -1.22 -42.40 -12.54
C VAL D 56 -2.23 -41.40 -11.99
N ASP D 57 -2.03 -40.98 -10.75
CA ASP D 57 -2.72 -39.80 -10.20
C ASP D 57 -1.71 -38.66 -10.29
N GLN D 58 -2.08 -37.61 -11.01
CA GLN D 58 -1.21 -36.49 -11.22
C GLN D 58 -1.51 -35.26 -10.36
N CYS D 59 -2.42 -35.42 -9.40
CA CYS D 59 -2.61 -34.47 -8.30
C CYS D 59 -2.50 -32.98 -8.68
N ASP D 60 -3.37 -32.58 -9.60
CA ASP D 60 -3.50 -31.20 -10.06
C ASP D 60 -2.15 -30.60 -10.42
N GLN D 61 -1.48 -31.21 -11.38
CA GLN D 61 -0.29 -30.59 -11.95
C GLN D 61 -0.70 -29.41 -12.83
N SER D 62 0.25 -28.51 -13.10
CA SER D 62 -0.03 -27.22 -13.76
C SER D 62 0.31 -27.17 -15.24
N TYR D 63 1.07 -28.14 -15.75
CA TYR D 63 1.73 -27.96 -17.06
C TYR D 63 0.98 -28.61 -18.20
N LEU D 64 0.65 -29.88 -18.05
CA LEU D 64 -0.02 -30.65 -19.09
C LEU D 64 -1.49 -30.25 -19.19
N ASP D 65 -1.98 -30.06 -20.41
CA ASP D 65 -3.41 -29.85 -20.63
C ASP D 65 -4.14 -31.19 -20.78
N ASP D 66 -5.45 -31.14 -20.98
CA ASP D 66 -6.27 -32.35 -20.94
C ASP D 66 -5.92 -33.24 -22.12
N GLY D 67 -5.72 -32.63 -23.27
CA GLY D 67 -5.43 -33.38 -24.48
C GLY D 67 -4.19 -34.20 -24.24
N GLN D 68 -3.15 -33.51 -23.79
CA GLN D 68 -1.89 -34.17 -23.46
C GLN D 68 -2.03 -35.27 -22.43
N ILE D 69 -2.76 -35.00 -21.37
CA ILE D 69 -2.95 -36.02 -20.35
C ILE D 69 -3.63 -37.25 -20.96
N ALA D 70 -4.67 -37.01 -21.75
CA ALA D 70 -5.36 -38.09 -22.45
C ALA D 70 -4.43 -38.87 -23.38
N ASP D 71 -3.42 -38.19 -23.94
CA ASP D 71 -2.46 -38.84 -24.84
C ASP D 71 -1.51 -39.74 -24.06
N GLY D 72 -1.58 -39.69 -22.73
CA GLY D 72 -0.65 -40.47 -21.90
C GLY D 72 0.59 -39.81 -21.32
N TRP D 73 0.77 -38.51 -21.54
CA TRP D 73 1.91 -37.77 -20.98
C TRP D 73 1.90 -37.76 -19.49
N VAL D 74 3.04 -37.98 -18.85
CA VAL D 74 3.15 -37.87 -17.38
C VAL D 74 4.27 -36.90 -16.97
N LEU D 75 4.04 -36.17 -15.89
CA LEU D 75 5.16 -35.49 -15.24
C LEU D 75 5.66 -36.32 -14.06
N THR D 76 6.78 -37.00 -14.27
CA THR D 76 7.23 -38.02 -13.34
C THR D 76 7.57 -37.52 -11.91
N CYS D 77 7.73 -36.19 -11.75
CA CYS D 77 8.03 -35.61 -10.42
C CYS D 77 6.75 -35.40 -9.63
N HIS D 78 5.62 -35.39 -10.35
CA HIS D 78 4.33 -35.05 -9.79
C HIS D 78 3.32 -36.12 -10.09
N ALA D 79 3.79 -37.36 -10.21
CA ALA D 79 2.83 -38.46 -10.43
C ALA D 79 2.94 -39.59 -9.41
N TYR D 80 1.80 -39.93 -8.80
CA TYR D 80 1.62 -41.14 -7.97
C TYR D 80 1.06 -42.26 -8.82
N PRO D 81 1.56 -43.51 -8.62
CA PRO D 81 1.03 -44.70 -9.28
C PRO D 81 -0.31 -45.09 -8.69
N THR D 82 -1.31 -45.35 -9.54
CA THR D 82 -2.56 -45.91 -9.04
C THR D 82 -2.79 -47.36 -9.50
N SER D 83 -1.73 -47.96 -10.04
CA SER D 83 -1.72 -49.34 -10.53
C SER D 83 -0.29 -49.65 -10.97
N ASP D 84 -0.05 -50.85 -11.48
CA ASP D 84 1.24 -51.17 -12.04
C ASP D 84 1.31 -50.39 -13.34
N VAL D 85 2.46 -49.78 -13.62
CA VAL D 85 2.54 -48.76 -14.64
C VAL D 85 3.82 -48.96 -15.44
N VAL D 86 3.74 -48.77 -16.75
CA VAL D 86 4.93 -48.70 -17.58
C VAL D 86 5.10 -47.31 -18.17
N ILE D 87 6.19 -46.63 -17.79
CA ILE D 87 6.47 -45.27 -18.28
C ILE D 87 7.74 -45.20 -19.12
N GLU D 88 7.63 -44.53 -20.28
CA GLU D 88 8.78 -44.11 -21.07
C GLU D 88 9.28 -42.72 -20.63
N THR D 89 10.55 -42.65 -20.27
CA THR D 89 11.09 -41.46 -19.62
C THR D 89 11.92 -40.63 -20.58
N HIS D 90 12.38 -39.46 -20.12
CA HIS D 90 13.28 -38.61 -20.89
C HIS D 90 12.64 -38.17 -22.16
N LYS D 91 11.51 -37.50 -22.08
CA LYS D 91 10.69 -37.27 -23.27
C LYS D 91 10.24 -35.82 -23.55
N GLU D 92 11.14 -34.85 -23.48
CA GLU D 92 10.87 -33.57 -24.14
C GLU D 92 10.97 -33.71 -25.67
N GLU D 93 10.25 -34.73 -26.17
CA GLU D 93 9.64 -34.75 -27.50
C GLU D 93 8.17 -34.37 -27.25
N GLU D 94 7.81 -34.36 -25.97
CA GLU D 94 6.79 -33.48 -25.39
C GLU D 94 6.51 -32.23 -26.25
N LEU D 95 7.37 -31.24 -26.11
CA LEU D 95 8.09 -30.66 -27.23
C LEU D 95 8.57 -29.28 -26.85
N CYS E 19 -9.00 36.40 -7.85
CA CYS E 19 -9.52 35.07 -8.32
C CYS E 19 -8.72 34.62 -9.52
N SER E 20 -8.00 33.51 -9.31
CA SER E 20 -7.14 32.92 -10.32
C SER E 20 -7.97 32.38 -11.49
N LYS E 21 -7.49 32.63 -12.70
CA LYS E 21 -8.10 31.99 -13.82
C LYS E 21 -7.41 30.67 -14.08
N LYS E 22 -6.34 30.41 -13.34
CA LYS E 22 -5.65 29.13 -13.52
C LYS E 22 -6.04 28.15 -12.43
N GLN E 23 -5.84 26.85 -12.70
CA GLN E 23 -6.20 25.78 -11.75
C GLN E 23 -5.76 26.05 -10.30
N GLU E 24 -6.63 25.78 -9.33
CA GLU E 24 -6.17 25.90 -7.93
C GLU E 24 -6.63 24.77 -7.00
N GLU E 25 -7.87 24.34 -7.16
CA GLU E 25 -8.37 23.14 -6.52
C GLU E 25 -7.52 21.93 -6.87
N GLY E 26 -7.18 21.14 -5.85
CA GLY E 26 -6.38 19.92 -6.02
C GLY E 26 -4.90 20.10 -6.33
N VAL E 27 -4.39 21.32 -6.25
CA VAL E 27 -3.00 21.57 -6.52
C VAL E 27 -2.32 21.49 -5.17
N VAL E 28 -1.18 20.81 -5.11
CA VAL E 28 -0.35 20.81 -3.91
C VAL E 28 1.08 21.19 -4.29
N THR E 29 1.82 21.77 -3.36
CA THR E 29 3.25 22.01 -3.54
C THR E 29 4.06 21.55 -2.33
N ASN E 30 5.32 21.20 -2.59
CA ASN E 30 6.33 21.04 -1.58
C ASN E 30 5.91 20.01 -0.54
N LEU E 31 5.37 18.88 -0.97
CA LEU E 31 5.35 17.67 -0.15
C LEU E 31 6.76 17.20 0.17
N TYR E 32 7.76 17.64 -0.58
CA TYR E 32 9.13 17.17 -0.33
C TYR E 32 10.15 18.25 -0.63
N LYS E 33 11.09 18.44 0.31
CA LYS E 33 12.03 19.54 0.22
C LYS E 33 13.45 18.96 0.17
N PRO E 34 14.42 19.79 -0.27
CA PRO E 34 15.78 19.30 -0.42
C PRO E 34 16.30 18.63 0.87
N LYS E 35 15.92 19.16 2.02
CA LYS E 35 16.40 18.59 3.28
C LYS E 35 16.04 17.10 3.46
N GLU E 36 15.01 16.64 2.75
CA GLU E 36 14.47 15.30 2.93
C GLU E 36 13.64 14.93 1.70
N PRO E 37 14.33 14.63 0.59
CA PRO E 37 13.70 14.36 -0.70
C PRO E 37 13.03 13.00 -0.71
N TYR E 38 12.14 12.81 -1.68
CA TYR E 38 11.54 11.52 -1.91
C TYR E 38 12.46 10.73 -2.81
N VAL E 39 12.62 9.45 -2.50
CA VAL E 39 13.54 8.62 -3.27
C VAL E 39 12.76 7.73 -4.24
N GLY E 40 12.79 8.11 -5.51
CA GLY E 40 12.05 7.38 -6.53
C GLY E 40 12.97 6.42 -7.26
N ARG E 41 12.40 5.74 -8.24
CA ARG E 41 13.19 4.79 -9.01
C ARG E 41 13.07 5.15 -10.48
N CYS E 42 14.17 5.09 -11.21
CA CYS E 42 14.12 5.23 -12.65
C CYS E 42 13.46 4.01 -13.32
N LEU E 43 12.33 4.23 -13.98
CA LEU E 43 11.61 3.14 -14.63
C LEU E 43 12.12 3.02 -16.06
N LEU E 44 12.26 4.16 -16.73
CA LEU E 44 12.99 4.21 -17.99
C LEU E 44 13.69 5.54 -18.24
N ASN E 45 14.64 5.51 -19.18
CA ASN E 45 15.39 6.66 -19.56
C ASN E 45 15.87 6.47 -20.99
N THR E 46 15.39 7.30 -21.90
CA THR E 46 15.44 7.01 -23.31
C THR E 46 15.77 8.26 -24.08
N LYS E 47 16.86 8.23 -24.85
CA LYS E 47 17.23 9.39 -25.65
C LYS E 47 16.16 9.69 -26.71
N ILE E 48 15.73 10.94 -26.79
CA ILE E 48 14.64 11.26 -27.72
C ILE E 48 15.04 12.15 -28.88
N THR E 49 16.31 12.57 -28.92
CA THR E 49 16.89 13.22 -30.10
C THR E 49 17.73 12.28 -30.95
N GLY E 50 17.87 12.62 -32.23
CA GLY E 50 18.61 11.83 -33.22
C GLY E 50 20.10 12.01 -33.03
N ASP E 51 20.86 10.97 -33.42
CA ASP E 51 22.28 10.81 -33.05
C ASP E 51 23.14 11.99 -33.54
N ASP E 52 22.58 12.77 -34.44
CA ASP E 52 23.31 13.86 -35.05
C ASP E 52 22.89 15.23 -34.52
N ALA E 53 21.99 15.25 -33.54
CA ALA E 53 21.52 16.51 -32.93
C ALA E 53 22.67 17.26 -32.29
N PRO E 54 22.49 18.57 -32.05
CA PRO E 54 23.50 19.29 -31.29
C PRO E 54 23.76 18.61 -29.97
N GLY E 55 22.71 18.48 -29.17
CA GLY E 55 22.87 18.01 -27.81
C GLY E 55 21.75 17.12 -27.33
N GLU E 56 22.13 15.96 -26.77
CA GLU E 56 21.18 14.94 -26.37
C GLU E 56 20.08 15.48 -25.46
N THR E 57 18.83 15.13 -25.76
CA THR E 57 17.76 15.29 -24.79
C THR E 57 17.14 13.94 -24.48
N TRP E 58 16.93 13.67 -23.19
CA TRP E 58 16.43 12.36 -22.78
C TRP E 58 15.07 12.49 -22.14
N HIS E 59 14.20 11.53 -22.41
CA HIS E 59 12.94 11.39 -21.69
C HIS E 59 13.10 10.29 -20.68
N MET E 60 12.73 10.56 -19.43
CA MET E 60 12.86 9.57 -18.36
C MET E 60 11.64 9.56 -17.44
N VAL E 61 11.33 8.38 -16.89
CA VAL E 61 10.17 8.19 -16.03
C VAL E 61 10.60 7.64 -14.70
N PHE E 62 10.16 8.30 -13.63
CA PHE E 62 10.40 7.83 -12.27
C PHE E 62 9.13 7.40 -11.63
N SER E 63 9.27 6.52 -10.65
CA SER E 63 8.16 6.00 -9.88
C SER E 63 7.94 6.92 -8.66
N THR E 64 6.70 7.05 -8.20
CA THR E 64 6.38 7.97 -7.11
C THR E 64 5.48 7.30 -6.09
N GLU E 65 5.11 6.04 -6.33
CA GLU E 65 4.13 5.36 -5.51
C GLU E 65 2.92 6.25 -5.27
N GLY E 66 2.74 7.26 -6.11
CA GLY E 66 1.59 8.12 -5.97
C GLY E 66 1.70 9.10 -4.81
N LYS E 67 2.92 9.28 -4.33
CA LYS E 67 3.15 10.13 -3.20
C LYS E 67 3.50 11.55 -3.62
N ILE E 68 3.46 11.79 -4.94
CA ILE E 68 3.71 13.12 -5.52
C ILE E 68 2.61 13.50 -6.49
N PRO E 69 1.40 13.79 -5.96
CA PRO E 69 0.29 14.13 -6.86
C PRO E 69 0.42 15.54 -7.48
N TYR E 70 1.33 15.70 -8.44
CA TYR E 70 1.52 16.96 -9.16
C TYR E 70 0.37 17.28 -10.11
N ARG E 71 0.41 18.47 -10.71
CA ARG E 71 -0.60 18.85 -11.69
C ARG E 71 0.09 19.39 -12.92
N GLU E 72 -0.59 19.31 -14.07
CA GLU E 72 -0.03 19.84 -15.31
C GLU E 72 0.49 21.23 -15.04
N GLY E 73 1.71 21.50 -15.48
CA GLY E 73 2.34 22.84 -15.32
C GLY E 73 3.45 22.92 -14.27
N GLN E 74 3.43 22.00 -13.31
CA GLN E 74 4.41 22.06 -12.22
C GLN E 74 5.78 21.46 -12.55
N SER E 75 6.75 21.69 -11.67
CA SER E 75 8.07 21.12 -11.83
C SER E 75 8.34 20.14 -10.68
N ILE E 76 9.47 19.47 -10.71
CA ILE E 76 9.97 18.76 -9.52
C ILE E 76 11.43 19.08 -9.46
N GLY E 77 12.01 19.05 -8.28
CA GLY E 77 13.46 19.23 -8.15
C GLY E 77 14.14 17.87 -8.11
N VAL E 78 15.33 17.82 -8.69
CA VAL E 78 16.19 16.68 -8.57
C VAL E 78 17.44 17.04 -7.78
N ILE E 79 17.83 16.18 -6.83
CA ILE E 79 19.08 16.31 -6.09
C ILE E 79 20.06 15.20 -6.45
N ALA E 80 21.05 15.59 -7.26
CA ALA E 80 21.99 14.65 -7.85
C ALA E 80 22.92 14.06 -6.79
N ASP E 81 23.27 12.79 -6.99
CA ASP E 81 24.10 12.06 -6.05
C ASP E 81 25.46 12.75 -5.92
N GLY E 82 26.11 12.57 -4.77
CA GLY E 82 27.48 13.04 -4.57
C GLY E 82 27.58 14.41 -3.92
N VAL E 83 28.78 15.00 -3.96
CA VAL E 83 29.04 16.33 -3.38
C VAL E 83 29.70 17.23 -4.41
N ASP E 84 29.61 18.54 -4.18
CA ASP E 84 30.26 19.54 -5.06
C ASP E 84 31.74 19.70 -4.71
N LYS E 85 32.39 20.67 -5.34
CA LYS E 85 33.82 20.89 -5.10
C LYS E 85 34.14 21.28 -3.66
N ASN E 86 33.14 21.74 -2.92
CA ASN E 86 33.35 22.12 -1.52
C ASN E 86 32.85 21.10 -0.50
N GLY E 87 32.41 19.94 -0.96
CA GLY E 87 31.90 18.90 -0.05
C GLY E 87 30.46 19.08 0.44
N LYS E 88 29.74 20.08 -0.07
CA LYS E 88 28.31 20.23 0.19
C LYS E 88 27.45 19.41 -0.76
N PRO E 89 26.26 18.98 -0.30
CA PRO E 89 25.37 18.34 -1.27
C PRO E 89 24.90 19.32 -2.35
N HIS E 90 24.54 18.79 -3.51
CA HIS E 90 24.24 19.61 -4.68
C HIS E 90 22.91 20.30 -4.49
N LYS E 91 22.85 21.59 -4.83
CA LYS E 91 21.58 22.33 -4.94
C LYS E 91 20.54 21.72 -5.88
N VAL E 92 19.29 21.68 -5.43
CA VAL E 92 18.22 21.21 -6.28
C VAL E 92 18.35 21.92 -7.61
N ARG E 93 18.00 21.21 -8.68
CA ARG E 93 17.75 21.82 -9.97
C ARG E 93 16.33 21.43 -10.36
N LEU E 94 15.63 22.35 -11.02
CA LEU E 94 14.24 22.14 -11.33
C LEU E 94 14.10 21.61 -12.76
N TYR E 95 13.12 20.71 -12.95
CA TYR E 95 12.78 20.19 -14.27
C TYR E 95 11.26 20.18 -14.49
N SER E 96 10.78 20.83 -15.56
CA SER E 96 9.34 20.87 -15.78
C SER E 96 8.84 19.45 -16.02
N ILE E 97 7.74 19.11 -15.36
CA ILE E 97 7.14 17.79 -15.51
C ILE E 97 6.63 17.57 -16.95
N ALA E 98 6.98 16.44 -17.55
CA ALA E 98 6.71 16.24 -18.98
C ALA E 98 5.52 15.31 -19.23
N SER E 99 5.03 14.69 -18.16
CA SER E 99 3.86 13.87 -18.25
C SER E 99 2.69 14.60 -17.61
N SER E 100 1.49 14.15 -17.91
CA SER E 100 0.27 14.65 -17.25
C SER E 100 0.12 14.14 -15.82
N ALA E 101 -0.76 14.75 -15.04
CA ALA E 101 -1.01 14.30 -13.67
C ALA E 101 -1.06 12.76 -13.58
N ILE E 102 -1.85 12.11 -14.42
CA ILE E 102 -1.97 10.63 -14.31
C ILE E 102 -0.73 9.89 -14.84
N GLY E 103 0.08 10.57 -15.65
CA GLY E 103 1.41 10.07 -16.01
C GLY E 103 1.50 9.22 -17.26
N ASP E 104 2.72 8.93 -17.67
CA ASP E 104 2.99 8.17 -18.87
C ASP E 104 2.34 6.77 -18.87
N PHE E 105 2.23 6.15 -17.69
CA PHE E 105 1.60 4.83 -17.57
C PHE E 105 0.10 4.93 -17.27
N GLY E 106 -0.37 6.12 -16.92
CA GLY E 106 -1.78 6.35 -16.59
C GLY E 106 -2.30 5.87 -15.23
N ASP E 107 -1.41 5.64 -14.28
CA ASP E 107 -1.83 5.11 -12.98
C ASP E 107 -1.57 6.04 -11.82
N SER E 108 -1.08 7.25 -12.12
CA SER E 108 -0.86 8.31 -11.14
C SER E 108 0.30 7.98 -10.19
N LYS E 109 1.20 7.10 -10.59
CA LYS E 109 2.30 6.68 -9.70
C LYS E 109 3.67 6.91 -10.35
N THR E 110 3.73 7.75 -11.37
CA THR E 110 5.01 8.08 -12.01
C THR E 110 5.04 9.52 -12.41
N VAL E 111 6.23 10.02 -12.69
CA VAL E 111 6.43 11.38 -13.14
C VAL E 111 7.52 11.29 -14.22
N SER E 112 7.43 12.16 -15.23
CA SER E 112 8.40 12.09 -16.32
C SER E 112 9.06 13.43 -16.56
N LEU E 113 10.29 13.39 -17.05
CA LEU E 113 11.06 14.61 -17.29
C LEU E 113 11.57 14.63 -18.72
N CYS E 114 11.96 15.81 -19.18
CA CYS E 114 12.55 15.96 -20.49
C CYS E 114 13.85 16.78 -20.33
N VAL E 115 14.98 16.09 -20.39
CA VAL E 115 16.22 16.65 -19.86
C VAL E 115 17.29 16.81 -20.94
N LYS E 116 17.78 18.02 -21.07
CA LYS E 116 18.90 18.30 -21.95
C LYS E 116 20.20 18.07 -21.22
N ARG E 117 21.08 17.26 -21.79
CA ARG E 117 22.39 17.03 -21.23
C ARG E 117 23.24 18.28 -21.46
N LEU E 118 23.57 18.98 -20.38
CA LEU E 118 24.41 20.15 -20.52
C LEU E 118 25.91 19.82 -20.56
N ILE E 119 26.52 20.03 -21.72
CA ILE E 119 27.96 19.92 -21.89
C ILE E 119 28.34 21.13 -22.71
N TYR E 120 29.38 21.83 -22.28
CA TYR E 120 29.83 23.01 -23.02
C TYR E 120 31.32 23.21 -22.87
N THR E 121 31.91 23.89 -23.85
CA THR E 121 33.29 24.33 -23.76
C THR E 121 33.39 25.79 -23.32
N ASN E 122 34.17 26.02 -22.26
CA ASN E 122 34.34 27.36 -21.71
C ASN E 122 35.46 28.12 -22.37
N ASP E 123 35.54 29.39 -22.01
CA ASP E 123 36.59 30.29 -22.52
C ASP E 123 38.03 29.73 -22.46
N ALA E 124 38.29 28.83 -21.50
CA ALA E 124 39.63 28.34 -21.24
C ALA E 124 39.95 27.13 -22.10
N GLY E 125 38.94 26.62 -22.83
CA GLY E 125 39.13 25.45 -23.70
C GLY E 125 38.79 24.12 -23.04
N GLU E 126 38.13 24.18 -21.88
CA GLU E 126 37.81 22.99 -21.06
C GLU E 126 36.40 22.49 -21.35
N ILE E 127 36.24 21.18 -21.41
CA ILE E 127 34.91 20.58 -21.50
C ILE E 127 34.29 20.53 -20.11
N VAL E 128 33.10 21.08 -19.97
CA VAL E 128 32.42 21.09 -18.68
C VAL E 128 31.09 20.35 -18.77
N LYS E 129 30.90 19.41 -17.84
CA LYS E 129 29.68 18.63 -17.70
C LYS E 129 28.74 19.29 -16.69
N GLY E 130 27.49 19.56 -17.08
CA GLY E 130 26.49 20.11 -16.15
C GLY E 130 26.11 19.03 -15.16
N VAL E 131 26.07 19.35 -13.87
CA VAL E 131 26.10 18.30 -12.86
C VAL E 131 24.87 17.41 -12.87
N CYS E 132 23.70 18.05 -12.84
CA CYS E 132 22.46 17.34 -12.59
C CYS E 132 21.89 16.80 -13.90
N SER E 133 22.09 17.56 -14.96
CA SER E 133 21.66 17.14 -16.28
C SER E 133 22.40 15.87 -16.68
N ASN E 134 23.69 15.80 -16.37
CA ASN E 134 24.42 14.58 -16.70
C ASN E 134 24.09 13.40 -15.78
N PHE E 135 23.81 13.70 -14.52
CA PHE E 135 23.39 12.65 -13.60
C PHE E 135 22.05 12.09 -14.09
N LEU E 136 21.10 12.98 -14.34
CA LEU E 136 19.81 12.57 -14.87
C LEU E 136 19.97 11.73 -16.13
N CYS E 137 20.61 12.30 -17.15
CA CYS E 137 20.72 11.65 -18.44
C CYS E 137 21.50 10.34 -18.37
N ASP E 138 22.24 10.15 -17.27
CA ASP E 138 23.00 8.92 -17.11
C ASP E 138 22.23 7.79 -16.41
N LEU E 139 21.07 8.11 -15.82
CA LEU E 139 20.36 7.17 -14.95
C LEU E 139 20.14 5.87 -15.67
N GLN E 140 20.35 4.74 -14.97
CA GLN E 140 19.94 3.41 -15.47
C GLN E 140 18.62 3.00 -14.84
N PRO E 141 17.79 2.24 -15.58
CA PRO E 141 16.55 1.73 -14.95
C PRO E 141 16.90 0.96 -13.71
N GLY E 142 16.26 1.28 -12.60
CA GLY E 142 16.61 0.68 -11.32
C GLY E 142 17.28 1.67 -10.37
N ASP E 143 17.87 2.72 -10.91
CA ASP E 143 18.55 3.67 -10.04
C ASP E 143 17.66 4.50 -9.13
N ASN E 144 18.23 4.97 -8.03
CA ASN E 144 17.50 5.83 -7.12
C ASN E 144 17.61 7.25 -7.56
N VAL E 145 16.49 7.97 -7.57
CA VAL E 145 16.50 9.41 -7.83
C VAL E 145 15.89 10.16 -6.67
N GLN E 146 16.57 11.22 -6.26
CA GLN E 146 16.12 12.10 -5.18
C GLN E 146 15.32 13.27 -5.71
N ILE E 147 14.02 13.27 -5.42
CA ILE E 147 13.06 14.17 -6.04
C ILE E 147 12.45 15.10 -5.00
N THR E 148 12.27 16.37 -5.35
CA THR E 148 11.49 17.25 -4.50
C THR E 148 10.27 17.83 -5.25
N GLY E 149 9.32 18.35 -4.48
CA GLY E 149 8.19 19.04 -5.07
C GLY E 149 6.83 18.65 -4.52
N PRO E 150 5.76 18.87 -5.32
CA PRO E 150 5.84 19.48 -6.63
C PRO E 150 6.15 20.96 -6.44
N VAL E 151 6.59 21.63 -7.50
CA VAL E 151 7.05 23.01 -7.42
C VAL E 151 6.31 23.88 -8.46
N GLY E 152 5.84 25.05 -8.03
CA GLY E 152 5.34 26.06 -8.94
C GLY E 152 3.83 26.13 -9.01
N LYS E 153 3.32 27.34 -9.20
CA LYS E 153 1.90 27.55 -9.50
C LYS E 153 1.71 28.25 -10.85
N GLU E 154 2.82 28.77 -11.38
CA GLU E 154 2.75 29.79 -12.41
C GLU E 154 2.33 29.22 -13.77
N MET E 155 2.73 27.98 -14.07
CA MET E 155 2.36 27.38 -15.35
C MET E 155 1.16 26.46 -15.31
N LEU E 156 0.29 26.64 -14.31
CA LEU E 156 -0.93 25.83 -14.17
C LEU E 156 -1.95 26.12 -15.27
N MET E 157 -2.75 25.12 -15.61
CA MET E 157 -3.66 25.22 -16.74
C MET E 157 -4.85 26.10 -16.44
N PRO E 158 -5.45 26.69 -17.49
CA PRO E 158 -6.61 27.52 -17.21
C PRO E 158 -7.72 26.65 -16.66
N LYS E 159 -8.53 27.20 -15.77
CA LYS E 159 -9.79 26.57 -15.36
C LYS E 159 -10.68 26.34 -16.59
N ASP E 160 -10.66 27.29 -17.51
CA ASP E 160 -11.58 27.28 -18.66
C ASP E 160 -11.27 26.13 -19.65
N PRO E 161 -12.16 25.12 -19.66
CA PRO E 161 -11.93 24.01 -20.56
C PRO E 161 -12.13 24.39 -22.02
N ASN E 162 -12.73 25.55 -22.29
CA ASN E 162 -12.87 26.00 -23.69
C ASN E 162 -11.91 27.09 -24.10
N ALA E 163 -10.75 27.11 -23.46
CA ALA E 163 -9.83 28.20 -23.58
C ALA E 163 -9.01 28.07 -24.88
N THR E 164 -8.54 29.21 -25.37
CA THR E 164 -7.46 29.17 -26.33
C THR E 164 -6.17 29.19 -25.55
N ILE E 165 -5.40 28.12 -25.72
CA ILE E 165 -4.12 28.01 -25.04
C ILE E 165 -3.04 28.06 -26.09
N ILE E 166 -2.23 29.13 -26.05
CA ILE E 166 -1.13 29.32 -26.98
C ILE E 166 0.16 28.99 -26.26
N MET E 167 0.90 28.04 -26.82
CA MET E 167 1.99 27.41 -26.09
C MET E 167 3.24 27.65 -26.90
N LEU E 168 4.15 28.40 -26.30
CA LEU E 168 5.33 28.85 -26.99
C LEU E 168 6.52 28.17 -26.32
N ALA E 169 7.18 27.25 -27.04
CA ALA E 169 8.26 26.45 -26.44
C ALA E 169 9.57 26.53 -27.21
N THR E 170 10.69 26.50 -26.51
CA THR E 170 11.95 26.19 -27.16
C THR E 170 12.68 25.08 -26.43
N GLY E 171 13.24 24.12 -27.17
CA GLY E 171 14.00 23.03 -26.62
C GLY E 171 13.16 22.34 -25.59
N THR E 172 13.69 22.18 -24.37
CA THR E 172 13.03 21.39 -23.37
C THR E 172 11.84 22.13 -22.77
N GLY E 173 11.61 23.35 -23.23
CA GLY E 173 10.39 24.08 -22.86
C GLY E 173 9.08 23.41 -23.27
N ILE E 174 9.17 22.38 -24.11
CA ILE E 174 8.02 21.58 -24.53
C ILE E 174 7.44 20.79 -23.36
N ALA E 175 8.23 20.62 -22.30
CA ALA E 175 7.83 19.73 -21.18
C ALA E 175 6.41 19.96 -20.58
N PRO E 176 6.13 21.17 -20.08
CA PRO E 176 4.81 21.35 -19.47
C PRO E 176 3.69 21.24 -20.50
N PHE E 177 4.00 21.57 -21.76
CA PHE E 177 3.03 21.53 -22.83
C PHE E 177 2.74 20.08 -23.28
N ARG E 178 3.75 19.23 -23.24
CA ARG E 178 3.49 17.81 -23.43
C ARG E 178 2.53 17.37 -22.33
N SER E 179 2.68 17.96 -21.15
CA SER E 179 1.85 17.62 -20.01
C SER E 179 0.44 18.11 -20.20
N PHE E 180 0.28 19.40 -20.45
CA PHE E 180 -1.02 19.97 -20.89
C PHE E 180 -1.69 19.04 -21.94
N LEU E 181 -0.96 18.77 -23.04
CA LEU E 181 -1.57 18.18 -24.22
C LEU E 181 -1.99 16.72 -24.03
N TRP E 182 -1.27 16.02 -23.17
CA TRP E 182 -1.67 14.69 -22.84
C TRP E 182 -3.01 14.67 -22.16
N LYS E 183 -3.23 15.60 -21.24
CA LYS E 183 -4.52 15.71 -20.54
C LYS E 183 -5.66 16.18 -21.47
N MET E 184 -5.34 17.08 -22.39
CA MET E 184 -6.36 17.60 -23.28
C MET E 184 -6.77 16.53 -24.33
N PHE E 185 -5.80 15.82 -24.90
CA PHE E 185 -6.08 15.02 -26.08
C PHE E 185 -5.86 13.50 -25.97
N PHE E 186 -5.22 13.02 -24.90
CA PHE E 186 -4.98 11.59 -24.76
C PHE E 186 -5.72 10.96 -23.60
N GLU E 187 -6.56 11.72 -22.93
CA GLU E 187 -7.19 11.28 -21.70
C GLU E 187 -8.66 11.64 -21.66
N LYS E 188 -9.45 10.79 -21.01
CA LYS E 188 -10.84 11.11 -20.68
C LYS E 188 -10.96 11.46 -19.21
N HIS E 189 -11.50 12.62 -18.91
CA HIS E 189 -11.83 12.97 -17.51
C HIS E 189 -13.19 13.54 -17.42
N ASP E 190 -13.94 13.13 -16.41
CA ASP E 190 -15.28 13.65 -16.18
C ASP E 190 -15.33 15.17 -15.97
N ASP E 191 -14.35 15.72 -15.28
CA ASP E 191 -14.40 17.11 -14.87
C ASP E 191 -13.62 18.01 -15.81
N TYR E 192 -13.20 17.46 -16.94
CA TYR E 192 -12.44 18.28 -17.90
C TYR E 192 -12.55 17.77 -19.34
N LYS E 193 -13.34 18.46 -20.15
CA LYS E 193 -13.39 18.17 -21.56
C LYS E 193 -12.94 19.38 -22.37
N PHE E 194 -11.73 19.28 -22.95
CA PHE E 194 -11.14 20.44 -23.56
C PHE E 194 -11.81 20.62 -24.87
N ASN E 195 -12.27 21.83 -25.12
CA ASN E 195 -12.94 22.07 -26.38
C ASN E 195 -12.58 23.39 -27.00
N GLY E 196 -11.45 23.95 -26.62
CA GLY E 196 -10.98 25.19 -27.20
C GLY E 196 -9.91 24.93 -28.25
N LEU E 197 -8.98 25.86 -28.39
CA LEU E 197 -7.91 25.74 -29.34
C LEU E 197 -6.58 25.64 -28.59
N GLY E 198 -5.86 24.56 -28.84
CA GLY E 198 -4.49 24.41 -28.37
C GLY E 198 -3.57 24.65 -29.54
N TRP E 199 -2.64 25.59 -29.39
CA TRP E 199 -1.81 26.01 -30.52
C TRP E 199 -0.37 26.07 -30.11
N LEU E 200 0.38 25.02 -30.46
CA LEU E 200 1.74 24.88 -29.99
C LEU E 200 2.73 25.39 -31.01
N PHE E 201 3.68 26.20 -30.54
CA PHE E 201 4.86 26.54 -31.30
C PHE E 201 6.10 26.00 -30.59
N LEU E 202 6.90 25.21 -31.31
CA LEU E 202 8.11 24.63 -30.76
C LEU E 202 9.30 24.99 -31.66
N GLY E 203 10.24 25.77 -31.12
CA GLY E 203 11.44 26.14 -31.88
C GLY E 203 12.66 25.37 -31.39
N VAL E 204 13.42 24.83 -32.35
CA VAL E 204 14.65 24.08 -32.06
C VAL E 204 15.66 24.37 -33.18
N PRO E 205 16.91 23.93 -33.03
CA PRO E 205 17.81 24.33 -34.10
C PRO E 205 17.83 23.34 -35.28
N THR E 206 17.61 22.04 -35.05
CA THR E 206 17.57 21.02 -36.12
C THR E 206 16.37 20.08 -36.02
N SER E 207 16.16 19.28 -37.05
CA SER E 207 15.06 18.34 -37.05
C SER E 207 15.36 17.25 -36.07
N SER E 208 16.63 16.96 -35.92
CA SER E 208 17.02 15.88 -35.05
C SER E 208 16.83 16.33 -33.59
N SER E 209 16.59 17.63 -33.41
CA SER E 209 16.36 18.19 -32.09
C SER E 209 14.88 18.24 -31.74
N LEU E 210 14.02 17.93 -32.70
CA LEU E 210 12.59 17.88 -32.45
C LEU E 210 12.28 16.93 -31.31
N LEU E 211 11.23 17.23 -30.55
CA LEU E 211 10.86 16.46 -29.37
C LEU E 211 9.38 16.06 -29.42
N TYR E 212 9.10 14.77 -29.20
CA TYR E 212 7.73 14.23 -29.20
C TYR E 212 6.89 14.54 -30.45
N LYS E 213 7.53 14.84 -31.58
CA LYS E 213 6.83 15.08 -32.85
C LYS E 213 5.71 14.08 -33.17
N GLU E 214 5.99 12.81 -32.97
CA GLU E 214 5.03 11.73 -33.24
C GLU E 214 3.78 11.82 -32.36
N GLU E 215 3.95 12.23 -31.11
CA GLU E 215 2.81 12.35 -30.21
C GLU E 215 1.89 13.48 -30.65
N PHE E 216 2.48 14.62 -30.99
CA PHE E 216 1.73 15.77 -31.50
C PHE E 216 1.11 15.47 -32.86
N GLY E 217 1.84 14.75 -33.69
CA GLY E 217 1.27 14.12 -34.87
C GLY E 217 -0.04 13.41 -34.59
N LYS E 218 -0.02 12.44 -33.68
CA LYS E 218 -1.25 11.76 -33.23
C LYS E 218 -2.35 12.73 -32.74
N MET E 219 -1.96 13.74 -31.96
CA MET E 219 -2.91 14.69 -31.42
C MET E 219 -3.60 15.51 -32.52
N LYS E 220 -2.81 16.01 -33.46
CA LYS E 220 -3.35 16.71 -34.63
C LYS E 220 -4.35 15.82 -35.38
N GLU E 221 -4.06 14.53 -35.49
CA GLU E 221 -4.92 13.59 -36.20
C GLU E 221 -6.29 13.44 -35.57
N ARG E 222 -6.34 13.27 -34.25
CA ARG E 222 -7.61 13.05 -33.59
C ARG E 222 -8.41 14.32 -33.26
N ALA E 223 -7.75 15.48 -33.19
CA ALA E 223 -8.44 16.74 -32.93
C ALA E 223 -7.98 17.88 -33.86
N PRO E 224 -8.18 17.70 -35.17
CA PRO E 224 -7.73 18.69 -36.14
C PRO E 224 -8.32 20.08 -35.92
N GLU E 225 -9.49 20.15 -35.29
CA GLU E 225 -10.20 21.41 -35.06
C GLU E 225 -9.75 22.07 -33.76
N ASN E 226 -9.18 21.28 -32.86
CA ASN E 226 -8.90 21.76 -31.51
C ASN E 226 -7.42 21.98 -31.22
N PHE E 227 -6.56 21.55 -32.14
CA PHE E 227 -5.13 21.52 -31.91
C PHE E 227 -4.35 21.92 -33.15
N ARG E 228 -3.39 22.83 -33.00
CA ARG E 228 -2.48 23.18 -34.07
C ARG E 228 -1.06 23.10 -33.54
N VAL E 229 -0.12 22.69 -34.40
CA VAL E 229 1.29 22.61 -34.03
C VAL E 229 2.20 23.15 -35.15
N ASP E 230 3.05 24.11 -34.81
CA ASP E 230 3.94 24.73 -35.79
C ASP E 230 5.40 24.67 -35.33
N TYR E 231 6.21 24.02 -36.15
CA TYR E 231 7.59 23.80 -35.81
C TYR E 231 8.42 24.95 -36.39
N ALA E 232 9.42 25.42 -35.64
CA ALA E 232 10.39 26.38 -36.16
C ALA E 232 11.83 25.86 -35.98
N VAL E 233 12.41 25.43 -37.09
CA VAL E 233 13.71 24.76 -37.08
C VAL E 233 14.72 25.75 -37.70
N SER E 234 15.35 26.55 -36.85
CA SER E 234 16.14 27.69 -37.29
C SER E 234 17.22 27.40 -38.33
N ARG E 235 17.86 26.24 -38.27
CA ARG E 235 18.97 25.92 -39.19
C ARG E 235 18.57 25.31 -40.54
N GLU E 236 17.31 24.91 -40.69
CA GLU E 236 16.88 24.12 -41.85
C GLU E 236 15.69 24.76 -42.55
N GLN E 237 15.02 25.69 -41.86
CA GLN E 237 13.89 26.41 -42.44
C GLN E 237 14.12 27.92 -42.54
N THR E 238 13.70 28.48 -43.67
CA THR E 238 13.67 29.93 -43.85
C THR E 238 12.20 30.28 -44.16
N ASN E 239 11.85 31.56 -44.06
CA ASN E 239 10.81 32.11 -44.94
C ASN E 239 11.40 32.56 -46.29
N ALA E 240 10.56 32.97 -47.24
CA ALA E 240 11.10 33.26 -48.57
C ALA E 240 11.88 34.56 -48.56
N ALA E 241 11.80 35.28 -47.45
CA ALA E 241 12.68 36.42 -47.21
C ALA E 241 14.11 35.98 -46.81
N GLY E 242 14.32 34.67 -46.73
CA GLY E 242 15.64 34.12 -46.47
C GLY E 242 16.04 34.24 -45.01
N GLU E 243 15.05 34.53 -44.15
CA GLU E 243 15.28 34.62 -42.70
C GLU E 243 15.08 33.28 -42.04
N ARG E 244 15.98 32.96 -41.10
CA ARG E 244 15.98 31.67 -40.44
C ARG E 244 14.73 31.57 -39.59
N MET E 245 14.21 30.36 -39.44
CA MET E 245 12.96 30.17 -38.70
C MET E 245 13.13 29.95 -37.19
N TYR E 246 13.40 31.01 -36.44
CA TYR E 246 13.26 30.94 -35.00
C TYR E 246 11.78 30.96 -34.62
N ILE E 247 11.48 30.71 -33.35
CA ILE E 247 10.10 30.58 -32.91
C ILE E 247 9.30 31.83 -33.31
N GLN E 248 9.92 33.00 -33.16
CA GLN E 248 9.24 34.27 -33.49
C GLN E 248 8.96 34.49 -34.97
N THR E 249 9.82 33.95 -35.83
CA THR E 249 9.69 34.07 -37.28
C THR E 249 8.53 33.23 -37.78
N ARG E 250 8.37 32.04 -37.18
CA ARG E 250 7.20 31.20 -37.45
C ARG E 250 5.93 31.87 -36.93
N MET E 251 6.01 32.46 -35.75
CA MET E 251 4.87 33.17 -35.21
C MET E 251 4.44 34.31 -36.12
N ALA E 252 5.42 35.05 -36.64
CA ALA E 252 5.15 36.19 -37.52
C ALA E 252 4.25 35.84 -38.72
N GLU E 253 4.25 34.58 -39.11
CA GLU E 253 3.44 34.14 -40.22
C GLU E 253 1.95 34.10 -39.85
N TYR E 254 1.65 34.03 -38.57
CA TYR E 254 0.27 34.03 -38.10
C TYR E 254 0.03 35.31 -37.33
N LYS E 255 0.89 36.28 -37.64
CA LYS E 255 1.00 37.55 -36.96
C LYS E 255 -0.35 38.13 -36.54
N GLU E 256 -1.24 38.38 -37.50
CA GLU E 256 -2.52 38.97 -37.13
C GLU E 256 -3.60 38.05 -36.56
N GLU E 257 -3.56 36.77 -36.92
CA GLU E 257 -4.40 35.78 -36.26
C GLU E 257 -4.15 35.69 -34.75
N LEU E 258 -2.86 35.61 -34.38
CA LEU E 258 -2.47 35.56 -32.97
C LEU E 258 -2.88 36.84 -32.27
N TRP E 259 -2.70 37.97 -32.96
CA TRP E 259 -2.98 39.27 -32.34
C TRP E 259 -4.43 39.43 -32.06
N GLU E 260 -5.25 38.95 -32.98
CA GLU E 260 -6.70 38.90 -32.75
C GLU E 260 -7.02 38.06 -31.54
N LEU E 261 -6.49 36.85 -31.52
CA LEU E 261 -6.67 35.94 -30.40
C LEU E 261 -6.30 36.57 -29.06
N LEU E 262 -5.35 37.50 -29.07
CA LEU E 262 -4.86 38.08 -27.85
C LEU E 262 -5.80 39.13 -27.28
N LYS E 263 -6.77 39.56 -28.06
CA LYS E 263 -7.77 40.51 -27.57
C LYS E 263 -8.93 39.83 -26.81
N LYS E 264 -8.84 38.52 -26.64
CA LYS E 264 -9.96 37.79 -26.09
C LYS E 264 -9.83 37.43 -24.63
N ASP E 265 -11.00 37.35 -23.99
CA ASP E 265 -11.15 37.04 -22.58
C ASP E 265 -10.50 35.70 -22.33
N ASN E 266 -10.66 34.80 -23.30
CA ASN E 266 -10.42 33.40 -23.04
C ASN E 266 -9.15 32.87 -23.71
N THR E 267 -8.27 33.79 -24.09
CA THR E 267 -6.96 33.41 -24.55
C THR E 267 -5.88 33.50 -23.47
N TYR E 268 -5.14 32.40 -23.29
CA TYR E 268 -4.04 32.36 -22.33
C TYR E 268 -2.78 31.93 -23.06
N VAL E 269 -1.73 32.74 -22.96
CA VAL E 269 -0.40 32.40 -23.51
C VAL E 269 0.52 31.84 -22.42
N TYR E 270 1.17 30.72 -22.72
CA TYR E 270 2.19 30.14 -21.88
C TYR E 270 3.46 30.10 -22.68
N MET E 271 4.59 30.38 -22.04
CA MET E 271 5.91 30.40 -22.67
C MET E 271 6.87 29.68 -21.75
N CYS E 272 7.61 28.72 -22.30
CA CYS E 272 8.53 27.92 -21.51
C CYS E 272 9.79 27.60 -22.33
N GLY E 273 10.96 27.61 -21.68
CA GLY E 273 12.19 27.21 -22.36
C GLY E 273 13.39 28.08 -21.98
N LEU E 274 14.33 28.18 -22.92
CA LEU E 274 15.51 29.02 -22.79
C LEU E 274 15.15 30.50 -22.78
N LYS E 275 15.50 31.19 -21.68
CA LYS E 275 15.43 32.64 -21.62
C LYS E 275 16.23 33.07 -22.84
N GLY E 276 15.73 34.08 -23.52
CA GLY E 276 16.41 34.52 -24.72
C GLY E 276 15.49 34.24 -25.87
N MET E 277 14.63 33.25 -25.71
CA MET E 277 13.50 33.16 -26.60
C MET E 277 12.61 34.38 -26.41
N GLU E 278 12.64 34.96 -25.22
CA GLU E 278 11.59 35.89 -24.84
C GLU E 278 11.67 37.13 -25.72
N LYS E 279 12.89 37.64 -25.91
CA LYS E 279 13.14 38.88 -26.62
C LYS E 279 12.64 38.84 -28.07
N GLY E 280 12.97 37.77 -28.78
CA GLY E 280 12.53 37.65 -30.19
C GLY E 280 11.02 37.83 -30.27
N ILE E 281 10.33 37.20 -29.33
CA ILE E 281 8.88 37.21 -29.34
C ILE E 281 8.38 38.61 -29.03
N ASP E 282 8.89 39.23 -27.96
CA ASP E 282 8.57 40.63 -27.66
C ASP E 282 8.64 41.52 -28.89
N ASP E 283 9.72 41.41 -29.66
CA ASP E 283 9.99 42.32 -30.78
C ASP E 283 8.92 42.17 -31.84
N ILE E 284 8.46 40.95 -32.06
CA ILE E 284 7.28 40.69 -32.90
C ILE E 284 5.99 41.31 -32.35
N MET E 285 5.82 41.24 -31.04
CA MET E 285 4.67 41.86 -30.40
C MET E 285 4.78 43.35 -30.43
N VAL E 286 6.02 43.85 -30.32
CA VAL E 286 6.28 45.28 -30.24
C VAL E 286 5.71 45.96 -31.48
N SER E 287 6.01 45.41 -32.65
CA SER E 287 5.56 46.03 -33.90
C SER E 287 4.10 45.71 -34.25
N LEU E 288 3.55 44.65 -33.67
CA LEU E 288 2.11 44.44 -33.70
C LEU E 288 1.37 45.43 -32.81
N ALA E 289 2.00 45.80 -31.69
CA ALA E 289 1.44 46.79 -30.78
C ALA E 289 1.42 48.18 -31.42
N GLU E 290 2.60 48.68 -31.78
CA GLU E 290 2.74 50.01 -32.39
C GLU E 290 1.83 50.22 -33.60
N LYS E 291 1.45 49.11 -34.24
CA LYS E 291 0.46 49.16 -35.30
C LYS E 291 -0.93 49.62 -34.82
N ASP E 292 -1.20 49.49 -33.53
CA ASP E 292 -2.48 49.93 -32.97
C ASP E 292 -2.40 51.09 -31.98
N GLY E 293 -1.24 51.74 -31.91
CA GLY E 293 -1.04 52.87 -30.98
C GLY E 293 -0.64 52.40 -29.59
N ILE E 294 -0.67 51.07 -29.42
CA ILE E 294 -0.52 50.39 -28.12
C ILE E 294 0.94 50.13 -27.78
N ASP E 295 1.33 50.41 -26.54
CA ASP E 295 2.63 49.96 -26.02
C ASP E 295 2.50 48.48 -25.62
N TRP E 296 3.15 47.62 -26.39
CA TRP E 296 3.14 46.20 -26.08
C TRP E 296 3.39 45.92 -24.61
N PHE E 297 4.35 46.62 -24.01
CA PHE E 297 4.73 46.30 -22.65
C PHE E 297 3.63 46.60 -21.65
N ASP E 298 2.82 47.63 -21.93
CA ASP E 298 1.69 47.97 -21.06
C ASP E 298 0.64 46.89 -21.16
N TYR E 299 0.46 46.42 -22.37
CA TYR E 299 -0.52 45.42 -22.69
C TYR E 299 -0.12 44.06 -22.14
N LYS E 300 1.17 43.79 -22.16
CA LYS E 300 1.72 42.55 -21.62
C LYS E 300 1.51 42.48 -20.09
N LYS E 301 2.09 43.40 -19.33
CA LYS E 301 2.00 43.36 -17.85
C LYS E 301 0.53 43.27 -17.43
N GLN E 302 -0.35 43.66 -18.33
CA GLN E 302 -1.78 43.71 -18.07
C GLN E 302 -2.49 42.38 -18.46
N LEU E 303 -1.91 41.69 -19.42
CA LEU E 303 -2.23 40.30 -19.64
C LEU E 303 -1.77 39.40 -18.50
N LYS E 304 -0.56 39.63 -17.99
CA LYS E 304 -0.05 38.94 -16.80
C LYS E 304 -0.97 39.10 -15.61
N ARG E 305 -1.50 40.32 -15.43
CA ARG E 305 -2.48 40.57 -14.37
C ARG E 305 -3.76 39.78 -14.55
N GLY E 306 -4.08 39.41 -15.80
CA GLY E 306 -5.21 38.50 -16.07
C GLY E 306 -4.88 36.99 -16.27
N ASP E 307 -3.73 36.55 -15.77
CA ASP E 307 -3.21 35.18 -15.93
C ASP E 307 -3.04 34.75 -17.40
N GLN E 308 -2.76 35.70 -18.29
CA GLN E 308 -2.82 35.41 -19.74
C GLN E 308 -1.47 35.39 -20.47
N TRP E 309 -0.38 35.64 -19.74
CA TRP E 309 0.93 35.61 -20.35
C TRP E 309 1.81 35.03 -19.32
N ASN E 310 1.99 33.72 -19.37
CA ASN E 310 2.63 32.99 -18.28
C ASN E 310 3.98 32.45 -18.74
N VAL E 311 5.05 32.87 -18.05
CA VAL E 311 6.44 32.64 -18.50
C VAL E 311 7.29 31.89 -17.48
N GLU E 312 7.85 30.77 -17.93
CA GLU E 312 8.82 30.00 -17.19
C GLU E 312 9.95 29.66 -18.14
N VAL E 313 10.95 30.54 -18.19
CA VAL E 313 12.12 30.34 -19.00
C VAL E 313 13.31 30.36 -18.09
N TYR E 314 14.45 29.95 -18.61
CA TYR E 314 15.57 29.53 -17.76
C TYR E 314 16.87 29.41 -18.54
N ALA F 1 -10.76 48.33 -9.35
CA ALA F 1 -9.92 47.72 -8.31
C ALA F 1 -10.61 47.73 -6.95
N THR F 2 -11.45 48.75 -6.69
CA THR F 2 -12.09 48.85 -5.37
C THR F 2 -13.56 49.18 -5.50
N TYR F 3 -14.41 48.42 -4.82
CA TYR F 3 -15.84 48.66 -4.94
C TYR F 3 -16.43 49.03 -3.61
N ASN F 4 -17.59 49.67 -3.67
CA ASN F 4 -18.37 49.94 -2.49
C ASN F 4 -19.33 48.82 -2.26
N VAL F 5 -19.13 48.10 -1.17
CA VAL F 5 -20.11 47.10 -0.77
C VAL F 5 -20.90 47.58 0.45
N LYS F 6 -22.21 47.53 0.34
CA LYS F 6 -23.04 47.97 1.45
C LYS F 6 -23.52 46.71 2.12
N LEU F 7 -23.28 46.65 3.42
CA LEU F 7 -23.55 45.46 4.19
C LEU F 7 -24.75 45.69 5.10
N ILE F 8 -25.92 45.18 4.69
CA ILE F 8 -27.09 45.24 5.53
C ILE F 8 -27.12 44.06 6.50
N THR F 9 -26.76 44.33 7.76
CA THR F 9 -26.84 43.34 8.81
C THR F 9 -28.09 43.56 9.70
N PRO F 10 -28.42 42.57 10.56
CA PRO F 10 -29.57 42.69 11.48
C PRO F 10 -29.41 43.85 12.51
N GLU F 11 -28.25 44.50 12.51
CA GLU F 11 -28.01 45.69 13.31
C GLU F 11 -27.96 47.00 12.50
N GLY F 12 -28.29 46.93 11.21
CA GLY F 12 -28.29 48.13 10.40
C GLY F 12 -27.52 47.95 9.10
N GLU F 13 -26.65 48.88 8.78
CA GLU F 13 -26.21 49.06 7.39
C GLU F 13 -24.85 49.72 7.32
N VAL F 14 -23.83 48.97 6.91
CA VAL F 14 -22.49 49.52 6.87
C VAL F 14 -21.97 49.67 5.42
N GLU F 15 -21.06 50.62 5.18
CA GLU F 15 -20.41 50.74 3.87
C GLU F 15 -18.92 50.44 3.92
N LEU F 16 -18.49 49.48 3.12
CA LEU F 16 -17.06 49.17 2.95
C LEU F 16 -16.55 49.50 1.56
N GLN F 17 -15.27 49.81 1.49
CA GLN F 17 -14.58 49.82 0.22
C GLN F 17 -13.80 48.49 0.08
N VAL F 18 -14.22 47.65 -0.85
CA VAL F 18 -13.59 46.32 -0.99
C VAL F 18 -12.75 46.18 -2.27
N PRO F 19 -11.45 45.90 -2.12
CA PRO F 19 -10.68 45.70 -3.34
C PRO F 19 -11.17 44.44 -4.09
N ASP F 20 -10.97 44.43 -5.40
CA ASP F 20 -11.63 43.48 -6.25
C ASP F 20 -10.97 42.11 -6.15
N ASP F 21 -10.03 41.98 -5.22
CA ASP F 21 -9.27 40.75 -5.01
C ASP F 21 -9.07 40.47 -3.51
N VAL F 22 -9.91 41.09 -2.71
CA VAL F 22 -10.03 40.72 -1.33
C VAL F 22 -11.46 40.23 -1.09
N TYR F 23 -11.58 39.03 -0.53
CA TYR F 23 -12.86 38.45 -0.18
C TYR F 23 -13.59 39.44 0.69
N ILE F 24 -14.90 39.52 0.51
CA ILE F 24 -15.74 40.40 1.30
C ILE F 24 -15.62 40.22 2.80
N LEU F 25 -15.77 39.00 3.30
CA LEU F 25 -15.62 38.77 4.74
C LEU F 25 -14.30 39.31 5.29
N ASP F 26 -13.23 39.20 4.51
CA ASP F 26 -11.89 39.59 4.96
C ASP F 26 -11.77 41.10 5.14
N GLN F 27 -12.31 41.87 4.20
CA GLN F 27 -12.45 43.31 4.35
C GLN F 27 -13.32 43.66 5.55
N ALA F 28 -14.51 43.08 5.59
CA ALA F 28 -15.38 43.25 6.74
C ALA F 28 -14.58 43.04 8.03
N GLU F 29 -13.79 41.98 8.09
CA GLU F 29 -12.99 41.70 9.28
C GLU F 29 -11.97 42.81 9.56
N GLU F 30 -11.22 43.21 8.53
CA GLU F 30 -10.28 44.34 8.60
C GLU F 30 -10.91 45.62 9.14
N ASP F 31 -12.15 45.88 8.77
CA ASP F 31 -12.79 47.14 9.09
C ASP F 31 -13.59 46.98 10.37
N GLY F 32 -13.39 45.85 11.07
CA GLY F 32 -14.06 45.60 12.36
C GLY F 32 -15.52 45.11 12.37
N ILE F 33 -16.07 44.79 11.21
CA ILE F 33 -17.41 44.26 11.17
C ILE F 33 -17.39 42.74 11.36
N ASP F 34 -18.16 42.26 12.34
CA ASP F 34 -18.26 40.82 12.65
C ASP F 34 -19.34 40.08 11.88
N LEU F 35 -18.90 39.30 10.91
CA LEU F 35 -19.81 38.50 10.11
C LEU F 35 -19.62 37.04 10.46
N PRO F 36 -20.72 36.30 10.57
CA PRO F 36 -20.57 34.90 10.95
C PRO F 36 -19.80 34.14 9.87
N TYR F 37 -19.12 33.09 10.31
CA TYR F 37 -18.21 32.35 9.44
C TYR F 37 -17.78 31.12 10.18
N SER F 38 -17.41 30.09 9.43
CA SER F 38 -17.05 28.82 10.02
C SER F 38 -15.91 28.18 9.25
N CYS F 39 -16.23 27.56 8.11
CA CYS F 39 -15.22 26.82 7.35
C CYS F 39 -14.26 27.76 6.65
N ARG F 40 -14.80 28.90 6.21
CA ARG F 40 -14.08 29.93 5.49
C ARG F 40 -13.50 29.43 4.20
N ALA F 41 -14.19 28.47 3.58
CA ALA F 41 -13.61 27.76 2.43
C ALA F 41 -14.65 27.54 1.31
N GLY F 42 -15.77 28.27 1.42
CA GLY F 42 -16.90 28.21 0.48
C GLY F 42 -17.56 26.84 0.33
N SER F 43 -17.59 26.06 1.42
CA SER F 43 -18.36 24.83 1.37
C SER F 43 -19.24 24.54 2.55
N CYS F 44 -19.73 25.59 3.20
CA CYS F 44 -20.87 25.46 4.10
C CYS F 44 -21.78 26.68 3.96
N SER F 45 -22.80 26.78 4.82
CA SER F 45 -23.79 27.83 4.72
C SER F 45 -23.45 29.05 5.61
N SER F 46 -22.43 28.90 6.46
CA SER F 46 -22.36 29.74 7.62
C SER F 46 -22.35 31.26 7.27
N CYS F 47 -21.61 31.62 6.23
CA CYS F 47 -21.40 33.00 5.91
C CYS F 47 -22.45 33.45 4.86
N ALA F 48 -23.51 32.68 4.69
CA ALA F 48 -24.51 32.95 3.66
C ALA F 48 -24.99 34.40 3.74
N GLY F 49 -24.87 35.09 2.60
CA GLY F 49 -25.52 36.38 2.40
C GLY F 49 -26.50 36.37 1.25
N LYS F 50 -27.09 37.52 0.94
CA LYS F 50 -27.86 37.65 -0.30
C LYS F 50 -27.60 38.94 -1.05
N VAL F 51 -27.23 38.81 -2.32
CA VAL F 51 -26.96 39.97 -3.15
C VAL F 51 -28.28 40.64 -3.52
N VAL F 52 -28.41 41.91 -3.17
CA VAL F 52 -29.62 42.67 -3.43
C VAL F 52 -29.44 43.44 -4.75
N SER F 53 -28.23 43.92 -5.00
CA SER F 53 -27.86 44.38 -6.33
C SER F 53 -26.35 44.33 -6.51
N GLY F 54 -25.90 44.50 -7.74
CA GLY F 54 -24.48 44.37 -8.06
C GLY F 54 -24.13 42.91 -8.25
N SER F 55 -22.83 42.62 -8.38
CA SER F 55 -22.42 41.27 -8.74
C SER F 55 -21.17 40.85 -8.00
N VAL F 56 -21.06 39.55 -7.73
CA VAL F 56 -19.86 39.01 -7.14
C VAL F 56 -19.21 37.97 -8.04
N ASP F 57 -17.92 37.73 -7.86
CA ASP F 57 -17.24 36.55 -8.38
C ASP F 57 -17.01 35.61 -7.20
N GLN F 58 -17.65 34.45 -7.26
CA GLN F 58 -17.58 33.49 -6.19
C GLN F 58 -16.56 32.36 -6.38
N CYS F 59 -15.67 32.52 -7.36
CA CYS F 59 -14.46 31.70 -7.53
C CYS F 59 -14.60 30.19 -7.24
N ASP F 60 -15.50 29.54 -7.98
CA ASP F 60 -15.77 28.10 -7.86
C ASP F 60 -15.97 27.64 -6.44
N GLN F 61 -16.95 28.20 -5.75
CA GLN F 61 -17.29 27.72 -4.43
C GLN F 61 -17.99 26.36 -4.54
N SER F 62 -18.08 25.63 -3.44
CA SER F 62 -18.52 24.23 -3.42
C SER F 62 -19.94 24.03 -2.91
N TYR F 63 -20.52 25.04 -2.26
CA TYR F 63 -21.72 24.76 -1.49
C TYR F 63 -22.99 25.08 -2.25
N LEU F 64 -23.05 26.27 -2.83
CA LEU F 64 -24.26 26.77 -3.47
C LEU F 64 -24.43 26.16 -4.86
N ASP F 65 -25.62 25.65 -5.18
CA ASP F 65 -25.92 25.19 -6.55
C ASP F 65 -26.33 26.34 -7.45
N ASP F 66 -26.60 26.02 -8.72
CA ASP F 66 -26.81 27.05 -9.73
C ASP F 66 -28.10 27.82 -9.47
N GLY F 67 -29.16 27.09 -9.16
CA GLY F 67 -30.45 27.68 -8.81
C GLY F 67 -30.22 28.73 -7.75
N GLN F 68 -29.59 28.33 -6.65
CA GLN F 68 -29.31 29.22 -5.54
C GLN F 68 -28.48 30.42 -5.94
N ILE F 69 -27.39 30.18 -6.64
CA ILE F 69 -26.59 31.29 -7.13
C ILE F 69 -27.45 32.27 -7.98
N ALA F 70 -28.29 31.72 -8.84
CA ALA F 70 -29.21 32.53 -9.64
C ALA F 70 -30.23 33.32 -8.80
N ASP F 71 -30.59 32.79 -7.64
CA ASP F 71 -31.47 33.49 -6.68
C ASP F 71 -30.78 34.63 -5.94
N GLY F 72 -29.45 34.73 -6.09
CA GLY F 72 -28.70 35.80 -5.43
C GLY F 72 -27.94 35.48 -4.16
N TRP F 73 -27.95 34.20 -3.76
CA TRP F 73 -27.19 33.74 -2.61
C TRP F 73 -25.71 33.95 -2.78
N VAL F 74 -25.05 34.46 -1.74
CA VAL F 74 -23.59 34.62 -1.73
C VAL F 74 -23.02 33.94 -0.49
N LEU F 75 -21.86 33.32 -0.67
CA LEU F 75 -21.03 32.95 0.45
C LEU F 75 -19.97 34.04 0.76
N THR F 76 -20.27 34.86 1.77
CA THR F 76 -19.49 36.06 1.96
C THR F 76 -17.98 35.85 2.21
N CYS F 77 -17.58 34.66 2.65
CA CYS F 77 -16.15 34.34 2.89
C CYS F 77 -15.41 34.00 1.62
N HIS F 78 -16.15 33.71 0.55
CA HIS F 78 -15.57 33.23 -0.70
C HIS F 78 -16.04 34.07 -1.88
N ALA F 79 -16.48 35.30 -1.63
CA ALA F 79 -16.92 36.16 -2.73
C ALA F 79 -16.07 37.41 -2.92
N TYR F 80 -15.63 37.64 -4.15
CA TYR F 80 -15.03 38.93 -4.55
C TYR F 80 -16.09 39.83 -5.18
N PRO F 81 -16.05 41.15 -4.89
CA PRO F 81 -16.92 42.13 -5.56
C PRO F 81 -16.48 42.38 -7.00
N THR F 82 -17.41 42.34 -7.96
CA THR F 82 -17.07 42.74 -9.33
C THR F 82 -17.73 44.07 -9.75
N SER F 83 -18.30 44.75 -8.76
CA SER F 83 -19.08 45.97 -8.95
C SER F 83 -19.47 46.46 -7.54
N ASP F 84 -20.13 47.60 -7.45
CA ASP F 84 -20.68 48.04 -6.19
C ASP F 84 -21.83 47.12 -5.88
N VAL F 85 -21.89 46.62 -4.65
CA VAL F 85 -22.77 45.50 -4.35
C VAL F 85 -23.50 45.81 -3.05
N VAL F 86 -24.77 45.41 -2.96
CA VAL F 86 -25.47 45.47 -1.69
C VAL F 86 -25.84 44.06 -1.24
N ILE F 87 -25.33 43.63 -0.09
CA ILE F 87 -25.56 42.26 0.37
C ILE F 87 -26.26 42.26 1.71
N GLU F 88 -27.26 41.40 1.84
CA GLU F 88 -27.91 41.12 3.13
C GLU F 88 -27.23 39.95 3.85
N THR F 89 -26.80 40.17 5.09
CA THR F 89 -25.96 39.21 5.76
C THR F 89 -26.71 38.39 6.78
N HIS F 90 -26.01 37.41 7.37
CA HIS F 90 -26.54 36.61 8.46
C HIS F 90 -27.78 35.89 8.00
N LYS F 91 -27.66 35.07 6.95
CA LYS F 91 -28.84 34.50 6.27
C LYS F 91 -28.93 32.97 6.11
N GLU F 92 -28.61 32.20 7.14
CA GLU F 92 -29.06 30.80 7.14
C GLU F 92 -30.57 30.72 7.37
N GLU F 93 -31.32 31.34 6.44
CA GLU F 93 -32.69 30.94 6.07
C GLU F 93 -32.65 30.00 4.85
N GLU F 94 -32.13 28.79 5.08
CA GLU F 94 -31.99 27.75 4.06
C GLU F 94 -31.14 26.62 4.65
N CYS G 19 2.87 36.21 4.76
CA CYS G 19 3.56 34.94 5.09
C CYS G 19 2.79 34.27 6.20
N SER G 20 2.18 33.14 5.88
CA SER G 20 1.49 32.35 6.88
C SER G 20 2.40 31.79 7.96
N LYS G 21 1.90 31.83 9.20
CA LYS G 21 2.56 31.19 10.30
C LYS G 21 2.00 29.78 10.52
N LYS G 22 1.02 29.43 9.71
CA LYS G 22 0.45 28.10 9.69
C LYS G 22 0.92 27.29 8.49
N GLN G 23 0.92 25.97 8.67
CA GLN G 23 1.29 24.99 7.64
C GLN G 23 0.75 25.38 6.28
N GLU G 24 1.60 25.30 5.25
CA GLU G 24 1.12 25.48 3.88
C GLU G 24 1.73 24.51 2.89
N GLU G 25 3.01 24.18 3.05
CA GLU G 25 3.62 23.14 2.25
C GLU G 25 2.87 21.82 2.47
N GLY G 26 2.60 21.08 1.40
CA GLY G 26 1.91 19.78 1.46
C GLY G 26 0.43 19.77 1.81
N VAL G 27 -0.19 20.94 1.82
CA VAL G 27 -1.63 21.03 2.08
C VAL G 27 -2.35 21.09 0.74
N VAL G 28 -3.39 20.26 0.58
CA VAL G 28 -4.24 20.26 -0.62
C VAL G 28 -5.71 20.43 -0.22
N THR G 29 -6.51 21.06 -1.08
CA THR G 29 -7.93 21.19 -0.79
C THR G 29 -8.80 20.80 -1.98
N ASN G 30 -10.00 20.31 -1.66
CA ASN G 30 -10.96 20.11 -2.68
C ASN G 30 -10.48 19.17 -3.77
N LEU G 31 -9.84 18.03 -3.41
CA LEU G 31 -9.64 16.95 -4.37
C LEU G 31 -10.98 16.39 -4.86
N TYR G 32 -12.02 16.59 -4.05
CA TYR G 32 -13.36 16.09 -4.36
C TYR G 32 -14.42 17.09 -3.93
N LYS G 33 -15.46 17.21 -4.75
CA LYS G 33 -16.48 18.22 -4.51
C LYS G 33 -17.84 17.53 -4.50
N PRO G 34 -18.87 18.22 -4.00
CA PRO G 34 -20.20 17.60 -3.89
C PRO G 34 -20.70 16.97 -5.19
N LYS G 35 -20.40 17.61 -6.32
CA LYS G 35 -20.83 17.10 -7.63
C LYS G 35 -20.29 15.70 -7.98
N GLU G 36 -19.23 15.28 -7.33
CA GLU G 36 -18.64 13.98 -7.58
C GLU G 36 -17.79 13.52 -6.37
N PRO G 37 -18.46 13.11 -5.29
CA PRO G 37 -17.77 12.77 -4.05
C PRO G 37 -16.85 11.56 -4.21
N TYR G 38 -15.92 11.40 -3.26
CA TYR G 38 -15.24 10.13 -3.10
C TYR G 38 -16.13 9.18 -2.31
N VAL G 39 -16.21 7.95 -2.79
CA VAL G 39 -16.96 6.88 -2.13
C VAL G 39 -16.03 6.00 -1.33
N GLY G 40 -16.05 6.17 -0.02
CA GLY G 40 -15.24 5.38 0.86
C GLY G 40 -16.10 4.39 1.61
N ARG G 41 -15.48 3.75 2.60
CA ARG G 41 -16.11 2.64 3.31
C ARG G 41 -16.00 2.91 4.78
N CYS G 42 -17.11 2.72 5.50
CA CYS G 42 -17.05 2.78 6.95
C CYS G 42 -16.23 1.59 7.45
N LEU G 43 -15.09 1.86 8.09
CA LEU G 43 -14.27 0.81 8.69
C LEU G 43 -14.74 0.41 10.10
N LEU G 44 -15.12 1.41 10.89
CA LEU G 44 -15.73 1.19 12.19
C LEU G 44 -16.53 2.42 12.58
N ASN G 45 -17.34 2.27 13.61
CA ASN G 45 -18.21 3.34 14.06
C ASN G 45 -18.63 2.99 15.48
N THR G 46 -18.22 3.79 16.42
CA THR G 46 -18.26 3.40 17.81
C THR G 46 -18.79 4.59 18.59
N LYS G 47 -19.79 4.35 19.44
CA LYS G 47 -20.19 5.37 20.38
C LYS G 47 -19.09 5.61 21.41
N ILE G 48 -18.68 6.86 21.61
CA ILE G 48 -17.64 7.18 22.60
C ILE G 48 -18.15 7.91 23.85
N THR G 49 -19.47 8.14 23.94
CA THR G 49 -20.04 8.70 25.15
C THR G 49 -20.78 7.61 25.90
N GLY G 50 -20.96 7.81 27.21
CA GLY G 50 -21.64 6.86 28.07
C GLY G 50 -23.14 6.92 27.83
N ASP G 51 -23.81 5.83 28.21
CA ASP G 51 -25.22 5.62 27.92
C ASP G 51 -26.13 6.66 28.58
N ASP G 52 -25.60 7.38 29.57
CA ASP G 52 -26.38 8.41 30.26
C ASP G 52 -26.08 9.86 29.84
N ALA G 53 -25.19 10.05 28.87
CA ALA G 53 -24.92 11.37 28.33
C ALA G 53 -26.21 12.05 27.80
N PRO G 54 -26.30 13.40 27.85
CA PRO G 54 -27.38 14.10 27.13
C PRO G 54 -27.56 13.60 25.68
N GLY G 55 -26.48 13.49 24.90
CA GLY G 55 -26.59 13.08 23.50
C GLY G 55 -25.38 12.30 23.03
N GLU G 56 -25.63 11.24 22.28
CA GLU G 56 -24.60 10.41 21.71
C GLU G 56 -23.56 11.16 20.87
N THR G 57 -22.29 10.81 21.08
CA THR G 57 -21.25 11.17 20.14
C THR G 57 -20.56 9.90 19.61
N TRP G 58 -20.38 9.79 18.30
CA TRP G 58 -19.76 8.59 17.73
C TRP G 58 -18.43 8.86 17.07
N HIS G 59 -17.47 7.97 17.28
CA HIS G 59 -16.20 8.03 16.54
C HIS G 59 -16.24 7.05 15.41
N MET G 60 -15.81 7.45 14.23
CA MET G 60 -15.97 6.58 13.09
C MET G 60 -14.82 6.76 12.12
N VAL G 61 -14.47 5.69 11.42
CA VAL G 61 -13.31 5.71 10.53
C VAL G 61 -13.72 5.21 9.15
N PHE G 62 -13.37 5.99 8.13
CA PHE G 62 -13.57 5.60 6.75
C PHE G 62 -12.24 5.31 6.02
N SER G 63 -12.33 4.47 5.01
CA SER G 63 -11.17 4.13 4.20
C SER G 63 -11.12 5.19 3.15
N THR G 64 -9.94 5.48 2.62
CA THR G 64 -9.78 6.52 1.57
C THR G 64 -8.77 6.14 0.50
N GLU G 65 -8.28 4.90 0.55
CA GLU G 65 -7.24 4.42 -0.33
C GLU G 65 -6.12 5.45 -0.47
N GLY G 66 -6.02 6.39 0.46
CA GLY G 66 -4.91 7.32 0.40
C GLY G 66 -5.15 8.42 -0.61
N LYS G 67 -6.34 8.46 -1.19
CA LYS G 67 -6.68 9.45 -2.20
C LYS G 67 -7.21 10.77 -1.61
N ILE G 68 -7.15 10.89 -0.29
CA ILE G 68 -7.52 12.13 0.39
C ILE G 68 -6.46 12.56 1.41
N PRO G 69 -5.29 13.01 0.92
CA PRO G 69 -4.21 13.34 1.84
C PRO G 69 -4.47 14.70 2.52
N TYR G 70 -5.40 14.70 3.50
CA TYR G 70 -5.68 15.84 4.36
C TYR G 70 -4.51 16.13 5.32
N ARG G 71 -4.60 17.26 6.03
CA ARG G 71 -3.59 17.63 7.00
C ARG G 71 -4.29 18.00 8.30
N GLU G 72 -3.57 17.94 9.41
CA GLU G 72 -4.16 18.27 10.69
C GLU G 72 -4.80 19.64 10.66
N GLY G 73 -6.07 19.72 11.05
CA GLY G 73 -6.80 20.99 11.05
C GLY G 73 -8.01 21.05 10.13
N GLN G 74 -7.98 20.26 9.05
CA GLN G 74 -8.94 20.39 7.96
C GLN G 74 -10.22 19.62 8.21
N SER G 75 -11.21 19.85 7.36
CA SER G 75 -12.47 19.13 7.47
C SER G 75 -12.67 18.26 6.27
N ILE G 76 -13.69 17.40 6.31
CA ILE G 76 -14.24 16.81 5.11
C ILE G 76 -15.73 16.97 5.12
N GLY G 77 -16.32 17.03 3.94
CA GLY G 77 -17.74 17.07 3.79
C GLY G 77 -18.24 15.64 3.61
N VAL G 78 -19.44 15.41 4.15
CA VAL G 78 -20.16 14.18 3.96
C VAL G 78 -21.46 14.54 3.26
N ILE G 79 -21.80 13.75 2.25
CA ILE G 79 -23.08 13.83 1.58
C ILE G 79 -23.90 12.61 1.93
N ALA G 80 -24.97 12.84 2.70
CA ALA G 80 -25.81 11.80 3.24
C ALA G 80 -26.74 11.18 2.16
N ASP G 81 -27.01 9.87 2.29
CA ASP G 81 -27.82 9.17 1.29
C ASP G 81 -29.22 9.75 1.21
N GLY G 82 -29.84 9.65 0.04
CA GLY G 82 -31.27 9.96 -0.10
C GLY G 82 -31.50 11.37 -0.57
N VAL G 83 -32.68 11.89 -0.28
CA VAL G 83 -33.12 13.15 -0.84
C VAL G 83 -33.87 13.93 0.25
N ASP G 84 -33.83 15.25 0.17
CA ASP G 84 -34.57 16.11 1.12
C ASP G 84 -36.08 16.12 0.80
N LYS G 85 -36.82 17.01 1.47
CA LYS G 85 -38.26 17.11 1.27
C LYS G 85 -38.67 17.60 -0.14
N ASN G 86 -37.74 18.21 -0.85
CA ASN G 86 -38.00 18.71 -2.19
C ASN G 86 -37.37 17.82 -3.26
N GLY G 87 -36.79 16.70 -2.84
CA GLY G 87 -36.21 15.71 -3.75
C GLY G 87 -34.84 16.04 -4.29
N LYS G 88 -34.24 17.11 -3.77
CA LYS G 88 -32.86 17.45 -4.11
C LYS G 88 -31.94 16.60 -3.26
N PRO G 89 -30.76 16.25 -3.80
CA PRO G 89 -29.79 15.61 -2.89
C PRO G 89 -29.42 16.53 -1.69
N HIS G 90 -29.04 15.91 -0.58
CA HIS G 90 -28.65 16.67 0.61
C HIS G 90 -27.41 17.48 0.39
N LYS G 91 -27.44 18.74 0.85
CA LYS G 91 -26.22 19.59 0.91
C LYS G 91 -25.12 18.94 1.76
N VAL G 92 -23.87 19.06 1.33
CA VAL G 92 -22.71 18.73 2.15
C VAL G 92 -22.88 19.29 3.56
N ARG G 93 -22.51 18.49 4.56
CA ARG G 93 -22.24 18.98 5.90
C ARG G 93 -20.78 18.67 6.18
N LEU G 94 -20.12 19.57 6.90
CA LEU G 94 -18.69 19.50 7.13
C LEU G 94 -18.45 18.85 8.47
N TYR G 95 -17.39 18.06 8.59
CA TYR G 95 -16.99 17.54 9.90
C TYR G 95 -15.50 17.69 10.03
N SER G 96 -15.03 18.34 11.10
CA SER G 96 -13.60 18.39 11.40
C SER G 96 -12.97 17.00 11.51
N ILE G 97 -11.79 16.82 10.91
CA ILE G 97 -11.14 15.50 10.89
C ILE G 97 -10.59 15.21 12.26
N ALA G 98 -10.92 14.05 12.79
CA ALA G 98 -10.57 13.73 14.15
C ALA G 98 -9.22 12.94 14.26
N SER G 99 -8.73 12.48 13.13
CA SER G 99 -7.48 11.76 13.11
C SER G 99 -6.35 12.64 12.57
N SER G 100 -5.12 12.25 12.86
CA SER G 100 -3.95 12.91 12.27
C SER G 100 -3.81 12.54 10.80
N ALA G 101 -2.96 13.26 10.07
CA ALA G 101 -2.71 12.96 8.63
C ALA G 101 -2.52 11.48 8.32
N ILE G 102 -1.60 10.81 9.03
CA ILE G 102 -1.44 9.36 8.89
C ILE G 102 -2.62 8.47 9.35
N GLY G 103 -3.44 8.98 10.28
CA GLY G 103 -4.74 8.36 10.53
C GLY G 103 -4.69 7.36 11.66
N ASP G 104 -5.87 7.04 12.19
CA ASP G 104 -6.03 6.07 13.26
C ASP G 104 -5.28 4.74 13.07
N PHE G 105 -5.21 4.26 11.83
CA PHE G 105 -4.51 3.02 11.48
C PHE G 105 -3.05 3.28 11.07
N GLY G 106 -2.69 4.56 10.95
CA GLY G 106 -1.31 4.96 10.74
C GLY G 106 -0.76 4.56 9.38
N ASP G 107 -1.64 4.41 8.40
CA ASP G 107 -1.21 4.00 7.06
C ASP G 107 -1.55 5.02 5.99
N SER G 108 -2.19 6.12 6.38
CA SER G 108 -2.50 7.21 5.46
C SER G 108 -3.62 6.88 4.50
N LYS G 109 -4.41 5.87 4.82
CA LYS G 109 -5.48 5.45 3.94
C LYS G 109 -6.85 5.60 4.60
N THR G 110 -6.93 6.37 5.68
CA THR G 110 -8.18 6.47 6.42
C THR G 110 -8.37 7.87 6.95
N VAL G 111 -9.63 8.19 7.20
CA VAL G 111 -10.00 9.47 7.79
C VAL G 111 -11.02 9.19 8.89
N SER G 112 -10.90 9.90 10.02
CA SER G 112 -11.83 9.72 11.12
C SER G 112 -12.57 10.98 11.51
N LEU G 113 -13.87 10.81 11.80
CA LEU G 113 -14.71 11.90 12.36
C LEU G 113 -15.18 11.62 13.77
N CYS G 114 -15.61 12.70 14.41
CA CYS G 114 -16.16 12.69 15.73
C CYS G 114 -17.52 13.38 15.61
N VAL G 115 -18.60 12.59 15.64
CA VAL G 115 -19.92 13.10 15.24
C VAL G 115 -20.96 13.10 16.36
N LYS G 116 -21.59 14.25 16.60
CA LYS G 116 -22.67 14.36 17.57
C LYS G 116 -23.98 14.17 16.86
N ARG G 117 -24.79 13.26 17.37
CA ARG G 117 -26.09 12.95 16.78
C ARG G 117 -27.02 14.07 17.14
N LEU G 118 -27.51 14.80 16.16
CA LEU G 118 -28.39 15.93 16.45
C LEU G 118 -29.85 15.49 16.52
N ILE G 119 -30.42 15.56 17.71
CA ILE G 119 -31.83 15.29 17.88
C ILE G 119 -32.33 16.40 18.75
N TYR G 120 -33.42 17.03 18.36
CA TYR G 120 -33.97 18.10 19.16
C TYR G 120 -35.48 18.19 19.00
N THR G 121 -36.13 18.71 20.05
CA THR G 121 -37.56 18.97 20.03
C THR G 121 -37.77 20.44 19.69
N ASN G 122 -38.54 20.69 18.63
CA ASN G 122 -38.84 22.06 18.20
C ASN G 122 -40.05 22.66 18.90
N ASP G 123 -40.33 23.93 18.59
CA ASP G 123 -41.40 24.66 19.28
C ASP G 123 -42.78 24.01 19.14
N ALA G 124 -42.95 23.17 18.12
CA ALA G 124 -44.24 22.52 17.88
C ALA G 124 -44.45 21.21 18.66
N GLY G 125 -43.42 20.76 19.35
CA GLY G 125 -43.52 19.52 20.14
C GLY G 125 -43.02 18.29 19.42
N GLU G 126 -42.49 18.48 18.21
CA GLU G 126 -42.02 17.37 17.38
C GLU G 126 -40.53 17.04 17.60
N ILE G 127 -40.22 15.75 17.58
CA ILE G 127 -38.81 15.31 17.59
C ILE G 127 -38.23 15.36 16.17
N VAL G 128 -37.13 16.09 16.01
CA VAL G 128 -36.49 16.23 14.72
C VAL G 128 -35.08 15.59 14.73
N LYS G 129 -34.81 14.75 13.73
CA LYS G 129 -33.48 14.17 13.61
C LYS G 129 -32.64 14.95 12.60
N GLY G 130 -31.43 15.34 12.99
CA GLY G 130 -30.54 16.06 12.07
C GLY G 130 -30.05 15.09 11.01
N VAL G 131 -30.13 15.51 9.74
CA VAL G 131 -30.07 14.55 8.62
C VAL G 131 -28.74 13.84 8.50
N CYS G 132 -27.65 14.62 8.43
CA CYS G 132 -26.33 14.05 8.18
C CYS G 132 -25.66 13.45 9.41
N SER G 133 -25.87 14.08 10.57
CA SER G 133 -25.46 13.50 11.85
C SER G 133 -26.09 12.14 12.18
N ASN G 134 -27.37 11.96 11.87
CA ASN G 134 -27.97 10.63 12.09
C ASN G 134 -27.62 9.58 11.06
N PHE G 135 -27.40 10.03 9.83
CA PHE G 135 -26.91 9.13 8.78
C PHE G 135 -25.54 8.59 9.22
N LEU G 136 -24.66 9.52 9.56
CA LEU G 136 -23.31 9.19 9.97
C LEU G 136 -23.33 8.24 11.18
N CYS G 137 -23.97 8.68 12.26
CA CYS G 137 -23.98 7.88 13.45
C CYS G 137 -24.57 6.50 13.21
N ASP G 138 -25.37 6.36 12.17
CA ASP G 138 -26.07 5.11 11.93
C ASP G 138 -25.25 4.16 11.07
N LEU G 139 -24.16 4.64 10.50
CA LEU G 139 -23.35 3.80 9.60
C LEU G 139 -22.97 2.43 10.20
N GLN G 140 -23.09 1.37 9.40
CA GLN G 140 -22.57 0.06 9.77
C GLN G 140 -21.26 -0.12 9.04
N PRO G 141 -20.29 -0.82 9.68
CA PRO G 141 -19.05 -1.22 9.02
C PRO G 141 -19.34 -1.91 7.69
N GLY G 142 -18.67 -1.49 6.63
CA GLY G 142 -19.03 -1.93 5.30
C GLY G 142 -19.81 -0.91 4.49
N ASP G 143 -20.51 0.01 5.14
CA ASP G 143 -21.35 0.92 4.42
C ASP G 143 -20.51 1.91 3.58
N ASN G 144 -21.12 2.42 2.52
CA ASN G 144 -20.51 3.41 1.65
C ASN G 144 -20.75 4.82 2.15
N VAL G 145 -19.68 5.61 2.25
CA VAL G 145 -19.82 7.01 2.61
C VAL G 145 -19.36 7.93 1.49
N GLN G 146 -20.19 8.91 1.12
CA GLN G 146 -19.80 9.91 0.13
C GLN G 146 -19.14 11.08 0.80
N ILE G 147 -17.88 11.32 0.43
CA ILE G 147 -16.99 12.22 1.18
C ILE G 147 -16.49 13.29 0.22
N THR G 148 -16.34 14.52 0.70
CA THR G 148 -15.68 15.59 -0.10
C THR G 148 -14.50 16.22 0.63
N GLY G 149 -13.63 16.92 -0.10
CA GLY G 149 -12.53 17.69 0.49
C GLY G 149 -11.14 17.32 0.00
N PRO G 150 -10.10 17.57 0.81
CA PRO G 150 -10.17 18.24 2.11
C PRO G 150 -10.65 19.67 1.98
N VAL G 151 -11.13 20.23 3.09
CA VAL G 151 -11.72 21.56 3.12
C VAL G 151 -11.04 22.36 4.23
N GLY G 152 -10.65 23.60 3.94
CA GLY G 152 -10.26 24.53 4.99
C GLY G 152 -8.79 24.71 5.10
N LYS G 153 -8.38 25.93 5.40
CA LYS G 153 -6.97 26.21 5.69
C LYS G 153 -6.83 26.81 7.10
N GLU G 154 -7.96 27.18 7.68
CA GLU G 154 -7.99 28.11 8.78
C GLU G 154 -7.42 27.49 10.05
N MET G 155 -7.67 26.19 10.27
CA MET G 155 -7.24 25.56 11.51
C MET G 155 -5.99 24.72 11.32
N LEU G 156 -5.18 25.05 10.33
CA LEU G 156 -3.90 24.33 10.13
C LEU G 156 -2.91 24.61 11.26
N MET G 157 -1.99 23.69 11.52
CA MET G 157 -1.11 23.84 12.67
C MET G 157 -0.10 24.93 12.41
N PRO G 158 0.48 25.48 13.49
CA PRO G 158 1.57 26.42 13.28
C PRO G 158 2.73 25.70 12.62
N LYS G 159 3.44 26.40 11.73
CA LYS G 159 4.75 25.95 11.25
C LYS G 159 5.70 25.62 12.38
N ASP G 160 5.68 26.46 13.42
CA ASP G 160 6.68 26.43 14.49
C ASP G 160 6.50 25.16 15.35
N PRO G 161 7.51 24.27 15.35
CA PRO G 161 7.38 23.06 16.18
C PRO G 161 7.48 23.36 17.69
N ASN G 162 7.96 24.55 18.04
CA ASN G 162 8.16 24.90 19.46
C ASN G 162 7.11 25.85 19.96
N ALA G 163 5.94 25.79 19.31
CA ALA G 163 4.89 26.74 19.56
C ALA G 163 4.14 26.44 20.86
N THR G 164 3.57 27.50 21.42
CA THR G 164 2.55 27.32 22.40
C THR G 164 1.20 27.26 21.69
N ILE G 165 0.60 26.08 21.72
CA ILE G 165 -0.66 25.88 21.05
C ILE G 165 -1.77 25.77 22.14
N ILE G 166 -2.69 26.73 22.15
CA ILE G 166 -3.74 26.71 23.16
C ILE G 166 -5.07 26.34 22.54
N MET G 167 -5.68 25.26 23.01
CA MET G 167 -6.74 24.60 22.25
C MET G 167 -8.02 24.61 23.07
N LEU G 168 -9.01 25.32 22.54
CA LEU G 168 -10.22 25.66 23.28
C LEU G 168 -11.41 25.03 22.60
N ALA G 169 -11.96 23.99 23.20
CA ALA G 169 -12.85 23.09 22.50
C ALA G 169 -14.10 22.89 23.33
N THR G 170 -15.23 22.77 22.67
CA THR G 170 -16.45 22.30 23.35
C THR G 170 -17.06 21.18 22.54
N GLY G 171 -17.51 20.13 23.22
CA GLY G 171 -18.10 18.96 22.54
C GLY G 171 -17.22 18.40 21.43
N THR G 172 -17.81 18.23 20.24
CA THR G 172 -17.06 17.71 19.10
C THR G 172 -15.95 18.65 18.56
N GLY G 173 -15.84 19.84 19.14
CA GLY G 173 -14.75 20.76 18.81
C GLY G 173 -13.39 20.21 19.17
N ILE G 174 -13.35 19.11 19.93
CA ILE G 174 -12.10 18.39 20.25
C ILE G 174 -11.43 17.77 19.01
N ALA G 175 -12.21 17.55 17.95
CA ALA G 175 -11.77 16.81 16.77
C ALA G 175 -10.44 17.29 16.13
N PRO G 176 -10.31 18.58 15.81
CA PRO G 176 -9.06 18.94 15.12
C PRO G 176 -7.90 18.90 16.09
N PHE G 177 -8.21 19.12 17.35
CA PHE G 177 -7.21 19.04 18.38
C PHE G 177 -6.82 17.58 18.66
N ARG G 178 -7.77 16.65 18.56
CA ARG G 178 -7.39 15.24 18.64
C ARG G 178 -6.38 14.91 17.55
N SER G 179 -6.64 15.49 16.37
CA SER G 179 -5.76 15.49 15.20
C SER G 179 -4.36 16.10 15.42
N PHE G 180 -4.30 17.31 15.97
CA PHE G 180 -3.03 17.94 16.34
C PHE G 180 -2.26 16.99 17.27
N LEU G 181 -2.92 16.52 18.32
CA LEU G 181 -2.25 15.99 19.46
C LEU G 181 -1.74 14.61 19.18
N TRP G 182 -2.43 13.91 18.29
CA TRP G 182 -1.93 12.64 17.78
C TRP G 182 -0.63 12.85 17.08
N LYS G 183 -0.52 13.91 16.28
CA LYS G 183 0.70 14.12 15.55
C LYS G 183 1.83 14.55 16.43
N MET G 184 1.51 15.40 17.40
CA MET G 184 2.50 15.95 18.34
C MET G 184 3.05 14.88 19.30
N PHE G 185 2.21 13.98 19.78
CA PHE G 185 2.64 13.14 20.88
C PHE G 185 2.57 11.64 20.62
N PHE G 186 1.80 11.19 19.62
CA PHE G 186 1.70 9.75 19.35
C PHE G 186 2.52 9.29 18.13
N GLU G 187 3.29 10.20 17.54
CA GLU G 187 3.88 9.94 16.23
C GLU G 187 5.29 10.49 16.12
N LYS G 188 6.18 9.73 15.48
CA LYS G 188 7.55 10.18 15.17
C LYS G 188 7.59 10.66 13.74
N HIS G 189 8.05 11.89 13.53
CA HIS G 189 8.20 12.43 12.19
C HIS G 189 9.49 13.15 12.11
N ASP G 190 10.26 12.85 11.07
CA ASP G 190 11.58 13.46 10.87
C ASP G 190 11.52 14.97 10.78
N ASP G 191 10.50 15.50 10.12
CA ASP G 191 10.44 16.95 9.85
C ASP G 191 9.61 17.72 10.89
N TYR G 192 9.25 17.07 11.98
CA TYR G 192 8.39 17.69 12.98
C TYR G 192 8.52 17.02 14.36
N LYS G 193 9.24 17.70 15.25
CA LYS G 193 9.40 17.28 16.64
C LYS G 193 8.88 18.40 17.50
N PHE G 194 7.69 18.21 18.04
CA PHE G 194 7.04 19.26 18.78
C PHE G 194 7.73 19.36 20.10
N ASN G 195 8.11 20.58 20.44
CA ASN G 195 8.76 20.78 21.71
C ASN G 195 8.26 22.01 22.43
N GLY G 196 7.05 22.45 22.11
CA GLY G 196 6.42 23.55 22.82
C GLY G 196 5.47 23.11 23.93
N LEU G 197 4.52 23.98 24.25
CA LEU G 197 3.50 23.63 25.21
C LEU G 197 2.14 23.50 24.53
N GLY G 198 1.50 22.34 24.68
CA GLY G 198 0.18 22.11 24.14
C GLY G 198 -0.84 22.14 25.25
N TRP G 199 -1.76 23.08 25.19
CA TRP G 199 -2.60 23.30 26.35
C TRP G 199 -4.03 23.21 26.01
N LEU G 200 -4.64 22.08 26.37
CA LEU G 200 -6.01 21.76 25.92
C LEU G 200 -7.04 22.06 26.96
N PHE G 201 -8.07 22.80 26.56
CA PHE G 201 -9.27 22.97 27.38
C PHE G 201 -10.42 22.34 26.66
N LEU G 202 -11.21 21.52 27.35
CA LEU G 202 -12.33 20.84 26.70
C LEU G 202 -13.55 20.93 27.57
N GLY G 203 -14.62 21.48 27.05
CA GLY G 203 -15.79 21.74 27.87
C GLY G 203 -16.96 20.90 27.37
N VAL G 204 -17.59 20.21 28.31
CA VAL G 204 -18.76 19.39 28.03
C VAL G 204 -19.73 19.46 29.23
N PRO G 205 -20.98 19.03 29.02
CA PRO G 205 -21.91 19.23 30.14
C PRO G 205 -21.80 18.14 31.22
N THR G 206 -21.47 16.91 30.83
CA THR G 206 -21.31 15.85 31.81
C THR G 206 -20.09 14.98 31.59
N SER G 207 -19.72 14.21 32.61
CA SER G 207 -18.55 13.36 32.51
C SER G 207 -18.77 12.35 31.42
N SER G 208 -20.00 11.90 31.30
CA SER G 208 -20.30 10.88 30.31
C SER G 208 -20.19 11.47 28.91
N SER G 209 -20.09 12.79 28.82
CA SER G 209 -19.94 13.47 27.52
C SER G 209 -18.46 13.69 27.15
N LEU G 210 -17.57 13.33 28.06
CA LEU G 210 -16.15 13.53 27.84
C LEU G 210 -15.74 12.70 26.62
N LEU G 211 -14.70 13.13 25.91
CA LEU G 211 -14.32 12.54 24.64
C LEU G 211 -12.83 12.28 24.58
N TYR G 212 -12.42 11.06 24.22
CA TYR G 212 -10.98 10.70 24.14
C TYR G 212 -10.13 10.86 25.44
N LYS G 213 -10.77 10.99 26.60
CA LYS G 213 -10.09 11.20 27.90
C LYS G 213 -8.85 10.30 28.06
N GLU G 214 -9.04 9.03 27.80
CA GLU G 214 -7.98 8.07 27.90
C GLU G 214 -6.75 8.38 27.01
N GLU G 215 -6.99 8.88 25.81
CA GLU G 215 -5.87 9.21 24.91
C GLU G 215 -5.08 10.43 25.43
N PHE G 216 -5.80 11.45 25.86
CA PHE G 216 -5.16 12.61 26.49
C PHE G 216 -4.43 12.22 27.76
N GLY G 217 -5.09 11.43 28.62
CA GLY G 217 -4.38 10.75 29.71
C GLY G 217 -3.04 10.16 29.29
N LYS G 218 -3.02 9.37 28.23
CA LYS G 218 -1.76 8.77 27.76
C LYS G 218 -0.77 9.84 27.31
N MET G 219 -1.28 10.91 26.69
CA MET G 219 -0.43 12.02 26.25
C MET G 219 0.20 12.78 27.43
N LYS G 220 -0.60 13.04 28.47
CA LYS G 220 -0.11 13.70 29.66
C LYS G 220 0.97 12.86 30.30
N GLU G 221 0.79 11.53 30.25
CA GLU G 221 1.78 10.61 30.83
C GLU G 221 3.13 10.71 30.13
N ARG G 222 3.13 10.69 28.80
CA ARG G 222 4.40 10.61 28.08
C ARG G 222 5.06 11.94 27.74
N ALA G 223 4.34 13.05 27.90
CA ALA G 223 4.93 14.39 27.76
C ALA G 223 4.44 15.38 28.80
N PRO G 224 4.71 15.09 30.09
CA PRO G 224 4.16 15.92 31.17
C PRO G 224 4.61 17.37 31.09
N GLU G 225 5.75 17.60 30.45
CA GLU G 225 6.32 18.94 30.37
C GLU G 225 5.79 19.72 29.18
N ASN G 226 5.22 19.02 28.19
CA ASN G 226 4.87 19.61 26.91
C ASN G 226 3.37 19.68 26.69
N PHE G 227 2.61 19.04 27.58
CA PHE G 227 1.18 18.90 27.37
C PHE G 227 0.41 19.13 28.64
N ARG G 228 -0.65 19.93 28.56
CA ARG G 228 -1.56 20.12 29.67
C ARG G 228 -2.99 19.97 29.19
N VAL G 229 -3.86 19.39 30.00
CA VAL G 229 -5.27 19.24 29.66
C VAL G 229 -6.14 19.59 30.84
N ASP G 230 -7.13 20.46 30.60
CA ASP G 230 -8.03 20.91 31.65
C ASP G 230 -9.47 20.71 31.20
N TYR G 231 -10.25 20.01 32.01
CA TYR G 231 -11.63 19.68 31.63
C TYR G 231 -12.56 20.64 32.34
N ALA G 232 -13.62 21.07 31.65
CA ALA G 232 -14.63 21.90 32.27
C ALA G 232 -15.98 21.27 32.10
N VAL G 233 -16.49 20.66 33.16
CA VAL G 233 -17.73 19.90 33.11
C VAL G 233 -18.88 20.67 33.77
N SER G 234 -19.62 21.42 32.96
CA SER G 234 -20.48 22.47 33.49
C SER G 234 -21.55 22.01 34.51
N ARG G 235 -21.98 20.76 34.41
CA ARG G 235 -23.05 20.29 35.27
C ARG G 235 -22.62 19.52 36.51
N GLU G 236 -21.31 19.27 36.64
CA GLU G 236 -20.75 18.51 37.76
C GLU G 236 -19.61 19.20 38.48
N GLN G 237 -19.11 20.28 37.90
CA GLN G 237 -18.06 21.04 38.52
C GLN G 237 -18.50 22.47 38.83
N THR G 238 -18.15 22.95 40.02
CA THR G 238 -18.16 24.39 40.34
C THR G 238 -16.75 24.84 40.74
N ASN G 239 -16.55 26.15 40.81
CA ASN G 239 -15.52 26.70 41.66
C ASN G 239 -16.14 26.97 43.04
N ALA G 240 -15.35 27.34 44.03
CA ALA G 240 -15.89 27.52 45.37
C ALA G 240 -16.78 28.77 45.47
N ALA G 241 -16.83 29.56 44.40
CA ALA G 241 -17.76 30.71 44.36
C ALA G 241 -19.11 30.22 43.87
N GLY G 242 -19.22 28.94 43.58
CA GLY G 242 -20.49 28.36 43.18
C GLY G 242 -20.85 28.45 41.70
N GLU G 243 -19.88 28.90 40.89
CA GLU G 243 -20.10 29.08 39.45
C GLU G 243 -19.89 27.78 38.69
N ARG G 244 -20.71 27.55 37.68
CA ARG G 244 -20.61 26.29 36.94
C ARG G 244 -19.40 26.28 36.00
N MET G 245 -18.80 25.11 35.82
CA MET G 245 -17.54 25.07 35.11
C MET G 245 -17.68 24.97 33.59
N TYR G 246 -18.04 26.08 32.95
CA TYR G 246 -17.97 26.17 31.48
C TYR G 246 -16.55 26.41 31.07
N ILE G 247 -16.27 26.34 29.78
CA ILE G 247 -14.89 26.37 29.36
C ILE G 247 -14.22 27.63 29.89
N GLN G 248 -14.93 28.74 29.89
CA GLN G 248 -14.33 30.05 30.26
C GLN G 248 -14.04 30.19 31.74
N THR G 249 -14.79 29.44 32.57
CA THR G 249 -14.67 29.45 34.03
C THR G 249 -13.48 28.60 34.51
N ARG G 250 -13.22 27.50 33.81
CA ARG G 250 -11.96 26.79 33.93
C ARG G 250 -10.80 27.66 33.47
N MET G 251 -10.97 28.38 32.36
CA MET G 251 -9.90 29.22 31.86
C MET G 251 -9.53 30.30 32.88
N ALA G 252 -10.54 30.89 33.50
CA ALA G 252 -10.36 31.97 34.48
C ALA G 252 -9.37 31.63 35.59
N GLU G 253 -9.23 30.35 35.89
CA GLU G 253 -8.33 29.93 36.92
C GLU G 253 -6.87 30.06 36.47
N TYR G 254 -6.67 30.16 35.16
CA TYR G 254 -5.34 30.31 34.61
C TYR G 254 -5.04 31.69 33.99
N LYS G 255 -5.74 32.70 34.48
CA LYS G 255 -6.32 33.75 33.66
C LYS G 255 -5.08 34.64 33.36
N GLU G 256 -4.18 34.85 34.33
CA GLU G 256 -2.92 35.60 34.07
C GLU G 256 -1.88 34.76 33.34
N GLU G 257 -1.82 33.46 33.63
CA GLU G 257 -0.88 32.62 32.90
C GLU G 257 -1.19 32.69 31.40
N LEU G 258 -2.46 32.52 31.06
CA LEU G 258 -2.87 32.56 29.67
C LEU G 258 -2.59 33.91 29.05
N TRP G 259 -2.85 34.96 29.81
CA TRP G 259 -2.70 36.33 29.32
C TRP G 259 -1.27 36.71 29.07
N GLU G 260 -0.36 36.26 29.93
CA GLU G 260 1.07 36.33 29.63
C GLU G 260 1.38 35.63 28.30
N LEU G 261 0.93 34.38 28.18
CA LEU G 261 1.28 33.55 27.04
C LEU G 261 0.85 34.23 25.77
N LEU G 262 -0.15 35.07 25.87
CA LEU G 262 -0.75 35.66 24.68
C LEU G 262 0.06 36.85 24.18
N LYS G 263 1.00 37.32 25.00
CA LYS G 263 1.85 38.42 24.60
C LYS G 263 3.03 37.94 23.77
N LYS G 264 3.13 36.64 23.52
CA LYS G 264 4.32 36.09 22.90
C LYS G 264 4.19 35.89 21.39
N ASP G 265 5.32 36.02 20.69
CA ASP G 265 5.43 35.72 19.26
C ASP G 265 4.85 34.34 18.97
N ASN G 266 5.21 33.35 19.79
CA ASN G 266 5.07 31.96 19.43
C ASN G 266 3.83 31.30 20.04
N THR G 267 2.85 32.11 20.44
CA THR G 267 1.59 31.59 20.98
C THR G 267 0.44 31.61 19.95
N TYR G 268 -0.14 30.44 19.70
CA TYR G 268 -1.24 30.31 18.76
C TYR G 268 -2.48 29.75 19.46
N VAL G 269 -3.57 30.48 19.42
CA VAL G 269 -4.81 30.01 20.04
C VAL G 269 -5.71 29.45 18.94
N TYR G 270 -6.27 28.26 19.18
CA TYR G 270 -7.25 27.68 18.28
C TYR G 270 -8.54 27.43 19.06
N MET G 271 -9.67 27.82 18.49
CA MET G 271 -10.95 27.58 19.12
C MET G 271 -11.87 26.84 18.14
N CYS G 272 -12.54 25.80 18.62
CA CYS G 272 -13.38 24.95 17.79
C CYS G 272 -14.60 24.43 18.59
N GLY G 273 -15.73 24.23 17.91
CA GLY G 273 -16.93 23.63 18.52
C GLY G 273 -18.21 24.45 18.27
N LEU G 274 -19.18 24.34 19.18
CA LEU G 274 -20.43 25.18 19.15
C LEU G 274 -20.22 26.68 19.23
N LYS G 275 -20.80 27.41 18.28
CA LYS G 275 -20.77 28.87 18.37
C LYS G 275 -21.55 29.27 19.61
N GLY G 276 -21.10 30.31 20.30
CA GLY G 276 -21.70 30.61 21.60
C GLY G 276 -20.88 30.05 22.75
N MET G 277 -19.91 29.21 22.43
CA MET G 277 -18.78 29.04 23.27
C MET G 277 -17.96 30.31 23.18
N GLU G 278 -18.13 31.07 22.09
CA GLU G 278 -17.21 32.16 21.81
C GLU G 278 -17.37 33.28 22.84
N LYS G 279 -18.62 33.68 23.08
CA LYS G 279 -18.94 34.81 23.92
C LYS G 279 -18.41 34.72 25.37
N GLY G 280 -18.67 33.60 26.03
CA GLY G 280 -18.09 33.32 27.35
C GLY G 280 -16.60 33.55 27.42
N ILE G 281 -15.87 33.16 26.38
CA ILE G 281 -14.43 33.38 26.35
C ILE G 281 -14.05 34.85 26.16
N ASP G 282 -14.76 35.54 25.27
CA ASP G 282 -14.54 36.95 24.99
C ASP G 282 -14.68 37.83 26.21
N ASP G 283 -15.67 37.54 27.03
CA ASP G 283 -15.88 38.26 28.28
C ASP G 283 -14.79 38.07 29.33
N ILE G 284 -14.22 36.88 29.42
CA ILE G 284 -13.00 36.67 30.21
C ILE G 284 -11.86 37.54 29.70
N MET G 285 -11.68 37.56 28.38
CA MET G 285 -10.65 38.34 27.69
C MET G 285 -10.87 39.84 27.86
N VAL G 286 -12.14 40.25 27.77
CA VAL G 286 -12.52 41.65 27.86
C VAL G 286 -12.02 42.29 29.15
N SER G 287 -12.26 41.64 30.29
CA SER G 287 -11.77 42.14 31.59
C SER G 287 -10.28 41.93 31.85
N LEU G 288 -9.69 40.94 31.20
CA LEU G 288 -8.25 40.84 31.19
C LEU G 288 -7.67 42.07 30.46
N ALA G 289 -8.30 42.42 29.34
CA ALA G 289 -7.78 43.50 28.51
C ALA G 289 -7.82 44.84 29.27
N GLU G 290 -9.03 45.24 29.66
CA GLU G 290 -9.25 46.43 30.50
C GLU G 290 -8.33 46.64 31.73
N LYS G 291 -7.94 45.55 32.40
CA LYS G 291 -6.88 45.63 33.39
C LYS G 291 -5.62 46.28 32.81
N ASP G 292 -5.42 46.19 31.49
CA ASP G 292 -4.20 46.66 30.85
C ASP G 292 -4.35 47.97 30.08
N GLY G 293 -5.57 48.52 30.09
CA GLY G 293 -5.91 49.70 29.27
C GLY G 293 -6.29 49.31 27.84
N ILE G 294 -6.06 48.05 27.51
CA ILE G 294 -6.14 47.52 26.16
C ILE G 294 -7.59 47.16 25.85
N ASP G 295 -8.08 47.51 24.66
CA ASP G 295 -9.38 47.01 24.17
C ASP G 295 -9.28 45.63 23.52
N TRP G 296 -9.95 44.64 24.09
CA TRP G 296 -9.77 43.22 23.73
C TRP G 296 -9.91 42.96 22.24
N PHE G 297 -10.95 43.52 21.67
CA PHE G 297 -11.24 43.36 20.25
C PHE G 297 -10.19 43.91 19.30
N ASP G 298 -9.58 45.06 19.61
CA ASP G 298 -8.40 45.49 18.87
C ASP G 298 -7.32 44.42 18.93
N TYR G 299 -7.07 43.89 20.13
CA TYR G 299 -5.92 43.03 20.35
C TYR G 299 -6.24 41.76 19.60
N LYS G 300 -7.52 41.45 19.53
CA LYS G 300 -7.97 40.21 18.95
C LYS G 300 -7.80 40.17 17.44
N LYS G 301 -8.57 40.97 16.73
CA LYS G 301 -8.34 41.18 15.29
C LYS G 301 -6.88 41.37 14.93
N GLN G 302 -6.09 41.95 15.81
CA GLN G 302 -4.64 42.02 15.61
C GLN G 302 -3.92 40.67 15.76
N LEU G 303 -4.45 39.81 16.64
CA LEU G 303 -3.99 38.43 16.82
C LEU G 303 -4.34 37.52 15.64
N LYS G 304 -5.54 37.66 15.13
CA LYS G 304 -5.89 37.04 13.87
C LYS G 304 -4.94 37.38 12.71
N ARG G 305 -4.55 38.65 12.60
CA ARG G 305 -3.64 39.05 11.55
C ARG G 305 -2.30 38.39 11.71
N GLY G 306 -2.03 37.83 12.87
CA GLY G 306 -0.80 37.08 13.08
C GLY G 306 -1.03 35.59 13.24
N ASP G 307 -2.20 35.11 12.78
CA ASP G 307 -2.55 33.67 12.75
C ASP G 307 -2.61 33.10 14.17
N GLN G 308 -2.90 33.95 15.14
CA GLN G 308 -2.77 33.59 16.53
C GLN G 308 -4.09 33.33 17.28
N TRP G 309 -5.21 33.52 16.58
CA TRP G 309 -6.52 33.31 17.16
C TRP G 309 -7.48 32.75 16.13
N ASN G 310 -7.51 31.41 16.04
CA ASN G 310 -8.06 30.73 14.90
C ASN G 310 -9.32 30.02 15.31
N VAL G 311 -10.45 30.48 14.77
CA VAL G 311 -11.79 30.10 15.24
C VAL G 311 -12.64 29.38 14.19
N GLU G 312 -13.16 28.22 14.56
CA GLU G 312 -14.02 27.42 13.68
C GLU G 312 -15.10 26.82 14.54
N VAL G 313 -16.15 27.60 14.73
CA VAL G 313 -17.26 27.16 15.53
C VAL G 313 -18.44 27.07 14.60
N TYR G 314 -19.51 26.41 15.05
CA TYR G 314 -20.62 26.06 14.16
C TYR G 314 -21.88 25.71 14.96
N ALA H 1 2.81 48.27 7.55
CA ALA H 1 2.06 47.70 6.40
C ALA H 1 2.82 47.88 5.09
N THR H 2 3.39 49.07 4.87
CA THR H 2 4.08 49.40 3.61
C THR H 2 5.51 49.89 3.82
N TYR H 3 6.46 49.29 3.11
CA TYR H 3 7.86 49.63 3.26
C TYR H 3 8.45 50.13 1.94
N ASN H 4 9.43 51.02 2.04
CA ASN H 4 10.24 51.42 0.91
C ASN H 4 11.34 50.41 0.64
N VAL H 5 11.27 49.76 -0.52
CA VAL H 5 12.37 48.92 -0.95
C VAL H 5 13.06 49.59 -2.14
N LYS H 6 14.36 49.79 -2.02
CA LYS H 6 15.12 50.39 -3.08
C LYS H 6 15.75 49.26 -3.86
N LEU H 7 15.52 49.27 -5.16
CA LEU H 7 15.99 48.19 -6.02
C LEU H 7 17.14 48.66 -6.86
N ILE H 8 18.34 48.21 -6.54
CA ILE H 8 19.54 48.53 -7.34
C ILE H 8 19.78 47.48 -8.41
N THR H 9 19.36 47.79 -9.63
CA THR H 9 19.54 46.90 -10.77
C THR H 9 20.77 47.32 -11.58
N PRO H 10 21.21 46.45 -12.51
CA PRO H 10 22.30 46.83 -13.40
C PRO H 10 21.99 48.06 -14.28
N GLU H 11 20.75 48.54 -14.23
CA GLU H 11 20.36 49.73 -14.96
C GLU H 11 20.10 50.93 -14.05
N GLY H 12 20.53 50.83 -12.80
CA GLY H 12 20.42 51.98 -11.90
C GLY H 12 19.74 51.62 -10.59
N GLU H 13 18.71 52.38 -10.24
CA GLU H 13 18.24 52.39 -8.87
C GLU H 13 16.80 52.88 -8.79
N VAL H 14 15.87 51.99 -8.45
CA VAL H 14 14.46 52.34 -8.36
C VAL H 14 13.90 52.26 -6.93
N GLU H 15 12.89 53.06 -6.62
CA GLU H 15 12.25 52.97 -5.32
C GLU H 15 10.80 52.50 -5.43
N LEU H 16 10.45 51.50 -4.64
CA LEU H 16 9.09 50.97 -4.56
C LEU H 16 8.54 51.05 -3.14
N GLN H 17 7.24 51.26 -3.03
CA GLN H 17 6.54 51.06 -1.76
C GLN H 17 5.85 49.71 -1.78
N VAL H 18 6.39 48.76 -1.02
CA VAL H 18 5.91 47.37 -1.02
C VAL H 18 5.11 47.04 0.25
N PRO H 19 3.84 46.63 0.09
CA PRO H 19 3.06 46.24 1.25
C PRO H 19 3.66 45.02 1.94
N ASP H 20 3.46 44.88 3.24
CA ASP H 20 4.20 43.91 4.04
C ASP H 20 3.78 42.46 3.77
N ASP H 21 2.86 42.30 2.84
CA ASP H 21 2.29 41.00 2.52
C ASP H 21 2.23 40.83 1.01
N VAL H 22 2.95 41.67 0.29
CA VAL H 22 3.10 41.47 -1.15
C VAL H 22 4.54 41.12 -1.44
N TYR H 23 4.76 40.04 -2.19
CA TYR H 23 6.11 39.60 -2.55
C TYR H 23 6.79 40.72 -3.33
N ILE H 24 8.04 41.03 -2.98
CA ILE H 24 8.81 42.02 -3.71
C ILE H 24 8.73 41.95 -5.25
N LEU H 25 9.05 40.80 -5.85
CA LEU H 25 8.90 40.63 -7.30
C LEU H 25 7.55 41.10 -7.79
N ASP H 26 6.49 40.75 -7.05
CA ASP H 26 5.10 41.05 -7.45
C ASP H 26 4.77 42.55 -7.46
N GLN H 27 5.27 43.26 -6.45
CA GLN H 27 5.19 44.70 -6.47
C GLN H 27 5.99 45.25 -7.64
N ALA H 28 7.23 44.78 -7.77
CA ALA H 28 8.10 45.16 -8.87
C ALA H 28 7.33 45.04 -10.18
N GLU H 29 6.75 43.86 -10.41
CA GLU H 29 5.92 43.64 -11.60
C GLU H 29 4.83 44.72 -11.74
N GLU H 30 4.06 44.95 -10.66
CA GLU H 30 2.94 45.91 -10.65
C GLU H 30 3.34 47.32 -11.04
N ASP H 31 4.56 47.71 -10.67
CA ASP H 31 5.05 49.06 -10.93
C ASP H 31 5.88 49.11 -12.23
N GLY H 32 5.85 48.04 -13.01
CA GLY H 32 6.53 48.01 -14.30
C GLY H 32 8.00 47.64 -14.31
N ILE H 33 8.56 47.25 -13.18
CA ILE H 33 9.96 46.87 -13.18
C ILE H 33 10.14 45.38 -13.51
N ASP H 34 10.96 45.10 -14.53
CA ASP H 34 11.27 43.72 -14.97
C ASP H 34 12.45 43.06 -14.24
N LEU H 35 12.11 42.21 -13.28
CA LEU H 35 13.08 41.47 -12.53
C LEU H 35 13.05 40.05 -13.05
N PRO H 36 14.22 39.39 -13.11
CA PRO H 36 14.22 38.02 -13.62
C PRO H 36 13.49 37.02 -12.66
N TYR H 37 12.88 36.00 -13.25
CA TYR H 37 12.15 35.03 -12.49
C TYR H 37 11.86 33.80 -13.32
N SER H 38 11.67 32.66 -12.70
CA SER H 38 11.54 31.44 -13.46
C SER H 38 10.50 30.56 -12.79
N CYS H 39 10.87 29.90 -11.68
CA CYS H 39 9.92 29.01 -10.98
C CYS H 39 8.86 29.85 -10.36
N ARG H 40 9.26 31.02 -9.86
CA ARG H 40 8.43 31.86 -8.97
C ARG H 40 7.91 31.17 -7.71
N ALA H 41 8.72 30.31 -7.09
CA ALA H 41 8.21 29.37 -6.10
C ALA H 41 9.26 29.13 -4.99
N GLY H 42 10.33 29.93 -4.99
CA GLY H 42 11.30 29.88 -3.93
C GLY H 42 12.15 28.62 -3.91
N SER H 43 12.42 28.02 -5.08
CA SER H 43 13.34 26.89 -5.10
C SER H 43 14.27 26.82 -6.28
N CYS H 44 14.56 27.97 -6.85
CA CYS H 44 15.67 28.07 -7.80
C CYS H 44 16.42 29.38 -7.55
N SER H 45 17.48 29.64 -8.33
CA SER H 45 18.31 30.84 -8.13
C SER H 45 17.79 32.07 -8.90
N SER H 46 16.82 31.85 -9.79
CA SER H 46 16.65 32.75 -10.92
C SER H 46 16.43 34.20 -10.53
N CYS H 47 15.68 34.43 -9.47
CA CYS H 47 15.35 35.78 -9.00
C CYS H 47 16.29 36.24 -7.87
N ALA H 48 17.37 35.49 -7.58
CA ALA H 48 18.32 35.81 -6.52
C ALA H 48 18.74 37.28 -6.48
N GLY H 49 18.59 37.89 -5.32
CA GLY H 49 19.03 39.27 -5.10
C GLY H 49 19.99 39.27 -3.91
N LYS H 50 20.39 40.45 -3.44
CA LYS H 50 21.10 40.51 -2.19
C LYS H 50 20.65 41.67 -1.36
N VAL H 51 20.26 41.40 -0.12
CA VAL H 51 19.88 42.46 0.85
C VAL H 51 21.10 43.25 1.33
N VAL H 52 21.10 44.55 1.06
CA VAL H 52 22.22 45.39 1.43
C VAL H 52 21.97 46.06 2.76
N SER H 53 20.72 46.40 3.05
CA SER H 53 20.32 46.64 4.44
C SER H 53 18.84 46.39 4.57
N GLY H 54 18.36 46.37 5.81
CA GLY H 54 16.95 46.05 6.06
C GLY H 54 16.76 44.55 6.20
N SER H 55 15.52 44.10 6.23
CA SER H 55 15.26 42.69 6.44
C SER H 55 14.03 42.17 5.67
N VAL H 56 14.09 40.89 5.30
CA VAL H 56 13.00 40.22 4.59
C VAL H 56 12.50 39.03 5.37
N ASP H 57 11.22 38.73 5.21
CA ASP H 57 10.66 37.44 5.61
C ASP H 57 10.55 36.59 4.34
N GLN H 58 11.30 35.49 4.30
CA GLN H 58 11.38 34.66 3.12
C GLN H 58 10.50 33.41 3.18
N CYS H 59 9.58 33.38 4.15
CA CYS H 59 8.52 32.37 4.19
C CYS H 59 8.90 30.93 3.76
N ASP H 60 9.82 30.33 4.51
CA ASP H 60 10.28 28.96 4.28
C ASP H 60 10.48 28.69 2.79
N GLN H 61 11.38 29.44 2.18
CA GLN H 61 11.81 29.10 0.82
C GLN H 61 12.66 27.83 0.86
N SER H 62 12.84 27.21 -0.31
CA SER H 62 13.45 25.89 -0.42
C SER H 62 14.91 25.91 -0.92
N TYR H 63 15.35 27.01 -1.54
CA TYR H 63 16.61 26.97 -2.29
C TYR H 63 17.83 27.39 -1.47
N LEU H 64 17.72 28.48 -0.72
CA LEU H 64 18.86 29.06 -0.02
C LEU H 64 19.11 28.37 1.32
N ASP H 65 20.35 28.00 1.60
CA ASP H 65 20.69 27.38 2.90
C ASP H 65 20.91 28.47 3.91
N ASP H 66 21.09 28.08 5.17
CA ASP H 66 21.28 29.05 6.25
C ASP H 66 22.50 29.95 6.01
N GLY H 67 23.61 29.32 5.65
CA GLY H 67 24.83 30.04 5.29
C GLY H 67 24.54 31.20 4.36
N GLN H 68 23.91 30.90 3.24
CA GLN H 68 23.62 31.91 2.23
C GLN H 68 22.64 32.94 2.73
N ILE H 69 21.65 32.52 3.53
CA ILE H 69 20.68 33.48 4.03
C ILE H 69 21.44 34.45 4.92
N ALA H 70 22.34 33.89 5.74
CA ALA H 70 23.17 34.71 6.60
C ALA H 70 24.02 35.73 5.82
N ASP H 71 24.39 35.39 4.59
CA ASP H 71 25.20 36.28 3.75
C ASP H 71 24.37 37.38 3.12
N GLY H 72 23.05 37.28 3.25
CA GLY H 72 22.17 38.31 2.71
C GLY H 72 21.52 38.03 1.36
N TRP H 73 21.59 36.76 0.93
CA TRP H 73 20.90 36.33 -0.29
C TRP H 73 19.41 36.34 -0.14
N VAL H 74 18.70 36.89 -1.12
CA VAL H 74 17.23 36.89 -1.11
C VAL H 74 16.71 36.29 -2.36
N LEU H 75 15.63 35.55 -2.26
CA LEU H 75 14.89 35.17 -3.45
C LEU H 75 13.70 36.12 -3.64
N THR H 76 13.83 37.03 -4.61
CA THR H 76 12.96 38.21 -4.67
C THR H 76 11.54 37.88 -5.04
N CYS H 77 11.28 36.68 -5.56
CA CYS H 77 9.90 36.17 -5.79
C CYS H 77 9.17 35.66 -4.53
N HIS H 78 9.95 35.37 -3.49
CA HIS H 78 9.45 34.71 -2.30
C HIS H 78 9.81 35.52 -1.06
N ALA H 79 10.13 36.80 -1.23
CA ALA H 79 10.47 37.59 -0.07
C ALA H 79 9.49 38.72 0.19
N TYR H 80 8.96 38.75 1.43
CA TYR H 80 8.23 39.91 1.97
C TYR H 80 9.18 40.87 2.70
N PRO H 81 8.98 42.19 2.53
CA PRO H 81 9.68 43.20 3.33
C PRO H 81 9.22 43.18 4.78
N THR H 82 10.15 43.19 5.73
CA THR H 82 9.81 43.42 7.15
C THR H 82 10.33 44.79 7.65
N SER H 83 10.79 45.61 6.71
CA SER H 83 11.40 46.89 7.03
C SER H 83 11.70 47.60 5.70
N ASP H 84 12.25 48.81 5.75
CA ASP H 84 12.75 49.44 4.52
C ASP H 84 14.03 48.73 4.13
N VAL H 85 14.12 48.35 2.86
CA VAL H 85 15.13 47.39 2.43
C VAL H 85 15.81 47.90 1.17
N VAL H 86 17.10 47.61 1.03
CA VAL H 86 17.82 47.86 -0.20
C VAL H 86 18.36 46.54 -0.72
N ILE H 87 17.95 46.19 -1.93
CA ILE H 87 18.31 44.90 -2.50
C ILE H 87 19.04 45.09 -3.82
N GLU H 88 20.15 44.36 -3.99
CA GLU H 88 20.81 44.23 -5.30
C GLU H 88 20.25 43.03 -6.09
N THR H 89 19.73 43.32 -7.27
CA THR H 89 19.02 42.33 -8.07
C THR H 89 19.90 41.68 -9.12
N HIS H 90 19.35 40.70 -9.84
CA HIS H 90 20.03 40.13 -11.01
C HIS H 90 21.33 39.48 -10.59
N LYS H 91 21.27 38.54 -9.66
CA LYS H 91 22.50 38.09 -8.99
C LYS H 91 22.80 36.58 -8.98
N GLU H 92 22.69 35.90 -10.12
CA GLU H 92 23.23 34.54 -10.19
C GLU H 92 24.77 34.49 -10.29
PA FAD I . 11.32 -22.24 -26.62
O1A FAD I . 10.51 -21.46 -27.61
O2A FAD I . 10.64 -23.09 -25.56
O5B FAD I . 12.34 -23.18 -27.44
C5B FAD I . 13.22 -24.03 -26.73
C4B FAD I . 13.41 -25.30 -27.55
O4B FAD I . 14.31 -25.08 -28.64
C3B FAD I . 14.03 -26.38 -26.68
O3B FAD I . 13.00 -27.26 -26.21
C2B FAD I . 14.95 -27.11 -27.63
O2B FAD I . 14.23 -28.12 -28.33
C1B FAD I . 15.38 -26.02 -28.59
N9A FAD I . 16.51 -25.32 -27.95
C8A FAD I . 16.44 -24.78 -26.71
N7A FAD I . 17.60 -24.19 -26.36
C5A FAD I . 18.45 -24.36 -27.40
C6A FAD I . 19.87 -23.98 -27.65
N6A FAD I . 20.59 -23.28 -26.73
N1A FAD I . 20.38 -24.36 -28.86
C2A FAD I . 19.66 -25.05 -29.77
N3A FAD I . 18.38 -25.44 -29.60
C4A FAD I . 17.74 -25.11 -28.44
N1 FAD I . 15.61 -19.11 -18.15
C2 FAD I . 16.17 -17.90 -17.94
O2 FAD I . 16.59 -17.20 -18.90
N3 FAD I . 16.31 -17.42 -16.69
C4 FAD I . 15.95 -18.11 -15.63
O4 FAD I . 16.11 -17.57 -14.53
C4X FAD I . 15.34 -19.43 -15.78
N5 FAD I . 14.90 -20.16 -14.74
C5X FAD I . 14.33 -21.37 -14.92
C6 FAD I . 13.90 -22.13 -13.84
C7 FAD I . 13.34 -23.39 -14.05
C7M FAD I . 12.84 -24.25 -12.94
C8 FAD I . 13.21 -23.91 -15.42
C8M FAD I . 12.57 -25.25 -15.67
C9 FAD I . 13.62 -23.14 -16.50
C9A FAD I . 14.17 -21.90 -16.29
N10 FAD I . 14.62 -21.14 -17.39
C10 FAD I . 15.21 -19.91 -17.14
C1' FAD I . 14.48 -21.62 -18.77
C2' FAD I . 13.16 -21.10 -19.34
O2' FAD I . 12.09 -21.66 -18.55
C3' FAD I . 12.93 -21.34 -20.85
O3' FAD I . 13.04 -22.73 -21.09
C4' FAD I . 13.94 -20.63 -21.77
O4' FAD I . 13.82 -19.20 -21.56
C5' FAD I . 13.67 -20.96 -23.23
O5' FAD I . 12.30 -20.65 -23.41
P FAD I . 11.73 -20.07 -24.78
O1P FAD I . 10.21 -20.18 -24.75
O2P FAD I . 12.34 -18.72 -25.08
O3P FAD I . 12.26 -21.15 -25.89
FE1 FES J . -0.77 -31.14 18.20
FE2 FES J . -2.64 -28.76 18.57
S1 FES J . -0.43 -29.00 18.63
S2 FES J . -2.96 -30.90 18.13
PA FAD K . -8.29 -20.05 29.76
O1A FAD K . -7.87 -18.79 30.48
O2A FAD K . -7.31 -20.76 28.85
O5B FAD K . -8.88 -21.04 30.84
C5B FAD K . -9.18 -22.36 30.44
C4B FAD K . -8.85 -23.31 31.58
O4B FAD K . -9.90 -23.27 32.53
C3B FAD K . -8.78 -24.73 31.04
O3B FAD K . -7.43 -25.12 30.89
C2B FAD K . -9.47 -25.57 32.09
O2B FAD K . -8.52 -26.01 33.06
C1B FAD K . -10.44 -24.59 32.71
N9A FAD K . -11.69 -24.63 31.89
C8A FAD K . -11.79 -24.48 30.56
N7A FAD K . -13.07 -24.57 30.13
C5A FAD K . -13.82 -24.76 31.23
C6A FAD K . -15.27 -24.94 31.49
N6A FAD K . -16.17 -24.90 30.49
N1A FAD K . -15.64 -25.14 32.80
C2A FAD K . -14.74 -25.21 33.81
N3A FAD K . -13.42 -25.04 33.63
C4A FAD K . -12.91 -24.81 32.38
N1 FAD K . -13.04 -21.19 21.04
C2 FAD K . -14.07 -20.47 20.59
O2 FAD K . -14.75 -19.84 21.46
N3 FAD K . -14.36 -20.37 19.28
C4 FAD K . -13.66 -21.04 18.35
O4 FAD K . -13.91 -20.91 17.14
C4X FAD K . -12.55 -21.89 18.78
N5 FAD K . -11.82 -22.63 17.91
C5X FAD K . -10.80 -23.43 18.34
C6 FAD K . -10.03 -24.16 17.43
C7 FAD K . -8.97 -24.96 17.90
C7M FAD K . -8.08 -25.77 16.99
C8 FAD K . -8.69 -25.02 19.36
C8M FAD K . -7.56 -25.87 19.89
C9 FAD K . -9.44 -24.26 20.25
C9A FAD K . -10.48 -23.48 19.80
N10 FAD K . -11.24 -22.75 20.72
C10 FAD K . -12.28 -21.93 20.22
C1' FAD K . -10.97 -22.81 22.17
C2' FAD K . -10.16 -21.57 22.49
O2' FAD K . -8.93 -21.68 21.75
C3' FAD K . -9.88 -21.31 23.96
O3' FAD K . -9.36 -22.49 24.50
C4' FAD K . -11.13 -20.89 24.75
O4' FAD K . -11.61 -19.65 24.20
C5' FAD K . -10.80 -20.72 26.22
O5' FAD K . -9.66 -19.85 26.27
P FAD K . -9.41 -18.82 27.47
O1P FAD K . -7.99 -18.34 27.42
O2P FAD K . -10.54 -17.82 27.48
O3P FAD K . -9.57 -19.71 28.82
FE1 FES L . 8.55 -32.27 -13.12
FE2 FES L . 9.24 -29.47 -13.65
S1 FES L . 7.29 -30.57 -13.86
S2 FES L . 10.39 -31.20 -12.88
PA FAD M . 25.23 23.05 -13.60
O1A FAD M . 26.10 22.07 -12.87
O2A FAD M . 24.18 23.79 -12.79
O5B FAD M . 26.10 24.06 -14.46
C5B FAD M . 25.45 25.25 -14.93
C4B FAD M . 26.40 26.43 -14.82
O4B FAD M . 27.36 26.38 -15.87
C3B FAD M . 25.63 27.72 -14.98
O3B FAD M . 25.49 28.35 -13.72
C2B FAD M . 26.49 28.57 -15.89
O2B FAD M . 27.42 29.30 -15.11
C1B FAD M . 27.24 27.53 -16.71
N9A FAD M . 26.39 27.19 -17.90
C8A FAD M . 25.08 26.84 -17.88
N7A FAD M . 24.59 26.62 -19.13
C5A FAD M . 25.61 26.83 -19.97
C6A FAD M . 25.80 26.78 -21.46
N6A FAD M . 24.78 26.43 -22.28
N1A FAD M . 27.04 27.10 -21.95
C2A FAD M . 28.06 27.46 -21.14
N3A FAD M . 27.96 27.50 -19.80
C4A FAD M . 26.79 27.21 -19.17
N1 FAD M . 16.32 21.79 -17.92
C2 FAD M . 15.95 20.79 -18.74
O2 FAD M . 16.87 20.18 -19.36
N3 FAD M . 14.66 20.42 -18.87
C4 FAD M . 13.66 21.05 -18.26
O4 FAD M . 12.45 20.70 -18.36
C4X FAD M . 14.01 22.14 -17.35
N5 FAD M . 13.04 22.84 -16.69
C5X FAD M . 13.35 23.88 -15.87
C6 FAD M . 12.33 24.54 -15.15
C7 FAD M . 12.65 25.61 -14.30
C7M FAD M . 11.58 26.38 -13.55
C8 FAD M . 14.08 26.00 -14.15
C8M FAD M . 14.47 27.14 -13.25
C9 FAD M . 15.08 25.30 -14.82
C9A FAD M . 14.77 24.25 -15.67
N10 FAD M . 15.79 23.56 -16.38
C10 FAD M . 15.42 22.48 -17.22
C1' FAD M . 17.20 23.91 -16.25
C2' FAD M . 17.75 22.94 -15.21
O2' FAD M . 17.00 23.09 -13.98
C3' FAD M . 19.26 23.05 -15.00
O3' FAD M . 19.58 24.40 -14.72
C4' FAD M . 20.08 22.56 -16.20
O4' FAD M . 19.72 21.19 -16.47
C5' FAD M . 21.59 22.63 -15.90
O5' FAD M . 21.85 21.99 -14.64
P FAD M . 23.23 21.23 -14.34
O1P FAD M . 23.32 20.95 -12.88
O2P FAD M . 23.36 20.07 -15.28
O3P FAD M . 24.44 22.24 -14.74
FE1 FES N . -18.29 30.77 4.19
FE2 FES N . -18.27 28.07 5.33
S1 FES N . -18.69 28.80 3.26
S2 FES N . -17.51 30.03 6.07
PA FAD O . -29.49 19.36 9.72
O1A FAD O . -30.32 18.28 9.04
O2A FAD O . -28.55 20.23 8.92
O5B FAD O . -30.45 20.33 10.58
C5B FAD O . -29.92 21.43 11.29
C4B FAD O . -30.95 22.54 11.33
O4B FAD O . -31.93 22.33 12.35
C3B FAD O . -30.26 23.84 11.68
O3B FAD O . -30.09 24.58 10.49
C2B FAD O . -31.23 24.56 12.58
O2B FAD O . -32.11 25.33 11.75
C1B FAD O . -31.99 23.44 13.26
N9A FAD O . -31.17 23.06 14.45
C8A FAD O . -29.85 22.73 14.38
N7A FAD O . -29.34 22.45 15.60
C5A FAD O . -30.34 22.59 16.50
C6A FAD O . -30.45 22.43 17.97
N6A FAD O . -29.36 22.05 18.70
N1A FAD O . -31.68 22.68 18.53
C2A FAD O . -32.75 23.06 17.77
N3A FAD O . -32.71 23.23 16.42
C4A FAD O . -31.56 23.00 15.74
N1 FAD O . -20.51 18.39 13.75
C2 FAD O . -20.06 17.35 14.50
O2 FAD O . -20.85 16.60 15.12
N3 FAD O . -18.76 17.11 14.59
C4 FAD O . -17.83 17.88 14.04
O4 FAD O . -16.65 17.59 14.23
C4X FAD O . -18.23 19.04 13.23
N5 FAD O . -17.35 19.87 12.62
C5X FAD O . -17.78 20.89 11.85
C6 FAD O . -16.87 21.71 11.20
C7 FAD O . -17.33 22.78 10.44
C7M FAD O . -16.37 23.71 9.74
C8 FAD O . -18.78 23.05 10.31
C8M FAD O . -19.26 24.21 9.47
C9 FAD O . -19.70 22.22 10.94
C9A FAD O . -19.25 21.14 11.69
N10 FAD O . -20.16 20.29 12.34
C10 FAD O . -19.66 19.24 13.11
C1' FAD O . -21.61 20.48 12.26
C2' FAD O . -22.18 19.63 11.12
O2' FAD O . -21.57 20.11 9.90
C3' FAD O . -23.71 19.69 10.99
O3' FAD O . -24.09 21.06 10.99
C4' FAD O . -24.42 19.01 12.17
O4' FAD O . -23.92 17.68 12.32
C5' FAD O . -25.92 18.96 11.98
O5' FAD O . -26.16 18.42 10.69
P FAD O . -27.46 17.54 10.35
O1P FAD O . -27.47 17.37 8.85
O2P FAD O . -27.55 16.34 11.24
O3P FAD O . -28.62 18.56 10.81
FE1 FES P . 12.39 33.03 -7.40
FE2 FES P . 12.87 30.39 -8.81
S1 FES P . 13.02 31.02 -6.71
S2 FES P . 11.95 32.31 -9.42
#